data_6INR
# 
_entry.id   6INR 
# 
_audit_conform.dict_name       mmcif_pdbx.dic 
_audit_conform.dict_version    5.387 
_audit_conform.dict_location   http://mmcif.pdb.org/dictionaries/ascii/mmcif_pdbx.dic 
# 
loop_
_database_2.database_id 
_database_2.database_code 
_database_2.pdbx_database_accession 
_database_2.pdbx_DOI 
PDB   6INR         pdb_00006inr 10.2210/pdb6inr/pdb 
WWPDB D_1300009598 ?            ?                   
# 
loop_
_pdbx_audit_revision_history.ordinal 
_pdbx_audit_revision_history.data_content_type 
_pdbx_audit_revision_history.major_revision 
_pdbx_audit_revision_history.minor_revision 
_pdbx_audit_revision_history.revision_date 
1 'Structure model' 1 0 2019-07-31 
2 'Structure model' 1 1 2019-09-25 
3 'Structure model' 1 2 2019-11-27 
4 'Structure model' 1 3 2024-03-27 
# 
_pdbx_audit_revision_details.ordinal             1 
_pdbx_audit_revision_details.revision_ordinal    1 
_pdbx_audit_revision_details.data_content_type   'Structure model' 
_pdbx_audit_revision_details.provider            repository 
_pdbx_audit_revision_details.type                'Initial release' 
_pdbx_audit_revision_details.description         ? 
_pdbx_audit_revision_details.details             ? 
# 
loop_
_pdbx_audit_revision_group.ordinal 
_pdbx_audit_revision_group.revision_ordinal 
_pdbx_audit_revision_group.data_content_type 
_pdbx_audit_revision_group.group 
1 2 'Structure model' 'Data collection'        
2 2 'Structure model' 'Database references'    
3 3 'Structure model' 'Database references'    
4 4 'Structure model' 'Data collection'        
5 4 'Structure model' 'Database references'    
6 4 'Structure model' 'Derived calculations'   
7 4 'Structure model' 'Refinement description' 
# 
loop_
_pdbx_audit_revision_category.ordinal 
_pdbx_audit_revision_category.revision_ordinal 
_pdbx_audit_revision_category.data_content_type 
_pdbx_audit_revision_category.category 
1 2 'Structure model' citation           
2 2 'Structure model' citation_author    
3 3 'Structure model' citation           
4 3 'Structure model' citation_author    
5 4 'Structure model' chem_comp_atom     
6 4 'Structure model' chem_comp_bond     
7 4 'Structure model' database_2         
8 4 'Structure model' struct_conn        
9 4 'Structure model' struct_ncs_dom_lim 
# 
loop_
_pdbx_audit_revision_item.ordinal 
_pdbx_audit_revision_item.revision_ordinal 
_pdbx_audit_revision_item.data_content_type 
_pdbx_audit_revision_item.item 
1  2 'Structure model' '_citation.title'                       
2  2 'Structure model' '_citation_author.identifier_ORCID'     
3  3 'Structure model' '_citation.journal_volume'              
4  3 'Structure model' '_citation.page_first'                  
5  3 'Structure model' '_citation.page_last'                   
6  3 'Structure model' '_citation_author.identifier_ORCID'     
7  4 'Structure model' '_database_2.pdbx_DOI'                  
8  4 'Structure model' '_database_2.pdbx_database_accession'   
9  4 'Structure model' '_struct_conn.ptnr1_auth_asym_id'       
10 4 'Structure model' '_struct_conn.ptnr1_auth_comp_id'       
11 4 'Structure model' '_struct_conn.ptnr1_auth_seq_id'        
12 4 'Structure model' '_struct_conn.ptnr1_label_asym_id'      
13 4 'Structure model' '_struct_conn.ptnr1_label_atom_id'      
14 4 'Structure model' '_struct_conn.ptnr1_label_comp_id'      
15 4 'Structure model' '_struct_conn.ptnr1_label_seq_id'       
16 4 'Structure model' '_struct_conn.ptnr1_symmetry'           
17 4 'Structure model' '_struct_conn.ptnr2_auth_asym_id'       
18 4 'Structure model' '_struct_conn.ptnr2_auth_comp_id'       
19 4 'Structure model' '_struct_conn.ptnr2_auth_seq_id'        
20 4 'Structure model' '_struct_conn.ptnr2_label_asym_id'      
21 4 'Structure model' '_struct_conn.ptnr2_label_atom_id'      
22 4 'Structure model' '_struct_conn.ptnr2_label_comp_id'      
23 4 'Structure model' '_struct_conn.ptnr2_label_seq_id'       
24 4 'Structure model' '_struct_conn.ptnr2_symmetry'           
25 4 'Structure model' '_struct_ncs_dom_lim.beg_auth_comp_id'  
26 4 'Structure model' '_struct_ncs_dom_lim.beg_label_asym_id' 
27 4 'Structure model' '_struct_ncs_dom_lim.beg_label_comp_id' 
28 4 'Structure model' '_struct_ncs_dom_lim.beg_label_seq_id'  
29 4 'Structure model' '_struct_ncs_dom_lim.end_auth_comp_id'  
30 4 'Structure model' '_struct_ncs_dom_lim.end_label_asym_id' 
31 4 'Structure model' '_struct_ncs_dom_lim.end_label_comp_id' 
32 4 'Structure model' '_struct_ncs_dom_lim.end_label_seq_id'  
# 
_pdbx_database_status.status_code                     REL 
_pdbx_database_status.status_code_sf                  REL 
_pdbx_database_status.status_code_mr                  ? 
_pdbx_database_status.entry_id                        6INR 
_pdbx_database_status.recvd_initial_deposition_date   2018-10-26 
_pdbx_database_status.SG_entry                        N 
_pdbx_database_status.deposit_site                    PDBJ 
_pdbx_database_status.process_site                    PDBJ 
_pdbx_database_status.status_code_cs                  ? 
_pdbx_database_status.methods_development_category    ? 
_pdbx_database_status.pdb_format_compatible           Y 
_pdbx_database_status.status_code_nmr_data            ? 
# 
loop_
_audit_author.name 
_audit_author.pdbx_ordinal 
_audit_author.identifier_ORCID 
'Liao, Y.T.' 1 ?                   
'Lin, S.S.'  2 ?                   
'Ko, T.P.'   3 ?                   
'Wang, H.C.' 4 0000-0003-2396-717X 
# 
_citation.abstract                  ? 
_citation.abstract_id_CAS           ? 
_citation.book_id_ISBN              ? 
_citation.book_publisher            ? 
_citation.book_publisher_city       ? 
_citation.book_title                ? 
_citation.coordinate_linkage        ? 
_citation.country                   UK 
_citation.database_id_Medline       ? 
_citation.details                   ? 
_citation.id                        primary 
_citation.journal_abbrev            'Plant J.' 
_citation.journal_id_ASTM           PLJUED 
_citation.journal_id_CSD            2117 
_citation.journal_id_ISSN           1365-313X 
_citation.journal_full              ? 
_citation.journal_issue             ? 
_citation.journal_volume            100 
_citation.language                  ? 
_citation.page_first                706 
_citation.page_last                 719 
_citation.title                     
'Structural insights into the interaction between phytoplasmal effector causing phyllody 1 and MADS transcription factors.' 
_citation.year                      2019 
_citation.database_id_CSD           ? 
_citation.pdbx_database_id_DOI      10.1111/tpj.14463 
_citation.pdbx_database_id_PubMed   31323156 
_citation.unpublished_flag          ? 
# 
loop_
_citation_author.citation_id 
_citation_author.name 
_citation_author.ordinal 
_citation_author.identifier_ORCID 
primary 'Liao, Y.T.'  1  ? 
primary 'Lin, S.S.'   2  ? 
primary 'Lin, S.J.'   3  ? 
primary 'Sun, W.T.'   4  ? 
primary 'Shen, B.N.'  5  ? 
primary 'Cheng, H.P.' 6  ? 
primary 'Lin, C.P.'   7  ? 
primary 'Ko, T.P.'    8  ? 
primary 'Chen, Y.F.'  9  ? 
primary 'Wang, H.C.'  10 ? 
# 
loop_
_entity.id 
_entity.type 
_entity.src_method 
_entity.pdbx_description 
_entity.formula_weight 
_entity.pdbx_number_of_molecules 
_entity.pdbx_ec 
_entity.pdbx_mutation 
_entity.pdbx_fragment 
_entity.details 
1 polymer     man 'Putative effector, AYWB SAP54-like protein' 10856.162 2   ? ? ? ? 
2 non-polymer syn 'CADMIUM ION'                                112.411   3   ? ? ? ? 
3 water       nat water                                        18.015    171 ? ? ? ? 
# 
_entity_poly.entity_id                      1 
_entity_poly.type                           'polypeptide(L)' 
_entity_poly.nstd_linkage                   no 
_entity_poly.nstd_monomer                   no 
_entity_poly.pdbx_seq_one_letter_code       
;GSHMDPKLPETSSRQPVYHNLTIEENIINLKQKIYDNATKITNIDKGLQGSITDDQKENLLKLKENYKQLIDNQKEQLKT
YKNLLNDLNDEKN
;
_entity_poly.pdbx_seq_one_letter_code_can   
;GSHMDPKLPETSSRQPVYHNLTIEENIINLKQKIYDNATKITNIDKGLQGSITDDQKENLLKLKENYKQLIDNQKEQLKT
YKNLLNDLNDEKN
;
_entity_poly.pdbx_strand_id                 A,B 
_entity_poly.pdbx_target_identifier         ? 
# 
loop_
_pdbx_entity_nonpoly.entity_id 
_pdbx_entity_nonpoly.name 
_pdbx_entity_nonpoly.comp_id 
2 'CADMIUM ION' CD  
3 water         HOH 
# 
loop_
_entity_poly_seq.entity_id 
_entity_poly_seq.num 
_entity_poly_seq.mon_id 
_entity_poly_seq.hetero 
1 1  GLY n 
1 2  SER n 
1 3  HIS n 
1 4  MET n 
1 5  ASP n 
1 6  PRO n 
1 7  LYS n 
1 8  LEU n 
1 9  PRO n 
1 10 GLU n 
1 11 THR n 
1 12 SER n 
1 13 SER n 
1 14 ARG n 
1 15 GLN n 
1 16 PRO n 
1 17 VAL n 
1 18 TYR n 
1 19 HIS n 
1 20 ASN n 
1 21 LEU n 
1 22 THR n 
1 23 ILE n 
1 24 GLU n 
1 25 GLU n 
1 26 ASN n 
1 27 ILE n 
1 28 ILE n 
1 29 ASN n 
1 30 LEU n 
1 31 LYS n 
1 32 GLN n 
1 33 LYS n 
1 34 ILE n 
1 35 TYR n 
1 36 ASP n 
1 37 ASN n 
1 38 ALA n 
1 39 THR n 
1 40 LYS n 
1 41 ILE n 
1 42 THR n 
1 43 ASN n 
1 44 ILE n 
1 45 ASP n 
1 46 LYS n 
1 47 GLY n 
1 48 LEU n 
1 49 GLN n 
1 50 GLY n 
1 51 SER n 
1 52 ILE n 
1 53 THR n 
1 54 ASP n 
1 55 ASP n 
1 56 GLN n 
1 57 LYS n 
1 58 GLU n 
1 59 ASN n 
1 60 LEU n 
1 61 LEU n 
1 62 LYS n 
1 63 LEU n 
1 64 LYS n 
1 65 GLU n 
1 66 ASN n 
1 67 TYR n 
1 68 LYS n 
1 69 GLN n 
1 70 LEU n 
1 71 ILE n 
1 72 ASP n 
1 73 ASN n 
1 74 GLN n 
1 75 LYS n 
1 76 GLU n 
1 77 GLN n 
1 78 LEU n 
1 79 LYS n 
1 80 THR n 
1 81 TYR n 
1 82 LYS n 
1 83 ASN n 
1 84 LEU n 
1 85 LEU n 
1 86 ASN n 
1 87 ASP n 
1 88 LEU n 
1 89 ASN n 
1 90 ASP n 
1 91 GLU n 
1 92 LYS n 
1 93 ASN n 
# 
_entity_src_gen.entity_id                          1 
_entity_src_gen.pdbx_src_id                        1 
_entity_src_gen.pdbx_alt_source_flag               sample 
_entity_src_gen.pdbx_seq_type                      'Biological sequence' 
_entity_src_gen.pdbx_beg_seq_num                   1 
_entity_src_gen.pdbx_end_seq_num                   93 
_entity_src_gen.gene_src_common_name               ? 
_entity_src_gen.gene_src_genus                     ? 
_entity_src_gen.pdbx_gene_src_gene                 EPWB_v1c1980 
_entity_src_gen.gene_src_species                   ? 
_entity_src_gen.gene_src_strain                    ? 
_entity_src_gen.gene_src_tissue                    ? 
_entity_src_gen.gene_src_tissue_fraction           ? 
_entity_src_gen.gene_src_details                   ? 
_entity_src_gen.pdbx_gene_src_fragment             ? 
_entity_src_gen.pdbx_gene_src_scientific_name      
;'Echinacea purpurea' witches'-broom phytoplasma
;
_entity_src_gen.pdbx_gene_src_ncbi_taxonomy_id     1123738 
_entity_src_gen.pdbx_gene_src_variant              ? 
_entity_src_gen.pdbx_gene_src_cell_line            ? 
_entity_src_gen.pdbx_gene_src_atcc                 ? 
_entity_src_gen.pdbx_gene_src_organ                ? 
_entity_src_gen.pdbx_gene_src_organelle            ? 
_entity_src_gen.pdbx_gene_src_cell                 ? 
_entity_src_gen.pdbx_gene_src_cellular_location    ? 
_entity_src_gen.host_org_common_name               ? 
_entity_src_gen.pdbx_host_org_scientific_name      'Escherichia coli BL21(DE3)' 
_entity_src_gen.pdbx_host_org_ncbi_taxonomy_id     469008 
_entity_src_gen.host_org_genus                     ? 
_entity_src_gen.pdbx_host_org_gene                 ? 
_entity_src_gen.pdbx_host_org_organ                ? 
_entity_src_gen.host_org_species                   ? 
_entity_src_gen.pdbx_host_org_tissue               ? 
_entity_src_gen.pdbx_host_org_tissue_fraction      ? 
_entity_src_gen.pdbx_host_org_strain               ? 
_entity_src_gen.pdbx_host_org_variant              ? 
_entity_src_gen.pdbx_host_org_cell_line            ? 
_entity_src_gen.pdbx_host_org_atcc                 ? 
_entity_src_gen.pdbx_host_org_culture_collection   ? 
_entity_src_gen.pdbx_host_org_cell                 ? 
_entity_src_gen.pdbx_host_org_organelle            ? 
_entity_src_gen.pdbx_host_org_cellular_location    ? 
_entity_src_gen.pdbx_host_org_vector_type          ? 
_entity_src_gen.pdbx_host_org_vector               ? 
_entity_src_gen.host_org_details                   ? 
_entity_src_gen.expression_system_id               ? 
_entity_src_gen.plasmid_name                       ? 
_entity_src_gen.plasmid_details                    ? 
_entity_src_gen.pdbx_description                   ? 
# 
loop_
_chem_comp.id 
_chem_comp.type 
_chem_comp.mon_nstd_flag 
_chem_comp.name 
_chem_comp.pdbx_synonyms 
_chem_comp.formula 
_chem_comp.formula_weight 
ALA 'L-peptide linking' y ALANINE         ? 'C3 H7 N O2'     89.093  
ARG 'L-peptide linking' y ARGININE        ? 'C6 H15 N4 O2 1' 175.209 
ASN 'L-peptide linking' y ASPARAGINE      ? 'C4 H8 N2 O3'    132.118 
ASP 'L-peptide linking' y 'ASPARTIC ACID' ? 'C4 H7 N O4'     133.103 
CD  non-polymer         . 'CADMIUM ION'   ? 'Cd 2'           112.411 
GLN 'L-peptide linking' y GLUTAMINE       ? 'C5 H10 N2 O3'   146.144 
GLU 'L-peptide linking' y 'GLUTAMIC ACID' ? 'C5 H9 N O4'     147.129 
GLY 'peptide linking'   y GLYCINE         ? 'C2 H5 N O2'     75.067  
HIS 'L-peptide linking' y HISTIDINE       ? 'C6 H10 N3 O2 1' 156.162 
HOH non-polymer         . WATER           ? 'H2 O'           18.015  
ILE 'L-peptide linking' y ISOLEUCINE      ? 'C6 H13 N O2'    131.173 
LEU 'L-peptide linking' y LEUCINE         ? 'C6 H13 N O2'    131.173 
LYS 'L-peptide linking' y LYSINE          ? 'C6 H15 N2 O2 1' 147.195 
MET 'L-peptide linking' y METHIONINE      ? 'C5 H11 N O2 S'  149.211 
PRO 'L-peptide linking' y PROLINE         ? 'C5 H9 N O2'     115.130 
SER 'L-peptide linking' y SERINE          ? 'C3 H7 N O3'     105.093 
THR 'L-peptide linking' y THREONINE       ? 'C4 H9 N O3'     119.119 
TYR 'L-peptide linking' y TYROSINE        ? 'C9 H11 N O3'    181.189 
VAL 'L-peptide linking' y VALINE          ? 'C5 H11 N O2'    117.146 
# 
loop_
_pdbx_poly_seq_scheme.asym_id 
_pdbx_poly_seq_scheme.entity_id 
_pdbx_poly_seq_scheme.seq_id 
_pdbx_poly_seq_scheme.mon_id 
_pdbx_poly_seq_scheme.ndb_seq_num 
_pdbx_poly_seq_scheme.pdb_seq_num 
_pdbx_poly_seq_scheme.auth_seq_num 
_pdbx_poly_seq_scheme.pdb_mon_id 
_pdbx_poly_seq_scheme.auth_mon_id 
_pdbx_poly_seq_scheme.pdb_strand_id 
_pdbx_poly_seq_scheme.pdb_ins_code 
_pdbx_poly_seq_scheme.hetero 
A 1 1  GLY 1  -2 ?  ?   ?   A . n 
A 1 2  SER 2  -1 ?  ?   ?   A . n 
A 1 3  HIS 3  0  ?  ?   ?   A . n 
A 1 4  MET 4  1  ?  ?   ?   A . n 
A 1 5  ASP 5  2  ?  ?   ?   A . n 
A 1 6  PRO 6  3  ?  ?   ?   A . n 
A 1 7  LYS 7  4  ?  ?   ?   A . n 
A 1 8  LEU 8  5  ?  ?   ?   A . n 
A 1 9  PRO 9  6  ?  ?   ?   A . n 
A 1 10 GLU 10 7  ?  ?   ?   A . n 
A 1 11 THR 11 8  ?  ?   ?   A . n 
A 1 12 SER 12 9  9  SER SER A . n 
A 1 13 SER 13 10 10 SER SER A . n 
A 1 14 ARG 14 11 11 ARG ARG A . n 
A 1 15 GLN 15 12 12 GLN GLN A . n 
A 1 16 PRO 16 13 13 PRO PRO A . n 
A 1 17 VAL 17 14 14 VAL VAL A . n 
A 1 18 TYR 18 15 15 TYR TYR A . n 
A 1 19 HIS 19 16 16 HIS HIS A . n 
A 1 20 ASN 20 17 17 ASN ASN A . n 
A 1 21 LEU 21 18 18 LEU LEU A . n 
A 1 22 THR 22 19 19 THR THR A . n 
A 1 23 ILE 23 20 20 ILE ILE A . n 
A 1 24 GLU 24 21 21 GLU GLU A . n 
A 1 25 GLU 25 22 22 GLU GLU A . n 
A 1 26 ASN 26 23 23 ASN ASN A . n 
A 1 27 ILE 27 24 24 ILE ILE A . n 
A 1 28 ILE 28 25 25 ILE ILE A . n 
A 1 29 ASN 29 26 26 ASN ASN A . n 
A 1 30 LEU 30 27 27 LEU LEU A . n 
A 1 31 LYS 31 28 28 LYS LYS A . n 
A 1 32 GLN 32 29 29 GLN GLN A . n 
A 1 33 LYS 33 30 30 LYS LYS A . n 
A 1 34 ILE 34 31 31 ILE ILE A . n 
A 1 35 TYR 35 32 32 TYR TYR A . n 
A 1 36 ASP 36 33 33 ASP ASP A . n 
A 1 37 ASN 37 34 34 ASN ASN A . n 
A 1 38 ALA 38 35 35 ALA ALA A . n 
A 1 39 THR 39 36 36 THR THR A . n 
A 1 40 LYS 40 37 37 LYS LYS A . n 
A 1 41 ILE 41 38 38 ILE ILE A . n 
A 1 42 THR 42 39 39 THR THR A . n 
A 1 43 ASN 43 40 40 ASN ASN A . n 
A 1 44 ILE 44 41 41 ILE ILE A . n 
A 1 45 ASP 45 42 42 ASP ASP A . n 
A 1 46 LYS 46 43 43 LYS LYS A . n 
A 1 47 GLY 47 44 44 GLY GLY A . n 
A 1 48 LEU 48 45 45 LEU LEU A . n 
A 1 49 GLN 49 46 46 GLN GLN A . n 
A 1 50 GLY 50 47 47 GLY GLY A . n 
A 1 51 SER 51 48 48 SER SER A . n 
A 1 52 ILE 52 49 49 ILE ILE A . n 
A 1 53 THR 53 50 50 THR THR A . n 
A 1 54 ASP 54 51 51 ASP ASP A . n 
A 1 55 ASP 55 52 52 ASP ASP A . n 
A 1 56 GLN 56 53 53 GLN GLN A . n 
A 1 57 LYS 57 54 54 LYS LYS A . n 
A 1 58 GLU 58 55 55 GLU GLU A . n 
A 1 59 ASN 59 56 56 ASN ASN A . n 
A 1 60 LEU 60 57 57 LEU LEU A . n 
A 1 61 LEU 61 58 58 LEU LEU A . n 
A 1 62 LYS 62 59 59 LYS LYS A . n 
A 1 63 LEU 63 60 60 LEU LEU A . n 
A 1 64 LYS 64 61 61 LYS LYS A . n 
A 1 65 GLU 65 62 62 GLU GLU A . n 
A 1 66 ASN 66 63 63 ASN ASN A . n 
A 1 67 TYR 67 64 64 TYR TYR A . n 
A 1 68 LYS 68 65 65 LYS LYS A . n 
A 1 69 GLN 69 66 66 GLN GLN A . n 
A 1 70 LEU 70 67 67 LEU LEU A . n 
A 1 71 ILE 71 68 68 ILE ILE A . n 
A 1 72 ASP 72 69 69 ASP ASP A . n 
A 1 73 ASN 73 70 70 ASN ASN A . n 
A 1 74 GLN 74 71 71 GLN GLN A . n 
A 1 75 LYS 75 72 72 LYS LYS A . n 
A 1 76 GLU 76 73 73 GLU GLU A . n 
A 1 77 GLN 77 74 74 GLN GLN A . n 
A 1 78 LEU 78 75 75 LEU LEU A . n 
A 1 79 LYS 79 76 76 LYS LYS A . n 
A 1 80 THR 80 77 77 THR THR A . n 
A 1 81 TYR 81 78 78 TYR TYR A . n 
A 1 82 LYS 82 79 79 LYS LYS A . n 
A 1 83 ASN 83 80 80 ASN ASN A . n 
A 1 84 LEU 84 81 81 LEU LEU A . n 
A 1 85 LEU 85 82 82 LEU LEU A . n 
A 1 86 ASN 86 83 83 ASN ASN A . n 
A 1 87 ASP 87 84 ?  ?   ?   A . n 
A 1 88 LEU 88 85 ?  ?   ?   A . n 
A 1 89 ASN 89 86 ?  ?   ?   A . n 
A 1 90 ASP 90 87 ?  ?   ?   A . n 
A 1 91 GLU 91 88 ?  ?   ?   A . n 
A 1 92 LYS 92 89 ?  ?   ?   A . n 
A 1 93 ASN 93 90 ?  ?   ?   A . n 
B 1 1  GLY 1  -2 ?  ?   ?   B . n 
B 1 2  SER 2  -1 ?  ?   ?   B . n 
B 1 3  HIS 3  0  ?  ?   ?   B . n 
B 1 4  MET 4  1  ?  ?   ?   B . n 
B 1 5  ASP 5  2  ?  ?   ?   B . n 
B 1 6  PRO 6  3  ?  ?   ?   B . n 
B 1 7  LYS 7  4  ?  ?   ?   B . n 
B 1 8  LEU 8  5  ?  ?   ?   B . n 
B 1 9  PRO 9  6  ?  ?   ?   B . n 
B 1 10 GLU 10 7  ?  ?   ?   B . n 
B 1 11 THR 11 8  ?  ?   ?   B . n 
B 1 12 SER 12 9  ?  ?   ?   B . n 
B 1 13 SER 13 10 ?  ?   ?   B . n 
B 1 14 ARG 14 11 ?  ?   ?   B . n 
B 1 15 GLN 15 12 ?  ?   ?   B . n 
B 1 16 PRO 16 13 ?  ?   ?   B . n 
B 1 17 VAL 17 14 ?  ?   ?   B . n 
B 1 18 TYR 18 15 ?  ?   ?   B . n 
B 1 19 HIS 19 16 ?  ?   ?   B . n 
B 1 20 ASN 20 17 17 ASN ASN B . n 
B 1 21 LEU 21 18 18 LEU LEU B . n 
B 1 22 THR 22 19 19 THR THR B . n 
B 1 23 ILE 23 20 20 ILE ILE B . n 
B 1 24 GLU 24 21 21 GLU GLU B . n 
B 1 25 GLU 25 22 22 GLU GLU B . n 
B 1 26 ASN 26 23 23 ASN ASN B . n 
B 1 27 ILE 27 24 24 ILE ILE B . n 
B 1 28 ILE 28 25 25 ILE ILE B . n 
B 1 29 ASN 29 26 26 ASN ASN B . n 
B 1 30 LEU 30 27 27 LEU LEU B . n 
B 1 31 LYS 31 28 28 LYS LYS B . n 
B 1 32 GLN 32 29 29 GLN GLN B . n 
B 1 33 LYS 33 30 30 LYS LYS B . n 
B 1 34 ILE 34 31 31 ILE ILE B . n 
B 1 35 TYR 35 32 32 TYR TYR B . n 
B 1 36 ASP 36 33 33 ASP ASP B . n 
B 1 37 ASN 37 34 34 ASN ASN B . n 
B 1 38 ALA 38 35 35 ALA ALA B . n 
B 1 39 THR 39 36 36 THR THR B . n 
B 1 40 LYS 40 37 37 LYS LYS B . n 
B 1 41 ILE 41 38 38 ILE ILE B . n 
B 1 42 THR 42 39 39 THR THR B . n 
B 1 43 ASN 43 40 40 ASN ASN B . n 
B 1 44 ILE 44 41 41 ILE ILE B . n 
B 1 45 ASP 45 42 42 ASP ASP B . n 
B 1 46 LYS 46 43 43 LYS LYS B . n 
B 1 47 GLY 47 44 44 GLY GLY B . n 
B 1 48 LEU 48 45 45 LEU LEU B . n 
B 1 49 GLN 49 46 46 GLN GLN B . n 
B 1 50 GLY 50 47 47 GLY GLY B . n 
B 1 51 SER 51 48 48 SER SER B . n 
B 1 52 ILE 52 49 49 ILE ILE B . n 
B 1 53 THR 53 50 50 THR THR B . n 
B 1 54 ASP 54 51 51 ASP ASP B . n 
B 1 55 ASP 55 52 52 ASP ASP B . n 
B 1 56 GLN 56 53 53 GLN GLN B . n 
B 1 57 LYS 57 54 54 LYS LYS B . n 
B 1 58 GLU 58 55 55 GLU GLU B . n 
B 1 59 ASN 59 56 56 ASN ASN B . n 
B 1 60 LEU 60 57 57 LEU LEU B . n 
B 1 61 LEU 61 58 58 LEU LEU B . n 
B 1 62 LYS 62 59 59 LYS LYS B . n 
B 1 63 LEU 63 60 60 LEU LEU B . n 
B 1 64 LYS 64 61 61 LYS LYS B . n 
B 1 65 GLU 65 62 62 GLU GLU B . n 
B 1 66 ASN 66 63 63 ASN ASN B . n 
B 1 67 TYR 67 64 64 TYR TYR B . n 
B 1 68 LYS 68 65 65 LYS LYS B . n 
B 1 69 GLN 69 66 66 GLN GLN B . n 
B 1 70 LEU 70 67 67 LEU LEU B . n 
B 1 71 ILE 71 68 68 ILE ILE B . n 
B 1 72 ASP 72 69 69 ASP ASP B . n 
B 1 73 ASN 73 70 70 ASN ASN B . n 
B 1 74 GLN 74 71 71 GLN GLN B . n 
B 1 75 LYS 75 72 72 LYS LYS B . n 
B 1 76 GLU 76 73 73 GLU GLU B . n 
B 1 77 GLN 77 74 74 GLN GLN B . n 
B 1 78 LEU 78 75 75 LEU LEU B . n 
B 1 79 LYS 79 76 76 LYS LYS B . n 
B 1 80 THR 80 77 77 THR THR B . n 
B 1 81 TYR 81 78 78 TYR TYR B . n 
B 1 82 LYS 82 79 79 LYS LYS B . n 
B 1 83 ASN 83 80 80 ASN ASN B . n 
B 1 84 LEU 84 81 81 LEU LEU B . n 
B 1 85 LEU 85 82 82 LEU LEU B . n 
B 1 86 ASN 86 83 83 ASN ASN B . n 
B 1 87 ASP 87 84 84 ASP ASP B . n 
B 1 88 LEU 88 85 85 LEU LEU B . n 
B 1 89 ASN 89 86 ?  ?   ?   B . n 
B 1 90 ASP 90 87 ?  ?   ?   B . n 
B 1 91 GLU 91 88 ?  ?   ?   B . n 
B 1 92 LYS 92 89 ?  ?   ?   B . n 
B 1 93 ASN 93 90 ?  ?   ?   B . n 
# 
loop_
_pdbx_nonpoly_scheme.asym_id 
_pdbx_nonpoly_scheme.entity_id 
_pdbx_nonpoly_scheme.mon_id 
_pdbx_nonpoly_scheme.ndb_seq_num 
_pdbx_nonpoly_scheme.pdb_seq_num 
_pdbx_nonpoly_scheme.auth_seq_num 
_pdbx_nonpoly_scheme.pdb_mon_id 
_pdbx_nonpoly_scheme.auth_mon_id 
_pdbx_nonpoly_scheme.pdb_strand_id 
_pdbx_nonpoly_scheme.pdb_ins_code 
C 2 CD  1  101 502 CD  CD  A . 
D 2 CD  1  102 503 CD  CD  A . 
E 2 CD  1  501 501 CD  CD  B . 
F 3 HOH 1  201 125 HOH HOH A . 
F 3 HOH 2  202 126 HOH HOH A . 
F 3 HOH 3  203 27  HOH HOH A . 
F 3 HOH 4  204 34  HOH HOH A . 
F 3 HOH 5  205 84  HOH HOH A . 
F 3 HOH 6  206 46  HOH HOH A . 
F 3 HOH 7  207 45  HOH HOH A . 
F 3 HOH 8  208 2   HOH HOH A . 
F 3 HOH 9  209 113 HOH HOH A . 
F 3 HOH 10 210 48  HOH HOH A . 
F 3 HOH 11 211 1   HOH HOH A . 
F 3 HOH 12 212 5   HOH HOH A . 
F 3 HOH 13 213 93  HOH HOH A . 
F 3 HOH 14 214 12  HOH HOH A . 
F 3 HOH 15 215 21  HOH HOH A . 
F 3 HOH 16 216 74  HOH HOH A . 
F 3 HOH 17 217 135 HOH HOH A . 
F 3 HOH 18 218 72  HOH HOH A . 
F 3 HOH 19 219 26  HOH HOH A . 
F 3 HOH 20 220 58  HOH HOH A . 
F 3 HOH 21 221 77  HOH HOH A . 
F 3 HOH 22 222 109 HOH HOH A . 
F 3 HOH 23 223 150 HOH HOH A . 
F 3 HOH 24 224 3   HOH HOH A . 
F 3 HOH 25 225 24  HOH HOH A . 
F 3 HOH 26 226 19  HOH HOH A . 
F 3 HOH 27 227 31  HOH HOH A . 
F 3 HOH 28 228 4   HOH HOH A . 
F 3 HOH 29 229 68  HOH HOH A . 
F 3 HOH 30 230 86  HOH HOH A . 
F 3 HOH 31 231 136 HOH HOH A . 
F 3 HOH 32 232 25  HOH HOH A . 
F 3 HOH 33 233 67  HOH HOH A . 
F 3 HOH 34 234 33  HOH HOH A . 
F 3 HOH 35 235 37  HOH HOH A . 
F 3 HOH 36 236 124 HOH HOH A . 
F 3 HOH 37 237 64  HOH HOH A . 
F 3 HOH 38 238 22  HOH HOH A . 
F 3 HOH 39 239 146 HOH HOH A . 
F 3 HOH 40 240 20  HOH HOH A . 
F 3 HOH 41 241 165 HOH HOH A . 
F 3 HOH 42 242 23  HOH HOH A . 
F 3 HOH 43 243 83  HOH HOH A . 
F 3 HOH 44 244 65  HOH HOH A . 
F 3 HOH 45 245 140 HOH HOH A . 
F 3 HOH 46 246 80  HOH HOH A . 
F 3 HOH 47 247 62  HOH HOH A . 
F 3 HOH 48 248 71  HOH HOH A . 
F 3 HOH 49 249 104 HOH HOH A . 
F 3 HOH 50 250 63  HOH HOH A . 
F 3 HOH 51 251 75  HOH HOH A . 
F 3 HOH 52 252 69  HOH HOH A . 
F 3 HOH 53 253 6   HOH HOH A . 
F 3 HOH 54 254 38  HOH HOH A . 
F 3 HOH 55 255 85  HOH HOH A . 
F 3 HOH 56 256 14  HOH HOH A . 
F 3 HOH 57 257 32  HOH HOH A . 
F 3 HOH 58 258 36  HOH HOH A . 
F 3 HOH 59 259 123 HOH HOH A . 
F 3 HOH 60 260 73  HOH HOH A . 
F 3 HOH 61 261 47  HOH HOH A . 
F 3 HOH 62 262 70  HOH HOH A . 
F 3 HOH 63 263 127 HOH HOH A . 
F 3 HOH 64 264 163 HOH HOH A . 
F 3 HOH 65 265 141 HOH HOH A . 
F 3 HOH 66 266 139 HOH HOH A . 
F 3 HOH 67 267 66  HOH HOH A . 
F 3 HOH 68 268 111 HOH HOH A . 
F 3 HOH 69 269 11  HOH HOH A . 
F 3 HOH 70 270 54  HOH HOH A . 
F 3 HOH 71 271 129 HOH HOH A . 
F 3 HOH 72 272 30  HOH HOH A . 
F 3 HOH 73 273 114 HOH HOH A . 
F 3 HOH 74 274 142 HOH HOH A . 
F 3 HOH 75 275 138 HOH HOH A . 
F 3 HOH 76 276 122 HOH HOH A . 
F 3 HOH 77 277 169 HOH HOH A . 
F 3 HOH 78 278 143 HOH HOH A . 
F 3 HOH 79 279 110 HOH HOH A . 
F 3 HOH 80 280 159 HOH HOH A . 
F 3 HOH 81 281 112 HOH HOH A . 
F 3 HOH 82 282 144 HOH HOH A . 
F 3 HOH 83 283 166 HOH HOH A . 
F 3 HOH 84 284 154 HOH HOH A . 
F 3 HOH 85 285 137 HOH HOH A . 
G 3 HOH 1  601 103 HOH HOH B . 
G 3 HOH 2  602 35  HOH HOH B . 
G 3 HOH 3  603 10  HOH HOH B . 
G 3 HOH 4  604 105 HOH HOH B . 
G 3 HOH 5  605 170 HOH HOH B . 
G 3 HOH 6  606 176 HOH HOH B . 
G 3 HOH 7  607 8   HOH HOH B . 
G 3 HOH 8  608 90  HOH HOH B . 
G 3 HOH 9  609 88  HOH HOH B . 
G 3 HOH 10 610 149 HOH HOH B . 
G 3 HOH 11 611 171 HOH HOH B . 
G 3 HOH 12 612 56  HOH HOH B . 
G 3 HOH 13 613 7   HOH HOH B . 
G 3 HOH 14 614 40  HOH HOH B . 
G 3 HOH 15 615 43  HOH HOH B . 
G 3 HOH 16 616 98  HOH HOH B . 
G 3 HOH 17 617 28  HOH HOH B . 
G 3 HOH 18 618 16  HOH HOH B . 
G 3 HOH 19 619 119 HOH HOH B . 
G 3 HOH 20 620 121 HOH HOH B . 
G 3 HOH 21 621 17  HOH HOH B . 
G 3 HOH 22 622 120 HOH HOH B . 
G 3 HOH 23 623 100 HOH HOH B . 
G 3 HOH 24 624 55  HOH HOH B . 
G 3 HOH 25 625 158 HOH HOH B . 
G 3 HOH 26 626 134 HOH HOH B . 
G 3 HOH 27 627 153 HOH HOH B . 
G 3 HOH 28 628 175 HOH HOH B . 
G 3 HOH 29 629 160 HOH HOH B . 
G 3 HOH 30 630 81  HOH HOH B . 
G 3 HOH 31 631 108 HOH HOH B . 
G 3 HOH 32 632 76  HOH HOH B . 
G 3 HOH 33 633 101 HOH HOH B . 
G 3 HOH 34 634 15  HOH HOH B . 
G 3 HOH 35 635 118 HOH HOH B . 
G 3 HOH 36 636 59  HOH HOH B . 
G 3 HOH 37 637 39  HOH HOH B . 
G 3 HOH 38 638 92  HOH HOH B . 
G 3 HOH 39 639 49  HOH HOH B . 
G 3 HOH 40 640 78  HOH HOH B . 
G 3 HOH 41 641 41  HOH HOH B . 
G 3 HOH 42 642 57  HOH HOH B . 
G 3 HOH 43 643 157 HOH HOH B . 
G 3 HOH 44 644 172 HOH HOH B . 
G 3 HOH 45 645 177 HOH HOH B . 
G 3 HOH 46 646 91  HOH HOH B . 
G 3 HOH 47 647 9   HOH HOH B . 
G 3 HOH 48 648 181 HOH HOH B . 
G 3 HOH 49 649 182 HOH HOH B . 
G 3 HOH 50 650 97  HOH HOH B . 
G 3 HOH 51 651 102 HOH HOH B . 
G 3 HOH 52 652 89  HOH HOH B . 
G 3 HOH 53 653 44  HOH HOH B . 
G 3 HOH 54 654 95  HOH HOH B . 
G 3 HOH 55 655 131 HOH HOH B . 
G 3 HOH 56 656 79  HOH HOH B . 
G 3 HOH 57 657 106 HOH HOH B . 
G 3 HOH 58 658 82  HOH HOH B . 
G 3 HOH 59 659 53  HOH HOH B . 
G 3 HOH 60 660 145 HOH HOH B . 
G 3 HOH 61 661 87  HOH HOH B . 
G 3 HOH 62 662 96  HOH HOH B . 
G 3 HOH 63 663 133 HOH HOH B . 
G 3 HOH 64 664 52  HOH HOH B . 
G 3 HOH 65 665 13  HOH HOH B . 
G 3 HOH 66 666 61  HOH HOH B . 
G 3 HOH 67 667 94  HOH HOH B . 
G 3 HOH 68 668 51  HOH HOH B . 
G 3 HOH 69 669 152 HOH HOH B . 
G 3 HOH 70 670 147 HOH HOH B . 
G 3 HOH 71 671 99  HOH HOH B . 
G 3 HOH 72 672 132 HOH HOH B . 
G 3 HOH 73 673 29  HOH HOH B . 
G 3 HOH 74 674 50  HOH HOH B . 
G 3 HOH 75 675 151 HOH HOH B . 
G 3 HOH 76 676 180 HOH HOH B . 
G 3 HOH 77 677 42  HOH HOH B . 
G 3 HOH 78 678 60  HOH HOH B . 
G 3 HOH 79 679 18  HOH HOH B . 
G 3 HOH 80 680 174 HOH HOH B . 
G 3 HOH 81 681 116 HOH HOH B . 
G 3 HOH 82 682 107 HOH HOH B . 
G 3 HOH 83 683 130 HOH HOH B . 
G 3 HOH 84 684 156 HOH HOH B . 
G 3 HOH 85 685 173 HOH HOH B . 
G 3 HOH 86 686 148 HOH HOH B . 
# 
loop_
_software.citation_id 
_software.classification 
_software.compiler_name 
_software.compiler_version 
_software.contact_author 
_software.contact_author_email 
_software.date 
_software.description 
_software.dependencies 
_software.hardware 
_software.language 
_software.location 
_software.mods 
_software.name 
_software.os 
_software.os_version 
_software.type 
_software.version 
_software.pdbx_ordinal 
? refinement        ? ? ? ? ? ? ? ? ? ? ? REFMAC    ? ? ? 5.8.0049 1 
? 'data scaling'    ? ? ? ? ? ? ? ? ? ? ? HKL-2000  ? ? ? .        2 
? 'data collection' ? ? ? ? ? ? ? ? ? ? ? Blu-Ice   ? ? ? .        3 
? 'model building'  ? ? ? ? ? ? ? ? ? ? ? BUCCANEER ? ? ? .        4 
? 'data reduction'  ? ? ? ? ? ? ? ? ? ? ? HKL-2000  ? ? ? .        5 
? phasing           ? ? ? ? ? ? ? ? ? ? ? SHELX     ? ? ? CDE      6 
# 
_cell.angle_alpha                  90.00 
_cell.angle_alpha_esd              ? 
_cell.angle_beta                   90.00 
_cell.angle_beta_esd               ? 
_cell.angle_gamma                  120.00 
_cell.angle_gamma_esd              ? 
_cell.entry_id                     6INR 
_cell.details                      ? 
_cell.formula_units_Z              ? 
_cell.length_a                     65.006 
_cell.length_a_esd                 ? 
_cell.length_b                     65.006 
_cell.length_b_esd                 ? 
_cell.length_c                     193.432 
_cell.length_c_esd                 ? 
_cell.volume                       ? 
_cell.volume_esd                   ? 
_cell.Z_PDB                        24 
_cell.reciprocal_angle_alpha       ? 
_cell.reciprocal_angle_beta        ? 
_cell.reciprocal_angle_gamma       ? 
_cell.reciprocal_angle_alpha_esd   ? 
_cell.reciprocal_angle_beta_esd    ? 
_cell.reciprocal_angle_gamma_esd   ? 
_cell.reciprocal_length_a          ? 
_cell.reciprocal_length_b          ? 
_cell.reciprocal_length_c          ? 
_cell.reciprocal_length_a_esd      ? 
_cell.reciprocal_length_b_esd      ? 
_cell.reciprocal_length_c_esd      ? 
_cell.pdbx_unique_axis             ? 
# 
_symmetry.entry_id                         6INR 
_symmetry.cell_setting                     ? 
_symmetry.Int_Tables_number                182 
_symmetry.space_group_name_Hall            ? 
_symmetry.space_group_name_H-M             'P 63 2 2' 
_symmetry.pdbx_full_space_group_name_H-M   ? 
# 
_exptl.absorpt_coefficient_mu     ? 
_exptl.absorpt_correction_T_max   ? 
_exptl.absorpt_correction_T_min   ? 
_exptl.absorpt_correction_type    ? 
_exptl.absorpt_process_details    ? 
_exptl.entry_id                   6INR 
_exptl.crystals_number            1 
_exptl.details                    ? 
_exptl.method                     'X-RAY DIFFRACTION' 
_exptl.method_details             ? 
# 
_exptl_crystal.colour                      ? 
_exptl_crystal.density_diffrn              ? 
_exptl_crystal.density_Matthews            2.79 
_exptl_crystal.density_method              ? 
_exptl_crystal.density_percent_sol         55.91 
_exptl_crystal.description                 ? 
_exptl_crystal.F_000                       ? 
_exptl_crystal.id                          1 
_exptl_crystal.preparation                 ? 
_exptl_crystal.size_max                    ? 
_exptl_crystal.size_mid                    ? 
_exptl_crystal.size_min                    ? 
_exptl_crystal.size_rad                    ? 
_exptl_crystal.colour_lustre               ? 
_exptl_crystal.colour_modifier             ? 
_exptl_crystal.colour_primary              ? 
_exptl_crystal.density_meas                ? 
_exptl_crystal.density_meas_esd            ? 
_exptl_crystal.density_meas_gt             ? 
_exptl_crystal.density_meas_lt             ? 
_exptl_crystal.density_meas_temp           ? 
_exptl_crystal.density_meas_temp_esd       ? 
_exptl_crystal.density_meas_temp_gt        ? 
_exptl_crystal.density_meas_temp_lt        ? 
_exptl_crystal.pdbx_crystal_image_url      ? 
_exptl_crystal.pdbx_crystal_image_format   ? 
_exptl_crystal.pdbx_mosaicity              ? 
_exptl_crystal.pdbx_mosaicity_esd          ? 
# 
_exptl_crystal_grow.apparatus       ? 
_exptl_crystal_grow.atmosphere      ? 
_exptl_crystal_grow.crystal_id      1 
_exptl_crystal_grow.details         ? 
_exptl_crystal_grow.method          'VAPOR DIFFUSION, SITTING DROP' 
_exptl_crystal_grow.method_ref      ? 
_exptl_crystal_grow.pH              ? 
_exptl_crystal_grow.pressure        ? 
_exptl_crystal_grow.pressure_esd    ? 
_exptl_crystal_grow.seeding         ? 
_exptl_crystal_grow.seeding_ref     ? 
_exptl_crystal_grow.temp            293 
_exptl_crystal_grow.temp_details    ? 
_exptl_crystal_grow.temp_esd        ? 
_exptl_crystal_grow.time            ? 
_exptl_crystal_grow.pdbx_details    '0.05 M cadmium sulfate hydrate, 0.1 M HEPES pH 7.5 and 1.0 M sodium acetate trihydrate' 
_exptl_crystal_grow.pdbx_pH_range   ? 
# 
_diffrn.ambient_environment              ? 
_diffrn.ambient_temp                     100 
_diffrn.ambient_temp_details             ? 
_diffrn.ambient_temp_esd                 ? 
_diffrn.crystal_id                       1 
_diffrn.crystal_support                  ? 
_diffrn.crystal_treatment                ? 
_diffrn.details                          ? 
_diffrn.id                               1 
_diffrn.ambient_pressure                 ? 
_diffrn.ambient_pressure_esd             ? 
_diffrn.ambient_pressure_gt              ? 
_diffrn.ambient_pressure_lt              ? 
_diffrn.ambient_temp_gt                  ? 
_diffrn.ambient_temp_lt                  ? 
_diffrn.pdbx_serial_crystal_experiment   N 
# 
_diffrn_detector.details                      ? 
_diffrn_detector.detector                     CCD 
_diffrn_detector.diffrn_id                    1 
_diffrn_detector.type                         'RAYONIX MX300-HS' 
_diffrn_detector.area_resol_mean              ? 
_diffrn_detector.dtime                        ? 
_diffrn_detector.pdbx_frames_total            ? 
_diffrn_detector.pdbx_collection_time_total   ? 
_diffrn_detector.pdbx_collection_date         2016-07-21 
_diffrn_detector.pdbx_frequency               ? 
# 
_diffrn_radiation.collimation                      ? 
_diffrn_radiation.diffrn_id                        1 
_diffrn_radiation.filter_edge                      ? 
_diffrn_radiation.inhomogeneity                    ? 
_diffrn_radiation.monochromator                    ? 
_diffrn_radiation.polarisn_norm                    ? 
_diffrn_radiation.polarisn_ratio                   ? 
_diffrn_radiation.probe                            ? 
_diffrn_radiation.type                             ? 
_diffrn_radiation.xray_symbol                      ? 
_diffrn_radiation.wavelength_id                    1 
_diffrn_radiation.pdbx_monochromatic_or_laue_m_l   M 
_diffrn_radiation.pdbx_wavelength_list             ? 
_diffrn_radiation.pdbx_wavelength                  ? 
_diffrn_radiation.pdbx_diffrn_protocol             'SINGLE WAVELENGTH' 
_diffrn_radiation.pdbx_analyzer                    ? 
_diffrn_radiation.pdbx_scattering_type             x-ray 
# 
_diffrn_radiation_wavelength.id           1 
_diffrn_radiation_wavelength.wavelength   1 
_diffrn_radiation_wavelength.wt           1.0 
# 
_diffrn_source.current                     ? 
_diffrn_source.details                     ? 
_diffrn_source.diffrn_id                   1 
_diffrn_source.power                       ? 
_diffrn_source.size                        ? 
_diffrn_source.source                      SYNCHROTRON 
_diffrn_source.target                      ? 
_diffrn_source.type                        'NSRRC BEAMLINE BL15A1' 
_diffrn_source.voltage                     ? 
_diffrn_source.take-off_angle              ? 
_diffrn_source.pdbx_wavelength_list        1 
_diffrn_source.pdbx_wavelength             ? 
_diffrn_source.pdbx_synchrotron_beamline   BL15A1 
_diffrn_source.pdbx_synchrotron_site       NSRRC 
# 
_reflns.B_iso_Wilson_estimate            ? 
_reflns.entry_id                         6INR 
_reflns.data_reduction_details           ? 
_reflns.data_reduction_method            ? 
_reflns.d_resolution_high                2.34 
_reflns.d_resolution_low                 20 
_reflns.details                          ? 
_reflns.limit_h_max                      ? 
_reflns.limit_h_min                      ? 
_reflns.limit_k_max                      ? 
_reflns.limit_k_min                      ? 
_reflns.limit_l_max                      ? 
_reflns.limit_l_min                      ? 
_reflns.number_all                       ? 
_reflns.number_obs                       10840 
_reflns.observed_criterion               ? 
_reflns.observed_criterion_F_max         ? 
_reflns.observed_criterion_F_min         ? 
_reflns.observed_criterion_I_max         ? 
_reflns.observed_criterion_I_min         ? 
_reflns.observed_criterion_sigma_F       ? 
_reflns.observed_criterion_sigma_I       ? 
_reflns.percent_possible_obs             98.9 
_reflns.R_free_details                   ? 
_reflns.Rmerge_F_all                     ? 
_reflns.Rmerge_F_obs                     ? 
_reflns.Friedel_coverage                 ? 
_reflns.number_gt                        ? 
_reflns.threshold_expression             ? 
_reflns.pdbx_redundancy                  8.0 
_reflns.pdbx_Rmerge_I_obs                0.036 
_reflns.pdbx_Rmerge_I_all                ? 
_reflns.pdbx_Rsym_value                  ? 
_reflns.pdbx_netI_over_av_sigmaI         ? 
_reflns.pdbx_netI_over_sigmaI            44.6 
_reflns.pdbx_res_netI_over_av_sigmaI_2   ? 
_reflns.pdbx_res_netI_over_sigmaI_2      ? 
_reflns.pdbx_chi_squared                 ? 
_reflns.pdbx_scaling_rejects             ? 
_reflns.pdbx_d_res_high_opt              ? 
_reflns.pdbx_d_res_low_opt               ? 
_reflns.pdbx_d_res_opt_method            ? 
_reflns.phase_calculation_details        ? 
_reflns.pdbx_Rrim_I_all                  ? 
_reflns.pdbx_Rpim_I_all                  ? 
_reflns.pdbx_d_opt                       ? 
_reflns.pdbx_number_measured_all         ? 
_reflns.pdbx_diffrn_id                   1 
_reflns.pdbx_ordinal                     1 
_reflns.pdbx_CC_half                     ? 
_reflns.pdbx_R_split                     ? 
# 
_reflns_shell.d_res_high                  2.34 
_reflns_shell.d_res_low                   2.42 
_reflns_shell.meanI_over_sigI_all         ? 
_reflns_shell.meanI_over_sigI_obs         2 
_reflns_shell.number_measured_all         ? 
_reflns_shell.number_measured_obs         ? 
_reflns_shell.number_possible             ? 
_reflns_shell.number_unique_all           ? 
_reflns_shell.number_unique_obs           1034 
_reflns_shell.percent_possible_all        98.9 
_reflns_shell.percent_possible_obs        ? 
_reflns_shell.Rmerge_F_all                ? 
_reflns_shell.Rmerge_F_obs                ? 
_reflns_shell.Rmerge_I_all                ? 
_reflns_shell.Rmerge_I_obs                1.012 
_reflns_shell.meanI_over_sigI_gt          ? 
_reflns_shell.meanI_over_uI_all           ? 
_reflns_shell.meanI_over_uI_gt            ? 
_reflns_shell.number_measured_gt          ? 
_reflns_shell.number_unique_gt            ? 
_reflns_shell.percent_possible_gt         ? 
_reflns_shell.Rmerge_F_gt                 ? 
_reflns_shell.Rmerge_I_gt                 ? 
_reflns_shell.pdbx_redundancy             7.8 
_reflns_shell.pdbx_Rsym_value             ? 
_reflns_shell.pdbx_chi_squared            ? 
_reflns_shell.pdbx_netI_over_sigmaI_all   ? 
_reflns_shell.pdbx_netI_over_sigmaI_obs   ? 
_reflns_shell.pdbx_Rrim_I_all             ? 
_reflns_shell.pdbx_Rpim_I_all             ? 
_reflns_shell.pdbx_rejects                ? 
_reflns_shell.pdbx_ordinal                1 
_reflns_shell.pdbx_diffrn_id              1 
_reflns_shell.pdbx_CC_half                ? 
_reflns_shell.pdbx_R_split                ? 
# 
_refine.aniso_B[1][1]                            0.41 
_refine.aniso_B[1][2]                            0.20 
_refine.aniso_B[1][3]                            0.00 
_refine.aniso_B[2][2]                            0.41 
_refine.aniso_B[2][3]                            0.00 
_refine.aniso_B[3][3]                            -1.32 
_refine.B_iso_max                                ? 
_refine.B_iso_mean                               47.451 
_refine.B_iso_min                                ? 
_refine.correlation_coeff_Fo_to_Fc               0.902 
_refine.correlation_coeff_Fo_to_Fc_free          0.902 
_refine.details                                  'HYDROGENS HAVE BEEN ADDED IN THE RIDING POSITIONS' 
_refine.diff_density_max                         ? 
_refine.diff_density_max_esd                     ? 
_refine.diff_density_min                         ? 
_refine.diff_density_min_esd                     ? 
_refine.diff_density_rms                         ? 
_refine.diff_density_rms_esd                     ? 
_refine.entry_id                                 6INR 
_refine.pdbx_refine_id                           'X-RAY DIFFRACTION' 
_refine.ls_abs_structure_details                 ? 
_refine.ls_abs_structure_Flack                   ? 
_refine.ls_abs_structure_Flack_esd               ? 
_refine.ls_abs_structure_Rogers                  ? 
_refine.ls_abs_structure_Rogers_esd              ? 
_refine.ls_d_res_high                            2.34 
_refine.ls_d_res_low                             20 
_refine.ls_extinction_coef                       ? 
_refine.ls_extinction_coef_esd                   ? 
_refine.ls_extinction_expression                 ? 
_refine.ls_extinction_method                     ? 
_refine.ls_goodness_of_fit_all                   ? 
_refine.ls_goodness_of_fit_all_esd               ? 
_refine.ls_goodness_of_fit_obs                   ? 
_refine.ls_goodness_of_fit_obs_esd               ? 
_refine.ls_hydrogen_treatment                    ? 
_refine.ls_matrix_type                           ? 
_refine.ls_number_constraints                    ? 
_refine.ls_number_parameters                     ? 
_refine.ls_number_reflns_all                     ? 
_refine.ls_number_reflns_obs                     8698 
_refine.ls_number_reflns_R_free                  456 
_refine.ls_number_reflns_R_work                  ? 
_refine.ls_number_restraints                     ? 
_refine.ls_percent_reflns_obs                    83.48 
_refine.ls_percent_reflns_R_free                 5.0 
_refine.ls_R_factor_all                          ? 
_refine.ls_R_factor_obs                          0.25704 
_refine.ls_R_factor_R_free                       0.27042 
_refine.ls_R_factor_R_free_error                 ? 
_refine.ls_R_factor_R_free_error_details         ? 
_refine.ls_R_factor_R_work                       0.25631 
_refine.ls_R_Fsqd_factor_obs                     ? 
_refine.ls_R_I_factor_obs                        ? 
_refine.ls_redundancy_reflns_all                 ? 
_refine.ls_redundancy_reflns_obs                 ? 
_refine.ls_restrained_S_all                      ? 
_refine.ls_restrained_S_obs                      ? 
_refine.ls_shift_over_esd_max                    ? 
_refine.ls_shift_over_esd_mean                   ? 
_refine.ls_structure_factor_coef                 ? 
_refine.ls_weighting_details                     ? 
_refine.ls_weighting_scheme                      ? 
_refine.ls_wR_factor_all                         ? 
_refine.ls_wR_factor_obs                         ? 
_refine.ls_wR_factor_R_free                      ? 
_refine.ls_wR_factor_R_work                      ? 
_refine.occupancy_max                            ? 
_refine.occupancy_min                            ? 
_refine.solvent_model_details                    ? 
_refine.solvent_model_param_bsol                 ? 
_refine.solvent_model_param_ksol                 ? 
_refine.ls_R_factor_gt                           ? 
_refine.ls_goodness_of_fit_gt                    ? 
_refine.ls_goodness_of_fit_ref                   ? 
_refine.ls_shift_over_su_max                     ? 
_refine.ls_shift_over_su_max_lt                  ? 
_refine.ls_shift_over_su_mean                    ? 
_refine.ls_shift_over_su_mean_lt                 ? 
_refine.pdbx_ls_sigma_I                          ? 
_refine.pdbx_ls_sigma_F                          ? 
_refine.pdbx_ls_sigma_Fsqd                       ? 
_refine.pdbx_data_cutoff_high_absF               ? 
_refine.pdbx_data_cutoff_high_rms_absF           ? 
_refine.pdbx_data_cutoff_low_absF                ? 
_refine.pdbx_isotropic_thermal_model             ? 
_refine.pdbx_ls_cross_valid_method               THROUGHOUT 
_refine.pdbx_method_to_determine_struct          SAD 
_refine.pdbx_starting_model                      ? 
_refine.pdbx_stereochemistry_target_values       ? 
_refine.pdbx_R_Free_selection_details            RANDOM 
_refine.pdbx_stereochem_target_val_spec_case     ? 
_refine.pdbx_overall_ESU_R                       0.424 
_refine.pdbx_overall_ESU_R_Free                  0.272 
_refine.pdbx_solvent_vdw_probe_radii             1.20 
_refine.pdbx_solvent_ion_probe_radii             0.80 
_refine.pdbx_solvent_shrinkage_radii             0.80 
_refine.pdbx_real_space_R                        ? 
_refine.pdbx_density_correlation                 ? 
_refine.pdbx_pd_number_of_powder_patterns        ? 
_refine.pdbx_pd_number_of_points                 ? 
_refine.pdbx_pd_meas_number_of_points            ? 
_refine.pdbx_pd_proc_ls_prof_R_factor            ? 
_refine.pdbx_pd_proc_ls_prof_wR_factor           ? 
_refine.pdbx_pd_Marquardt_correlation_coeff      ? 
_refine.pdbx_pd_Fsqrd_R_factor                   ? 
_refine.pdbx_pd_ls_matrix_band_width             ? 
_refine.pdbx_overall_phase_error                 ? 
_refine.pdbx_overall_SU_R_free_Cruickshank_DPI   ? 
_refine.pdbx_overall_SU_R_free_Blow_DPI          ? 
_refine.pdbx_overall_SU_R_Blow_DPI               ? 
_refine.pdbx_TLS_residual_ADP_flag               ? 
_refine.pdbx_diffrn_id                           1 
_refine.overall_SU_B                             ? 
_refine.overall_SU_ML                            ? 
_refine.overall_SU_R_Cruickshank_DPI             ? 
_refine.overall_SU_R_free                        ? 
_refine.overall_FOM_free_R_set                   ? 
_refine.overall_FOM_work_R_set                   ? 
_refine.pdbx_average_fsc_overall                 ? 
_refine.pdbx_average_fsc_work                    ? 
_refine.pdbx_average_fsc_free                    ? 
# 
_refine_hist.pdbx_refine_id                   'X-RAY DIFFRACTION' 
_refine_hist.cycle_id                         1 
_refine_hist.pdbx_number_atoms_protein        1188 
_refine_hist.pdbx_number_atoms_nucleic_acid   0 
_refine_hist.pdbx_number_atoms_ligand         3 
_refine_hist.number_atoms_solvent             182 
_refine_hist.number_atoms_total               1373 
_refine_hist.d_res_high                       2.34 
_refine_hist.d_res_low                        20 
# 
loop_
_refine_ls_restr.pdbx_refine_id 
_refine_ls_restr.criterion 
_refine_ls_restr.dev_ideal 
_refine_ls_restr.dev_ideal_target 
_refine_ls_restr.number 
_refine_ls_restr.rejects 
_refine_ls_restr.type 
_refine_ls_restr.weight 
_refine_ls_restr.pdbx_restraint_function 
'X-RAY DIFFRACTION' ? 0.011  0.020  1195 ? r_bond_refined_d             ? ? 
'X-RAY DIFFRACTION' ? 0.000  0.020  1216 ? r_bond_other_d               ? ? 
'X-RAY DIFFRACTION' ? 1.252  1.986  1603 ? r_angle_refined_deg          ? ? 
'X-RAY DIFFRACTION' ? 3.475  3.000  2809 ? r_angle_other_deg            ? ? 
'X-RAY DIFFRACTION' ? 4.206  5.000  142  ? r_dihedral_angle_1_deg       ? ? 
'X-RAY DIFFRACTION' ? 44.281 28.413 63   ? r_dihedral_angle_2_deg       ? ? 
'X-RAY DIFFRACTION' ? 16.856 15.000 265  ? r_dihedral_angle_3_deg       ? ? 
'X-RAY DIFFRACTION' ? 4.932  15.000 1    ? r_dihedral_angle_4_deg       ? ? 
'X-RAY DIFFRACTION' ? 0.070  0.200  188  ? r_chiral_restr               ? ? 
'X-RAY DIFFRACTION' ? 0.005  0.020  1344 ? r_gen_planes_refined         ? ? 
'X-RAY DIFFRACTION' ? 0.003  0.020  243  ? r_gen_planes_other           ? ? 
'X-RAY DIFFRACTION' ? ?      ?      ?    ? r_nbd_refined                ? ? 
'X-RAY DIFFRACTION' ? ?      ?      ?    ? r_nbd_other                  ? ? 
'X-RAY DIFFRACTION' ? ?      ?      ?    ? r_nbtor_refined              ? ? 
'X-RAY DIFFRACTION' ? ?      ?      ?    ? r_nbtor_other                ? ? 
'X-RAY DIFFRACTION' ? ?      ?      ?    ? r_xyhbond_nbd_refined        ? ? 
'X-RAY DIFFRACTION' ? ?      ?      ?    ? r_xyhbond_nbd_other          ? ? 
'X-RAY DIFFRACTION' ? ?      ?      ?    ? r_metal_ion_refined          ? ? 
'X-RAY DIFFRACTION' ? ?      ?      ?    ? r_metal_ion_other            ? ? 
'X-RAY DIFFRACTION' ? ?      ?      ?    ? r_symmetry_vdw_refined       ? ? 
'X-RAY DIFFRACTION' ? ?      ?      ?    ? r_symmetry_vdw_other         ? ? 
'X-RAY DIFFRACTION' ? ?      ?      ?    ? r_symmetry_hbond_refined     ? ? 
'X-RAY DIFFRACTION' ? ?      ?      ?    ? r_symmetry_hbond_other       ? ? 
'X-RAY DIFFRACTION' ? ?      ?      ?    ? r_symmetry_metal_ion_refined ? ? 
'X-RAY DIFFRACTION' ? ?      ?      ?    ? r_symmetry_metal_ion_other   ? ? 
'X-RAY DIFFRACTION' ? 2.885  4.536  574  ? r_mcbond_it                  ? ? 
'X-RAY DIFFRACTION' ? 2.877  4.533  573  ? r_mcbond_other               ? ? 
'X-RAY DIFFRACTION' ? 4.866  6.781  714  ? r_mcangle_it                 ? ? 
'X-RAY DIFFRACTION' ? 4.863  6.783  715  ? r_mcangle_other              ? ? 
'X-RAY DIFFRACTION' ? 3.329  4.871  619  ? r_scbond_it                  ? ? 
'X-RAY DIFFRACTION' ? 3.326  4.871  620  ? r_scbond_other               ? ? 
'X-RAY DIFFRACTION' ? ?      ?      ?    ? r_scangle_it                 ? ? 
'X-RAY DIFFRACTION' ? 5.895  7.104  890  ? r_scangle_other              ? ? 
'X-RAY DIFFRACTION' ? 10.042 34.641 1448 ? r_long_range_B_refined       ? ? 
'X-RAY DIFFRACTION' ? 9.975  34.471 1435 ? r_long_range_B_other         ? ? 
'X-RAY DIFFRACTION' ? ?      ?      ?    ? r_rigid_bond_restr           ? ? 
'X-RAY DIFFRACTION' ? ?      ?      ?    ? r_sphericity_free            ? ? 
'X-RAY DIFFRACTION' ? ?      ?      ?    ? r_sphericity_bonded          ? ? 
# 
loop_
_refine_ls_restr_ncs.pdbx_refine_id 
_refine_ls_restr_ncs.dom_id 
_refine_ls_restr_ncs.pdbx_ens_id 
_refine_ls_restr_ncs.pdbx_ordinal 
_refine_ls_restr_ncs.ncs_model_details 
_refine_ls_restr_ncs.rms_dev_position 
_refine_ls_restr_ncs.weight_position 
_refine_ls_restr_ncs.rms_dev_B_iso 
_refine_ls_restr_ncs.weight_B_iso 
_refine_ls_restr_ncs.pdbx_auth_asym_id 
_refine_ls_restr_ncs.pdbx_number 
_refine_ls_restr_ncs.pdbx_type 
_refine_ls_restr_ncs.pdbx_asym_id 
_refine_ls_restr_ncs.pdbx_rms 
_refine_ls_restr_ncs.pdbx_weight 
'X-RAY DIFFRACTION' 1 1 1 ? 0.24 0.05 ? ? A 3698 'interatomic distance' ? ? ? 
'X-RAY DIFFRACTION' 2 1 2 ? 0.24 0.05 ? ? B 3698 'interatomic distance' ? ? ? 
# 
_refine_ls_shell.pdbx_refine_id                   'X-RAY DIFFRACTION' 
_refine_ls_shell.d_res_high                       2.340 
_refine_ls_shell.d_res_low                        2.401 
_refine_ls_shell.number_reflns_all                ? 
_refine_ls_shell.number_reflns_obs                ? 
_refine_ls_shell.number_reflns_R_free             17 
_refine_ls_shell.number_reflns_R_work             262 
_refine_ls_shell.percent_reflns_obs               35.45 
_refine_ls_shell.percent_reflns_R_free            ? 
_refine_ls_shell.R_factor_all                     ? 
_refine_ls_shell.R_factor_obs                     ? 
_refine_ls_shell.R_factor_R_free                  0.485 
_refine_ls_shell.R_factor_R_free_error            ? 
_refine_ls_shell.R_factor_R_work                  0.351 
_refine_ls_shell.redundancy_reflns_all            ? 
_refine_ls_shell.redundancy_reflns_obs            ? 
_refine_ls_shell.wR_factor_all                    ? 
_refine_ls_shell.wR_factor_obs                    ? 
_refine_ls_shell.wR_factor_R_free                 ? 
_refine_ls_shell.wR_factor_R_work                 ? 
_refine_ls_shell.pdbx_total_number_of_bins_used   20 
_refine_ls_shell.pdbx_phase_error                 ? 
_refine_ls_shell.pdbx_fsc_work                    ? 
_refine_ls_shell.pdbx_fsc_free                    ? 
# 
loop_
_struct_ncs_dom.id 
_struct_ncs_dom.details 
_struct_ncs_dom.pdbx_ens_id 
1 A 1 
2 B 1 
# 
loop_
_struct_ncs_dom_lim.pdbx_ens_id 
_struct_ncs_dom_lim.dom_id 
_struct_ncs_dom_lim.pdbx_component_id 
_struct_ncs_dom_lim.beg_label_asym_id 
_struct_ncs_dom_lim.beg_label_comp_id 
_struct_ncs_dom_lim.beg_label_seq_id 
_struct_ncs_dom_lim.beg_label_alt_id 
_struct_ncs_dom_lim.end_label_asym_id 
_struct_ncs_dom_lim.end_label_comp_id 
_struct_ncs_dom_lim.end_label_seq_id 
_struct_ncs_dom_lim.end_label_alt_id 
_struct_ncs_dom_lim.beg_auth_asym_id 
_struct_ncs_dom_lim.beg_auth_comp_id 
_struct_ncs_dom_lim.beg_auth_seq_id 
_struct_ncs_dom_lim.end_auth_asym_id 
_struct_ncs_dom_lim.end_auth_comp_id 
_struct_ncs_dom_lim.end_auth_seq_id 
_struct_ncs_dom_lim.pdbx_refine_code 
_struct_ncs_dom_lim.selection_details 
1 1 0 A ASN 20 . A LEU 85 . A ASN 17 A LEU 82 0 ? 
1 2 0 B ASN 20 . B LEU 85 . B ASN 17 B LEU 82 0 ? 
# 
_struct_ncs_ens.id        1 
_struct_ncs_ens.details   ? 
# 
_struct.entry_id                     6INR 
_struct.title                        'The crystal structure of phytoplasmal effector causing phyllody symptoms 1 (PHYL1)' 
_struct.pdbx_model_details           ? 
_struct.pdbx_formula_weight          ? 
_struct.pdbx_formula_weight_method   ? 
_struct.pdbx_model_type_details      ? 
_struct.pdbx_CASP_flag               N 
# 
_struct_keywords.entry_id        6INR 
_struct_keywords.text            'Phytoplasma, Phytoplasmal effector causing phyllody 1, GENE REGULATION' 
_struct_keywords.pdbx_keywords   'GENE REGULATION' 
# 
loop_
_struct_asym.id 
_struct_asym.pdbx_blank_PDB_chainid_flag 
_struct_asym.pdbx_modified 
_struct_asym.entity_id 
_struct_asym.details 
A N N 1 ? 
B N N 1 ? 
C N N 2 ? 
D N N 2 ? 
E N N 2 ? 
F N N 3 ? 
G N N 3 ? 
# 
_struct_ref.id                         1 
_struct_ref.db_name                    UNP 
_struct_ref.db_code                    A0A0P7KHL3_9MOLU 
_struct_ref.pdbx_db_accession          A0A0P7KHL3 
_struct_ref.pdbx_db_isoform            ? 
_struct_ref.entity_id                  1 
_struct_ref.pdbx_seq_one_letter_code   
;MDPKLPETSSRQPVYHNLTIEENIINLKQKIYDNATKITNIDKGLQGSITDDQKENLLKLKENYKQLIDNQKEQLKTYKN
LLNDLNDEKN
;
_struct_ref.pdbx_align_begin           33 
# 
loop_
_struct_ref_seq.align_id 
_struct_ref_seq.ref_id 
_struct_ref_seq.pdbx_PDB_id_code 
_struct_ref_seq.pdbx_strand_id 
_struct_ref_seq.seq_align_beg 
_struct_ref_seq.pdbx_seq_align_beg_ins_code 
_struct_ref_seq.seq_align_end 
_struct_ref_seq.pdbx_seq_align_end_ins_code 
_struct_ref_seq.pdbx_db_accession 
_struct_ref_seq.db_align_beg 
_struct_ref_seq.pdbx_db_align_beg_ins_code 
_struct_ref_seq.db_align_end 
_struct_ref_seq.pdbx_db_align_end_ins_code 
_struct_ref_seq.pdbx_auth_seq_align_beg 
_struct_ref_seq.pdbx_auth_seq_align_end 
1 1 6INR A 4 ? 93 ? A0A0P7KHL3 33 ? 122 ? 1 90 
2 1 6INR B 4 ? 93 ? A0A0P7KHL3 33 ? 122 ? 1 90 
# 
loop_
_struct_ref_seq_dif.align_id 
_struct_ref_seq_dif.pdbx_pdb_id_code 
_struct_ref_seq_dif.mon_id 
_struct_ref_seq_dif.pdbx_pdb_strand_id 
_struct_ref_seq_dif.seq_num 
_struct_ref_seq_dif.pdbx_pdb_ins_code 
_struct_ref_seq_dif.pdbx_seq_db_name 
_struct_ref_seq_dif.pdbx_seq_db_accession_code 
_struct_ref_seq_dif.db_mon_id 
_struct_ref_seq_dif.pdbx_seq_db_seq_num 
_struct_ref_seq_dif.details 
_struct_ref_seq_dif.pdbx_auth_seq_num 
_struct_ref_seq_dif.pdbx_ordinal 
1 6INR GLY A 1 ? UNP A0A0P7KHL3 ? ? 'expression tag' -2 1 
1 6INR SER A 2 ? UNP A0A0P7KHL3 ? ? 'expression tag' -1 2 
1 6INR HIS A 3 ? UNP A0A0P7KHL3 ? ? 'expression tag' 0  3 
2 6INR GLY B 1 ? UNP A0A0P7KHL3 ? ? 'expression tag' -2 4 
2 6INR SER B 2 ? UNP A0A0P7KHL3 ? ? 'expression tag' -1 5 
2 6INR HIS B 3 ? UNP A0A0P7KHL3 ? ? 'expression tag' 0  6 
# 
loop_
_pdbx_struct_assembly.id 
_pdbx_struct_assembly.details 
_pdbx_struct_assembly.method_details 
_pdbx_struct_assembly.oligomeric_details 
_pdbx_struct_assembly.oligomeric_count 
1 author_defined_assembly ? monomeric 1 
2 author_defined_assembly ? monomeric 1 
# 
loop_
_pdbx_struct_assembly_gen.assembly_id 
_pdbx_struct_assembly_gen.oper_expression 
_pdbx_struct_assembly_gen.asym_id_list 
1 1 A,C,D,F 
2 1 B,E,G   
# 
_pdbx_struct_assembly_auth_evidence.id                     1 
_pdbx_struct_assembly_auth_evidence.assembly_id            1 
_pdbx_struct_assembly_auth_evidence.experimental_support   'assay for oligomerization' 
_pdbx_struct_assembly_auth_evidence.details                'Analytical ultracentrifugation' 
# 
_pdbx_struct_oper_list.id                   1 
_pdbx_struct_oper_list.type                 'identity operation' 
_pdbx_struct_oper_list.name                 1_555 
_pdbx_struct_oper_list.symmetry_operation   x,y,z 
_pdbx_struct_oper_list.matrix[1][1]         1.0000000000 
_pdbx_struct_oper_list.matrix[1][2]         0.0000000000 
_pdbx_struct_oper_list.matrix[1][3]         0.0000000000 
_pdbx_struct_oper_list.vector[1]            0.0000000000 
_pdbx_struct_oper_list.matrix[2][1]         0.0000000000 
_pdbx_struct_oper_list.matrix[2][2]         1.0000000000 
_pdbx_struct_oper_list.matrix[2][3]         0.0000000000 
_pdbx_struct_oper_list.vector[2]            0.0000000000 
_pdbx_struct_oper_list.matrix[3][1]         0.0000000000 
_pdbx_struct_oper_list.matrix[3][2]         0.0000000000 
_pdbx_struct_oper_list.matrix[3][3]         1.0000000000 
_pdbx_struct_oper_list.vector[3]            0.0000000000 
# 
loop_
_struct_conf.conf_type_id 
_struct_conf.id 
_struct_conf.pdbx_PDB_helix_id 
_struct_conf.beg_label_comp_id 
_struct_conf.beg_label_asym_id 
_struct_conf.beg_label_seq_id 
_struct_conf.pdbx_beg_PDB_ins_code 
_struct_conf.end_label_comp_id 
_struct_conf.end_label_asym_id 
_struct_conf.end_label_seq_id 
_struct_conf.pdbx_end_PDB_ins_code 
_struct_conf.beg_auth_comp_id 
_struct_conf.beg_auth_asym_id 
_struct_conf.beg_auth_seq_id 
_struct_conf.end_auth_comp_id 
_struct_conf.end_auth_asym_id 
_struct_conf.end_auth_seq_id 
_struct_conf.pdbx_PDB_helix_class 
_struct_conf.details 
_struct_conf.pdbx_PDB_helix_length 
HELX_P HELX_P1 AA1 GLN A 15 ? GLY A 50 ? GLN A 12 GLY A 47 1 ? 36 
HELX_P HELX_P2 AA2 ASP A 54 ? LEU A 85 ? ASP A 51 LEU A 82 1 ? 32 
HELX_P HELX_P3 AA3 THR B 22 ? GLY B 50 ? THR B 19 GLY B 47 1 ? 29 
HELX_P HELX_P4 AA4 ASP B 54 ? ASP B 87 ? ASP B 51 ASP B 84 1 ? 34 
# 
_struct_conf_type.id          HELX_P 
_struct_conf_type.criteria    ? 
_struct_conf_type.reference   ? 
# 
loop_
_struct_conn.id 
_struct_conn.conn_type_id 
_struct_conn.pdbx_leaving_atom_flag 
_struct_conn.pdbx_PDB_id 
_struct_conn.ptnr1_label_asym_id 
_struct_conn.ptnr1_label_comp_id 
_struct_conn.ptnr1_label_seq_id 
_struct_conn.ptnr1_label_atom_id 
_struct_conn.pdbx_ptnr1_label_alt_id 
_struct_conn.pdbx_ptnr1_PDB_ins_code 
_struct_conn.pdbx_ptnr1_standard_comp_id 
_struct_conn.ptnr1_symmetry 
_struct_conn.ptnr2_label_asym_id 
_struct_conn.ptnr2_label_comp_id 
_struct_conn.ptnr2_label_seq_id 
_struct_conn.ptnr2_label_atom_id 
_struct_conn.pdbx_ptnr2_label_alt_id 
_struct_conn.pdbx_ptnr2_PDB_ins_code 
_struct_conn.ptnr1_auth_asym_id 
_struct_conn.ptnr1_auth_comp_id 
_struct_conn.ptnr1_auth_seq_id 
_struct_conn.ptnr2_auth_asym_id 
_struct_conn.ptnr2_auth_comp_id 
_struct_conn.ptnr2_auth_seq_id 
_struct_conn.ptnr2_symmetry 
_struct_conn.pdbx_ptnr3_label_atom_id 
_struct_conn.pdbx_ptnr3_label_seq_id 
_struct_conn.pdbx_ptnr3_label_comp_id 
_struct_conn.pdbx_ptnr3_label_asym_id 
_struct_conn.pdbx_ptnr3_label_alt_id 
_struct_conn.pdbx_ptnr3_PDB_ins_code 
_struct_conn.details 
_struct_conn.pdbx_dist_value 
_struct_conn.pdbx_value_order 
_struct_conn.pdbx_role 
metalc1 metalc ? ? A HIS 19 ND1 ? ? ? 1_555 D CD  .  CD  ? ? A HIS 16  A CD  102 1_555 ? ? ? ? ? ? ? 2.555 ? ? 
metalc2 metalc ? ? C CD  .  CD  ? ? ? 2_555 B ASP 72 OD1 ? ? A CD  101 B ASP 69  1_555 ? ? ? ? ? ? ? 2.463 ? ? 
# 
_struct_conn_type.id          metalc 
_struct_conn_type.criteria    ? 
_struct_conn_type.reference   ? 
# 
loop_
_struct_site.id 
_struct_site.pdbx_evidence_code 
_struct_site.pdbx_auth_asym_id 
_struct_site.pdbx_auth_comp_id 
_struct_site.pdbx_auth_seq_id 
_struct_site.pdbx_auth_ins_code 
_struct_site.pdbx_num_residues 
_struct_site.details 
AC1 Software A CD 101 ? 3 'binding site for residue CD A 101' 
AC2 Software A CD 102 ? 3 'binding site for residue CD A 102' 
AC3 Software B CD 501 ? 1 'binding site for residue CD B 501' 
# 
loop_
_struct_site_gen.id 
_struct_site_gen.site_id 
_struct_site_gen.pdbx_num_res 
_struct_site_gen.label_comp_id 
_struct_site_gen.label_asym_id 
_struct_site_gen.label_seq_id 
_struct_site_gen.pdbx_auth_ins_code 
_struct_site_gen.auth_comp_id 
_struct_site_gen.auth_asym_id 
_struct_site_gen.auth_seq_id 
_struct_site_gen.label_atom_id 
_struct_site_gen.label_alt_id 
_struct_site_gen.symmetry 
_struct_site_gen.details 
1 AC1 3 ASP A 54 ? ASP A 51  . ? 1_555  ? 
2 AC1 3 HOH F .  ? HOH A 213 . ? 1_555  ? 
3 AC1 3 ASP B 72 ? ASP B 69  . ? 3_555  ? 
4 AC2 3 HIS A 19 ? HIS A 16  . ? 1_555  ? 
5 AC2 3 LYS A 40 ? LYS A 37  . ? 11_555 ? 
6 AC2 3 HOH F .  ? HOH A 235 . ? 11_555 ? 
7 AC3 1 GLU B 25 ? GLU B 22  . ? 1_555  ? 
# 
loop_
_pdbx_validate_close_contact.id 
_pdbx_validate_close_contact.PDB_model_num 
_pdbx_validate_close_contact.auth_atom_id_1 
_pdbx_validate_close_contact.auth_asym_id_1 
_pdbx_validate_close_contact.auth_comp_id_1 
_pdbx_validate_close_contact.auth_seq_id_1 
_pdbx_validate_close_contact.PDB_ins_code_1 
_pdbx_validate_close_contact.label_alt_id_1 
_pdbx_validate_close_contact.auth_atom_id_2 
_pdbx_validate_close_contact.auth_asym_id_2 
_pdbx_validate_close_contact.auth_comp_id_2 
_pdbx_validate_close_contact.auth_seq_id_2 
_pdbx_validate_close_contact.PDB_ins_code_2 
_pdbx_validate_close_contact.label_alt_id_2 
_pdbx_validate_close_contact.dist 
1 1 CD  A CD  101 ? ? O A HOH 213 ? ? 1.44 
2 1 NH1 A ARG 11  ? ? O A HOH 201 ? ? 1.72 
3 1 OD2 A ASP 52  ? ? O A HOH 202 ? ? 2.05 
4 1 O   B HOH 606 ? ? O B HOH 617 ? ? 2.09 
5 1 ND2 A ASN 70  ? ? O A HOH 203 ? ? 2.12 
6 1 OE1 A GLU 73  ? ? O A HOH 204 ? ? 2.13 
7 1 CZ  A ARG 11  ? ? O A HOH 201 ? ? 2.14 
# 
loop_
_pdbx_validate_symm_contact.id 
_pdbx_validate_symm_contact.PDB_model_num 
_pdbx_validate_symm_contact.auth_atom_id_1 
_pdbx_validate_symm_contact.auth_asym_id_1 
_pdbx_validate_symm_contact.auth_comp_id_1 
_pdbx_validate_symm_contact.auth_seq_id_1 
_pdbx_validate_symm_contact.PDB_ins_code_1 
_pdbx_validate_symm_contact.label_alt_id_1 
_pdbx_validate_symm_contact.site_symmetry_1 
_pdbx_validate_symm_contact.auth_atom_id_2 
_pdbx_validate_symm_contact.auth_asym_id_2 
_pdbx_validate_symm_contact.auth_comp_id_2 
_pdbx_validate_symm_contact.auth_seq_id_2 
_pdbx_validate_symm_contact.PDB_ins_code_2 
_pdbx_validate_symm_contact.label_alt_id_2 
_pdbx_validate_symm_contact.site_symmetry_2 
_pdbx_validate_symm_contact.dist 
1 1 NE2 A GLN 74 ? ? 1_555 NE2 A GLN 74 ? ? 11_555 1.64 
2 1 CD1 A ILE 25 ? ? 1_555 CD1 A ILE 25 ? ? 12_565 2.18 
# 
loop_
_pdbx_validate_torsion.id 
_pdbx_validate_torsion.PDB_model_num 
_pdbx_validate_torsion.auth_comp_id 
_pdbx_validate_torsion.auth_asym_id 
_pdbx_validate_torsion.auth_seq_id 
_pdbx_validate_torsion.PDB_ins_code 
_pdbx_validate_torsion.label_alt_id 
_pdbx_validate_torsion.phi 
_pdbx_validate_torsion.psi 
1 1 SER A 10 ? ? -138.49 -54.53  
2 1 THR A 50 ? ? -67.61  -133.68 
3 1 LEU A 82 ? ? -39.10  132.73  
4 1 THR B 50 ? ? -67.38  -137.45 
5 1 LEU B 81 ? ? -36.94  -37.60  
# 
loop_
_pdbx_struct_special_symmetry.id 
_pdbx_struct_special_symmetry.PDB_model_num 
_pdbx_struct_special_symmetry.auth_asym_id 
_pdbx_struct_special_symmetry.auth_comp_id 
_pdbx_struct_special_symmetry.auth_seq_id 
_pdbx_struct_special_symmetry.PDB_ins_code 
_pdbx_struct_special_symmetry.label_asym_id 
_pdbx_struct_special_symmetry.label_comp_id 
_pdbx_struct_special_symmetry.label_seq_id 
1 1 A HOH 282 ? F HOH . 
2 1 A HOH 285 ? F HOH . 
3 1 B HOH 646 ? G HOH . 
4 1 B HOH 677 ? G HOH . 
5 1 B HOH 679 ? G HOH . 
6 1 B HOH 682 ? G HOH . 
7 1 B HOH 686 ? G HOH . 
# 
loop_
_pdbx_distant_solvent_atoms.id 
_pdbx_distant_solvent_atoms.PDB_model_num 
_pdbx_distant_solvent_atoms.auth_atom_id 
_pdbx_distant_solvent_atoms.label_alt_id 
_pdbx_distant_solvent_atoms.auth_asym_id 
_pdbx_distant_solvent_atoms.auth_comp_id 
_pdbx_distant_solvent_atoms.auth_seq_id 
_pdbx_distant_solvent_atoms.PDB_ins_code 
_pdbx_distant_solvent_atoms.neighbor_macromolecule_distance 
_pdbx_distant_solvent_atoms.neighbor_ligand_distance 
1  1 O ? A HOH 274 ? 6.12 . 
2  1 O ? A HOH 275 ? 6.58 . 
3  1 O ? A HOH 276 ? 6.65 . 
4  1 O ? A HOH 277 ? 6.83 . 
5  1 O ? A HOH 278 ? 7.15 . 
6  1 O ? A HOH 279 ? 7.34 . 
7  1 O ? A HOH 280 ? 7.49 . 
8  1 O ? A HOH 281 ? 7.79 . 
9  1 O ? A HOH 282 ? 7.83 . 
10 1 O ? A HOH 283 ? 7.84 . 
11 1 O ? A HOH 284 ? 8.84 . 
12 1 O ? A HOH 285 ? 9.05 . 
13 1 O ? B HOH 678 ? 6.03 . 
14 1 O ? B HOH 679 ? 6.54 . 
15 1 O ? B HOH 680 ? 6.96 . 
16 1 O ? B HOH 681 ? 7.98 . 
17 1 O ? B HOH 682 ? 8.32 . 
18 1 O ? B HOH 683 ? 8.40 . 
19 1 O ? B HOH 684 ? 8.44 . 
20 1 O ? B HOH 685 ? 9.12 . 
21 1 O ? B HOH 686 ? 9.88 . 
# 
loop_
_pdbx_unobs_or_zero_occ_residues.id 
_pdbx_unobs_or_zero_occ_residues.PDB_model_num 
_pdbx_unobs_or_zero_occ_residues.polymer_flag 
_pdbx_unobs_or_zero_occ_residues.occupancy_flag 
_pdbx_unobs_or_zero_occ_residues.auth_asym_id 
_pdbx_unobs_or_zero_occ_residues.auth_comp_id 
_pdbx_unobs_or_zero_occ_residues.auth_seq_id 
_pdbx_unobs_or_zero_occ_residues.PDB_ins_code 
_pdbx_unobs_or_zero_occ_residues.label_asym_id 
_pdbx_unobs_or_zero_occ_residues.label_comp_id 
_pdbx_unobs_or_zero_occ_residues.label_seq_id 
1  1 Y 1 A GLY -2 ? A GLY 1  
2  1 Y 1 A SER -1 ? A SER 2  
3  1 Y 1 A HIS 0  ? A HIS 3  
4  1 Y 1 A MET 1  ? A MET 4  
5  1 Y 1 A ASP 2  ? A ASP 5  
6  1 Y 1 A PRO 3  ? A PRO 6  
7  1 Y 1 A LYS 4  ? A LYS 7  
8  1 Y 1 A LEU 5  ? A LEU 8  
9  1 Y 1 A PRO 6  ? A PRO 9  
10 1 Y 1 A GLU 7  ? A GLU 10 
11 1 Y 1 A THR 8  ? A THR 11 
12 1 Y 1 A ASP 84 ? A ASP 87 
13 1 Y 1 A LEU 85 ? A LEU 88 
14 1 Y 1 A ASN 86 ? A ASN 89 
15 1 Y 1 A ASP 87 ? A ASP 90 
16 1 Y 1 A GLU 88 ? A GLU 91 
17 1 Y 1 A LYS 89 ? A LYS 92 
18 1 Y 1 A ASN 90 ? A ASN 93 
19 1 Y 1 B GLY -2 ? B GLY 1  
20 1 Y 1 B SER -1 ? B SER 2  
21 1 Y 1 B HIS 0  ? B HIS 3  
22 1 Y 1 B MET 1  ? B MET 4  
23 1 Y 1 B ASP 2  ? B ASP 5  
24 1 Y 1 B PRO 3  ? B PRO 6  
25 1 Y 1 B LYS 4  ? B LYS 7  
26 1 Y 1 B LEU 5  ? B LEU 8  
27 1 Y 1 B PRO 6  ? B PRO 9  
28 1 Y 1 B GLU 7  ? B GLU 10 
29 1 Y 1 B THR 8  ? B THR 11 
30 1 Y 1 B SER 9  ? B SER 12 
31 1 Y 1 B SER 10 ? B SER 13 
32 1 Y 1 B ARG 11 ? B ARG 14 
33 1 Y 1 B GLN 12 ? B GLN 15 
34 1 Y 1 B PRO 13 ? B PRO 16 
35 1 Y 1 B VAL 14 ? B VAL 17 
36 1 Y 1 B TYR 15 ? B TYR 18 
37 1 Y 1 B HIS 16 ? B HIS 19 
38 1 Y 1 B ASN 86 ? B ASN 89 
39 1 Y 1 B ASP 87 ? B ASP 90 
40 1 Y 1 B GLU 88 ? B GLU 91 
41 1 Y 1 B LYS 89 ? B LYS 92 
42 1 Y 1 B ASN 90 ? B ASN 93 
# 
loop_
_chem_comp_atom.comp_id 
_chem_comp_atom.atom_id 
_chem_comp_atom.type_symbol 
_chem_comp_atom.pdbx_aromatic_flag 
_chem_comp_atom.pdbx_stereo_config 
_chem_comp_atom.pdbx_ordinal 
ALA N    N  N N 1   
ALA CA   C  N S 2   
ALA C    C  N N 3   
ALA O    O  N N 4   
ALA CB   C  N N 5   
ALA OXT  O  N N 6   
ALA H    H  N N 7   
ALA H2   H  N N 8   
ALA HA   H  N N 9   
ALA HB1  H  N N 10  
ALA HB2  H  N N 11  
ALA HB3  H  N N 12  
ALA HXT  H  N N 13  
ARG N    N  N N 14  
ARG CA   C  N S 15  
ARG C    C  N N 16  
ARG O    O  N N 17  
ARG CB   C  N N 18  
ARG CG   C  N N 19  
ARG CD   C  N N 20  
ARG NE   N  N N 21  
ARG CZ   C  N N 22  
ARG NH1  N  N N 23  
ARG NH2  N  N N 24  
ARG OXT  O  N N 25  
ARG H    H  N N 26  
ARG H2   H  N N 27  
ARG HA   H  N N 28  
ARG HB2  H  N N 29  
ARG HB3  H  N N 30  
ARG HG2  H  N N 31  
ARG HG3  H  N N 32  
ARG HD2  H  N N 33  
ARG HD3  H  N N 34  
ARG HE   H  N N 35  
ARG HH11 H  N N 36  
ARG HH12 H  N N 37  
ARG HH21 H  N N 38  
ARG HH22 H  N N 39  
ARG HXT  H  N N 40  
ASN N    N  N N 41  
ASN CA   C  N S 42  
ASN C    C  N N 43  
ASN O    O  N N 44  
ASN CB   C  N N 45  
ASN CG   C  N N 46  
ASN OD1  O  N N 47  
ASN ND2  N  N N 48  
ASN OXT  O  N N 49  
ASN H    H  N N 50  
ASN H2   H  N N 51  
ASN HA   H  N N 52  
ASN HB2  H  N N 53  
ASN HB3  H  N N 54  
ASN HD21 H  N N 55  
ASN HD22 H  N N 56  
ASN HXT  H  N N 57  
ASP N    N  N N 58  
ASP CA   C  N S 59  
ASP C    C  N N 60  
ASP O    O  N N 61  
ASP CB   C  N N 62  
ASP CG   C  N N 63  
ASP OD1  O  N N 64  
ASP OD2  O  N N 65  
ASP OXT  O  N N 66  
ASP H    H  N N 67  
ASP H2   H  N N 68  
ASP HA   H  N N 69  
ASP HB2  H  N N 70  
ASP HB3  H  N N 71  
ASP HD2  H  N N 72  
ASP HXT  H  N N 73  
CD  CD   CD N N 74  
GLN N    N  N N 75  
GLN CA   C  N S 76  
GLN C    C  N N 77  
GLN O    O  N N 78  
GLN CB   C  N N 79  
GLN CG   C  N N 80  
GLN CD   C  N N 81  
GLN OE1  O  N N 82  
GLN NE2  N  N N 83  
GLN OXT  O  N N 84  
GLN H    H  N N 85  
GLN H2   H  N N 86  
GLN HA   H  N N 87  
GLN HB2  H  N N 88  
GLN HB3  H  N N 89  
GLN HG2  H  N N 90  
GLN HG3  H  N N 91  
GLN HE21 H  N N 92  
GLN HE22 H  N N 93  
GLN HXT  H  N N 94  
GLU N    N  N N 95  
GLU CA   C  N S 96  
GLU C    C  N N 97  
GLU O    O  N N 98  
GLU CB   C  N N 99  
GLU CG   C  N N 100 
GLU CD   C  N N 101 
GLU OE1  O  N N 102 
GLU OE2  O  N N 103 
GLU OXT  O  N N 104 
GLU H    H  N N 105 
GLU H2   H  N N 106 
GLU HA   H  N N 107 
GLU HB2  H  N N 108 
GLU HB3  H  N N 109 
GLU HG2  H  N N 110 
GLU HG3  H  N N 111 
GLU HE2  H  N N 112 
GLU HXT  H  N N 113 
GLY N    N  N N 114 
GLY CA   C  N N 115 
GLY C    C  N N 116 
GLY O    O  N N 117 
GLY OXT  O  N N 118 
GLY H    H  N N 119 
GLY H2   H  N N 120 
GLY HA2  H  N N 121 
GLY HA3  H  N N 122 
GLY HXT  H  N N 123 
HIS N    N  N N 124 
HIS CA   C  N S 125 
HIS C    C  N N 126 
HIS O    O  N N 127 
HIS CB   C  N N 128 
HIS CG   C  Y N 129 
HIS ND1  N  Y N 130 
HIS CD2  C  Y N 131 
HIS CE1  C  Y N 132 
HIS NE2  N  Y N 133 
HIS OXT  O  N N 134 
HIS H    H  N N 135 
HIS H2   H  N N 136 
HIS HA   H  N N 137 
HIS HB2  H  N N 138 
HIS HB3  H  N N 139 
HIS HD1  H  N N 140 
HIS HD2  H  N N 141 
HIS HE1  H  N N 142 
HIS HE2  H  N N 143 
HIS HXT  H  N N 144 
HOH O    O  N N 145 
HOH H1   H  N N 146 
HOH H2   H  N N 147 
ILE N    N  N N 148 
ILE CA   C  N S 149 
ILE C    C  N N 150 
ILE O    O  N N 151 
ILE CB   C  N S 152 
ILE CG1  C  N N 153 
ILE CG2  C  N N 154 
ILE CD1  C  N N 155 
ILE OXT  O  N N 156 
ILE H    H  N N 157 
ILE H2   H  N N 158 
ILE HA   H  N N 159 
ILE HB   H  N N 160 
ILE HG12 H  N N 161 
ILE HG13 H  N N 162 
ILE HG21 H  N N 163 
ILE HG22 H  N N 164 
ILE HG23 H  N N 165 
ILE HD11 H  N N 166 
ILE HD12 H  N N 167 
ILE HD13 H  N N 168 
ILE HXT  H  N N 169 
LEU N    N  N N 170 
LEU CA   C  N S 171 
LEU C    C  N N 172 
LEU O    O  N N 173 
LEU CB   C  N N 174 
LEU CG   C  N N 175 
LEU CD1  C  N N 176 
LEU CD2  C  N N 177 
LEU OXT  O  N N 178 
LEU H    H  N N 179 
LEU H2   H  N N 180 
LEU HA   H  N N 181 
LEU HB2  H  N N 182 
LEU HB3  H  N N 183 
LEU HG   H  N N 184 
LEU HD11 H  N N 185 
LEU HD12 H  N N 186 
LEU HD13 H  N N 187 
LEU HD21 H  N N 188 
LEU HD22 H  N N 189 
LEU HD23 H  N N 190 
LEU HXT  H  N N 191 
LYS N    N  N N 192 
LYS CA   C  N S 193 
LYS C    C  N N 194 
LYS O    O  N N 195 
LYS CB   C  N N 196 
LYS CG   C  N N 197 
LYS CD   C  N N 198 
LYS CE   C  N N 199 
LYS NZ   N  N N 200 
LYS OXT  O  N N 201 
LYS H    H  N N 202 
LYS H2   H  N N 203 
LYS HA   H  N N 204 
LYS HB2  H  N N 205 
LYS HB3  H  N N 206 
LYS HG2  H  N N 207 
LYS HG3  H  N N 208 
LYS HD2  H  N N 209 
LYS HD3  H  N N 210 
LYS HE2  H  N N 211 
LYS HE3  H  N N 212 
LYS HZ1  H  N N 213 
LYS HZ2  H  N N 214 
LYS HZ3  H  N N 215 
LYS HXT  H  N N 216 
MET N    N  N N 217 
MET CA   C  N S 218 
MET C    C  N N 219 
MET O    O  N N 220 
MET CB   C  N N 221 
MET CG   C  N N 222 
MET SD   S  N N 223 
MET CE   C  N N 224 
MET OXT  O  N N 225 
MET H    H  N N 226 
MET H2   H  N N 227 
MET HA   H  N N 228 
MET HB2  H  N N 229 
MET HB3  H  N N 230 
MET HG2  H  N N 231 
MET HG3  H  N N 232 
MET HE1  H  N N 233 
MET HE2  H  N N 234 
MET HE3  H  N N 235 
MET HXT  H  N N 236 
PRO N    N  N N 237 
PRO CA   C  N S 238 
PRO C    C  N N 239 
PRO O    O  N N 240 
PRO CB   C  N N 241 
PRO CG   C  N N 242 
PRO CD   C  N N 243 
PRO OXT  O  N N 244 
PRO H    H  N N 245 
PRO HA   H  N N 246 
PRO HB2  H  N N 247 
PRO HB3  H  N N 248 
PRO HG2  H  N N 249 
PRO HG3  H  N N 250 
PRO HD2  H  N N 251 
PRO HD3  H  N N 252 
PRO HXT  H  N N 253 
SER N    N  N N 254 
SER CA   C  N S 255 
SER C    C  N N 256 
SER O    O  N N 257 
SER CB   C  N N 258 
SER OG   O  N N 259 
SER OXT  O  N N 260 
SER H    H  N N 261 
SER H2   H  N N 262 
SER HA   H  N N 263 
SER HB2  H  N N 264 
SER HB3  H  N N 265 
SER HG   H  N N 266 
SER HXT  H  N N 267 
THR N    N  N N 268 
THR CA   C  N S 269 
THR C    C  N N 270 
THR O    O  N N 271 
THR CB   C  N R 272 
THR OG1  O  N N 273 
THR CG2  C  N N 274 
THR OXT  O  N N 275 
THR H    H  N N 276 
THR H2   H  N N 277 
THR HA   H  N N 278 
THR HB   H  N N 279 
THR HG1  H  N N 280 
THR HG21 H  N N 281 
THR HG22 H  N N 282 
THR HG23 H  N N 283 
THR HXT  H  N N 284 
TYR N    N  N N 285 
TYR CA   C  N S 286 
TYR C    C  N N 287 
TYR O    O  N N 288 
TYR CB   C  N N 289 
TYR CG   C  Y N 290 
TYR CD1  C  Y N 291 
TYR CD2  C  Y N 292 
TYR CE1  C  Y N 293 
TYR CE2  C  Y N 294 
TYR CZ   C  Y N 295 
TYR OH   O  N N 296 
TYR OXT  O  N N 297 
TYR H    H  N N 298 
TYR H2   H  N N 299 
TYR HA   H  N N 300 
TYR HB2  H  N N 301 
TYR HB3  H  N N 302 
TYR HD1  H  N N 303 
TYR HD2  H  N N 304 
TYR HE1  H  N N 305 
TYR HE2  H  N N 306 
TYR HH   H  N N 307 
TYR HXT  H  N N 308 
VAL N    N  N N 309 
VAL CA   C  N S 310 
VAL C    C  N N 311 
VAL O    O  N N 312 
VAL CB   C  N N 313 
VAL CG1  C  N N 314 
VAL CG2  C  N N 315 
VAL OXT  O  N N 316 
VAL H    H  N N 317 
VAL H2   H  N N 318 
VAL HA   H  N N 319 
VAL HB   H  N N 320 
VAL HG11 H  N N 321 
VAL HG12 H  N N 322 
VAL HG13 H  N N 323 
VAL HG21 H  N N 324 
VAL HG22 H  N N 325 
VAL HG23 H  N N 326 
VAL HXT  H  N N 327 
# 
loop_
_chem_comp_bond.comp_id 
_chem_comp_bond.atom_id_1 
_chem_comp_bond.atom_id_2 
_chem_comp_bond.value_order 
_chem_comp_bond.pdbx_aromatic_flag 
_chem_comp_bond.pdbx_stereo_config 
_chem_comp_bond.pdbx_ordinal 
ALA N   CA   sing N N 1   
ALA N   H    sing N N 2   
ALA N   H2   sing N N 3   
ALA CA  C    sing N N 4   
ALA CA  CB   sing N N 5   
ALA CA  HA   sing N N 6   
ALA C   O    doub N N 7   
ALA C   OXT  sing N N 8   
ALA CB  HB1  sing N N 9   
ALA CB  HB2  sing N N 10  
ALA CB  HB3  sing N N 11  
ALA OXT HXT  sing N N 12  
ARG N   CA   sing N N 13  
ARG N   H    sing N N 14  
ARG N   H2   sing N N 15  
ARG CA  C    sing N N 16  
ARG CA  CB   sing N N 17  
ARG CA  HA   sing N N 18  
ARG C   O    doub N N 19  
ARG C   OXT  sing N N 20  
ARG CB  CG   sing N N 21  
ARG CB  HB2  sing N N 22  
ARG CB  HB3  sing N N 23  
ARG CG  CD   sing N N 24  
ARG CG  HG2  sing N N 25  
ARG CG  HG3  sing N N 26  
ARG CD  NE   sing N N 27  
ARG CD  HD2  sing N N 28  
ARG CD  HD3  sing N N 29  
ARG NE  CZ   sing N N 30  
ARG NE  HE   sing N N 31  
ARG CZ  NH1  sing N N 32  
ARG CZ  NH2  doub N N 33  
ARG NH1 HH11 sing N N 34  
ARG NH1 HH12 sing N N 35  
ARG NH2 HH21 sing N N 36  
ARG NH2 HH22 sing N N 37  
ARG OXT HXT  sing N N 38  
ASN N   CA   sing N N 39  
ASN N   H    sing N N 40  
ASN N   H2   sing N N 41  
ASN CA  C    sing N N 42  
ASN CA  CB   sing N N 43  
ASN CA  HA   sing N N 44  
ASN C   O    doub N N 45  
ASN C   OXT  sing N N 46  
ASN CB  CG   sing N N 47  
ASN CB  HB2  sing N N 48  
ASN CB  HB3  sing N N 49  
ASN CG  OD1  doub N N 50  
ASN CG  ND2  sing N N 51  
ASN ND2 HD21 sing N N 52  
ASN ND2 HD22 sing N N 53  
ASN OXT HXT  sing N N 54  
ASP N   CA   sing N N 55  
ASP N   H    sing N N 56  
ASP N   H2   sing N N 57  
ASP CA  C    sing N N 58  
ASP CA  CB   sing N N 59  
ASP CA  HA   sing N N 60  
ASP C   O    doub N N 61  
ASP C   OXT  sing N N 62  
ASP CB  CG   sing N N 63  
ASP CB  HB2  sing N N 64  
ASP CB  HB3  sing N N 65  
ASP CG  OD1  doub N N 66  
ASP CG  OD2  sing N N 67  
ASP OD2 HD2  sing N N 68  
ASP OXT HXT  sing N N 69  
GLN N   CA   sing N N 70  
GLN N   H    sing N N 71  
GLN N   H2   sing N N 72  
GLN CA  C    sing N N 73  
GLN CA  CB   sing N N 74  
GLN CA  HA   sing N N 75  
GLN C   O    doub N N 76  
GLN C   OXT  sing N N 77  
GLN CB  CG   sing N N 78  
GLN CB  HB2  sing N N 79  
GLN CB  HB3  sing N N 80  
GLN CG  CD   sing N N 81  
GLN CG  HG2  sing N N 82  
GLN CG  HG3  sing N N 83  
GLN CD  OE1  doub N N 84  
GLN CD  NE2  sing N N 85  
GLN NE2 HE21 sing N N 86  
GLN NE2 HE22 sing N N 87  
GLN OXT HXT  sing N N 88  
GLU N   CA   sing N N 89  
GLU N   H    sing N N 90  
GLU N   H2   sing N N 91  
GLU CA  C    sing N N 92  
GLU CA  CB   sing N N 93  
GLU CA  HA   sing N N 94  
GLU C   O    doub N N 95  
GLU C   OXT  sing N N 96  
GLU CB  CG   sing N N 97  
GLU CB  HB2  sing N N 98  
GLU CB  HB3  sing N N 99  
GLU CG  CD   sing N N 100 
GLU CG  HG2  sing N N 101 
GLU CG  HG3  sing N N 102 
GLU CD  OE1  doub N N 103 
GLU CD  OE2  sing N N 104 
GLU OE2 HE2  sing N N 105 
GLU OXT HXT  sing N N 106 
GLY N   CA   sing N N 107 
GLY N   H    sing N N 108 
GLY N   H2   sing N N 109 
GLY CA  C    sing N N 110 
GLY CA  HA2  sing N N 111 
GLY CA  HA3  sing N N 112 
GLY C   O    doub N N 113 
GLY C   OXT  sing N N 114 
GLY OXT HXT  sing N N 115 
HIS N   CA   sing N N 116 
HIS N   H    sing N N 117 
HIS N   H2   sing N N 118 
HIS CA  C    sing N N 119 
HIS CA  CB   sing N N 120 
HIS CA  HA   sing N N 121 
HIS C   O    doub N N 122 
HIS C   OXT  sing N N 123 
HIS CB  CG   sing N N 124 
HIS CB  HB2  sing N N 125 
HIS CB  HB3  sing N N 126 
HIS CG  ND1  sing Y N 127 
HIS CG  CD2  doub Y N 128 
HIS ND1 CE1  doub Y N 129 
HIS ND1 HD1  sing N N 130 
HIS CD2 NE2  sing Y N 131 
HIS CD2 HD2  sing N N 132 
HIS CE1 NE2  sing Y N 133 
HIS CE1 HE1  sing N N 134 
HIS NE2 HE2  sing N N 135 
HIS OXT HXT  sing N N 136 
HOH O   H1   sing N N 137 
HOH O   H2   sing N N 138 
ILE N   CA   sing N N 139 
ILE N   H    sing N N 140 
ILE N   H2   sing N N 141 
ILE CA  C    sing N N 142 
ILE CA  CB   sing N N 143 
ILE CA  HA   sing N N 144 
ILE C   O    doub N N 145 
ILE C   OXT  sing N N 146 
ILE CB  CG1  sing N N 147 
ILE CB  CG2  sing N N 148 
ILE CB  HB   sing N N 149 
ILE CG1 CD1  sing N N 150 
ILE CG1 HG12 sing N N 151 
ILE CG1 HG13 sing N N 152 
ILE CG2 HG21 sing N N 153 
ILE CG2 HG22 sing N N 154 
ILE CG2 HG23 sing N N 155 
ILE CD1 HD11 sing N N 156 
ILE CD1 HD12 sing N N 157 
ILE CD1 HD13 sing N N 158 
ILE OXT HXT  sing N N 159 
LEU N   CA   sing N N 160 
LEU N   H    sing N N 161 
LEU N   H2   sing N N 162 
LEU CA  C    sing N N 163 
LEU CA  CB   sing N N 164 
LEU CA  HA   sing N N 165 
LEU C   O    doub N N 166 
LEU C   OXT  sing N N 167 
LEU CB  CG   sing N N 168 
LEU CB  HB2  sing N N 169 
LEU CB  HB3  sing N N 170 
LEU CG  CD1  sing N N 171 
LEU CG  CD2  sing N N 172 
LEU CG  HG   sing N N 173 
LEU CD1 HD11 sing N N 174 
LEU CD1 HD12 sing N N 175 
LEU CD1 HD13 sing N N 176 
LEU CD2 HD21 sing N N 177 
LEU CD2 HD22 sing N N 178 
LEU CD2 HD23 sing N N 179 
LEU OXT HXT  sing N N 180 
LYS N   CA   sing N N 181 
LYS N   H    sing N N 182 
LYS N   H2   sing N N 183 
LYS CA  C    sing N N 184 
LYS CA  CB   sing N N 185 
LYS CA  HA   sing N N 186 
LYS C   O    doub N N 187 
LYS C   OXT  sing N N 188 
LYS CB  CG   sing N N 189 
LYS CB  HB2  sing N N 190 
LYS CB  HB3  sing N N 191 
LYS CG  CD   sing N N 192 
LYS CG  HG2  sing N N 193 
LYS CG  HG3  sing N N 194 
LYS CD  CE   sing N N 195 
LYS CD  HD2  sing N N 196 
LYS CD  HD3  sing N N 197 
LYS CE  NZ   sing N N 198 
LYS CE  HE2  sing N N 199 
LYS CE  HE3  sing N N 200 
LYS NZ  HZ1  sing N N 201 
LYS NZ  HZ2  sing N N 202 
LYS NZ  HZ3  sing N N 203 
LYS OXT HXT  sing N N 204 
MET N   CA   sing N N 205 
MET N   H    sing N N 206 
MET N   H2   sing N N 207 
MET CA  C    sing N N 208 
MET CA  CB   sing N N 209 
MET CA  HA   sing N N 210 
MET C   O    doub N N 211 
MET C   OXT  sing N N 212 
MET CB  CG   sing N N 213 
MET CB  HB2  sing N N 214 
MET CB  HB3  sing N N 215 
MET CG  SD   sing N N 216 
MET CG  HG2  sing N N 217 
MET CG  HG3  sing N N 218 
MET SD  CE   sing N N 219 
MET CE  HE1  sing N N 220 
MET CE  HE2  sing N N 221 
MET CE  HE3  sing N N 222 
MET OXT HXT  sing N N 223 
PRO N   CA   sing N N 224 
PRO N   CD   sing N N 225 
PRO N   H    sing N N 226 
PRO CA  C    sing N N 227 
PRO CA  CB   sing N N 228 
PRO CA  HA   sing N N 229 
PRO C   O    doub N N 230 
PRO C   OXT  sing N N 231 
PRO CB  CG   sing N N 232 
PRO CB  HB2  sing N N 233 
PRO CB  HB3  sing N N 234 
PRO CG  CD   sing N N 235 
PRO CG  HG2  sing N N 236 
PRO CG  HG3  sing N N 237 
PRO CD  HD2  sing N N 238 
PRO CD  HD3  sing N N 239 
PRO OXT HXT  sing N N 240 
SER N   CA   sing N N 241 
SER N   H    sing N N 242 
SER N   H2   sing N N 243 
SER CA  C    sing N N 244 
SER CA  CB   sing N N 245 
SER CA  HA   sing N N 246 
SER C   O    doub N N 247 
SER C   OXT  sing N N 248 
SER CB  OG   sing N N 249 
SER CB  HB2  sing N N 250 
SER CB  HB3  sing N N 251 
SER OG  HG   sing N N 252 
SER OXT HXT  sing N N 253 
THR N   CA   sing N N 254 
THR N   H    sing N N 255 
THR N   H2   sing N N 256 
THR CA  C    sing N N 257 
THR CA  CB   sing N N 258 
THR CA  HA   sing N N 259 
THR C   O    doub N N 260 
THR C   OXT  sing N N 261 
THR CB  OG1  sing N N 262 
THR CB  CG2  sing N N 263 
THR CB  HB   sing N N 264 
THR OG1 HG1  sing N N 265 
THR CG2 HG21 sing N N 266 
THR CG2 HG22 sing N N 267 
THR CG2 HG23 sing N N 268 
THR OXT HXT  sing N N 269 
TYR N   CA   sing N N 270 
TYR N   H    sing N N 271 
TYR N   H2   sing N N 272 
TYR CA  C    sing N N 273 
TYR CA  CB   sing N N 274 
TYR CA  HA   sing N N 275 
TYR C   O    doub N N 276 
TYR C   OXT  sing N N 277 
TYR CB  CG   sing N N 278 
TYR CB  HB2  sing N N 279 
TYR CB  HB3  sing N N 280 
TYR CG  CD1  doub Y N 281 
TYR CG  CD2  sing Y N 282 
TYR CD1 CE1  sing Y N 283 
TYR CD1 HD1  sing N N 284 
TYR CD2 CE2  doub Y N 285 
TYR CD2 HD2  sing N N 286 
TYR CE1 CZ   doub Y N 287 
TYR CE1 HE1  sing N N 288 
TYR CE2 CZ   sing Y N 289 
TYR CE2 HE2  sing N N 290 
TYR CZ  OH   sing N N 291 
TYR OH  HH   sing N N 292 
TYR OXT HXT  sing N N 293 
VAL N   CA   sing N N 294 
VAL N   H    sing N N 295 
VAL N   H2   sing N N 296 
VAL CA  C    sing N N 297 
VAL CA  CB   sing N N 298 
VAL CA  HA   sing N N 299 
VAL C   O    doub N N 300 
VAL C   OXT  sing N N 301 
VAL CB  CG1  sing N N 302 
VAL CB  CG2  sing N N 303 
VAL CB  HB   sing N N 304 
VAL CG1 HG11 sing N N 305 
VAL CG1 HG12 sing N N 306 
VAL CG1 HG13 sing N N 307 
VAL CG2 HG21 sing N N 308 
VAL CG2 HG22 sing N N 309 
VAL CG2 HG23 sing N N 310 
VAL OXT HXT  sing N N 311 
# 
loop_
_pdbx_audit_support.funding_organization 
_pdbx_audit_support.country 
_pdbx_audit_support.grant_number 
_pdbx_audit_support.ordinal 
'Ministry of Science and Technology (Taiwan)' Taiwan 107-2313-B-038-001        1 
'Ministry of Science and Technology (Taiwan)' Taiwan MOST106-2311-B-038-002    2 
'Ministry of Science and Technology (Taiwan)' Taiwan NSC103-2311-B-038-005-MY3 3 
# 
_atom_sites.entry_id                    6INR 
_atom_sites.fract_transf_matrix[1][1]   0.00486688 
_atom_sites.fract_transf_matrix[1][2]   -0.01702146 
_atom_sites.fract_transf_matrix[1][3]   -0.00144641 
_atom_sites.fract_transf_matrix[2][1]   0.01511791 
_atom_sites.fract_transf_matrix[2][2]   -0.00423943 
_atom_sites.fract_transf_matrix[2][3]   -0.00830663 
_atom_sites.fract_transf_matrix[3][1]   0.00255917 
_atom_sites.fract_transf_matrix[3][2]   0.00035118 
_atom_sites.fract_transf_matrix[3][3]   0.00447842 
_atom_sites.fract_transf_vector[1]      0.063630 
_atom_sites.fract_transf_vector[2]      0.323850 
_atom_sites.fract_transf_vector[3]      0.144426 
# 
loop_
_atom_type.symbol 
C  
CD 
N  
O  
# 
loop_
_atom_site.group_PDB 
_atom_site.id 
_atom_site.type_symbol 
_atom_site.label_atom_id 
_atom_site.label_alt_id 
_atom_site.label_comp_id 
_atom_site.label_asym_id 
_atom_site.label_entity_id 
_atom_site.label_seq_id 
_atom_site.pdbx_PDB_ins_code 
_atom_site.Cartn_x 
_atom_site.Cartn_y 
_atom_site.Cartn_z 
_atom_site.occupancy 
_atom_site.B_iso_or_equiv 
_atom_site.pdbx_formal_charge 
_atom_site.auth_seq_id 
_atom_site.auth_comp_id 
_atom_site.auth_asym_id 
_atom_site.auth_atom_id 
_atom_site.pdbx_PDB_model_num 
ATOM   1    N  N   . SER A 1 12 ? 34.908  4.849   33.150  1.00 82.44  ? 9   SER A N   1 
ATOM   2    C  CA  . SER A 1 12 ? 34.789  3.464   32.569  1.00 83.26  ? 9   SER A CA  1 
ATOM   3    C  C   . SER A 1 12 ? 33.334  2.995   32.425  1.00 81.81  ? 9   SER A C   1 
ATOM   4    O  O   . SER A 1 12 ? 33.060  1.792   32.377  1.00 77.53  ? 9   SER A O   1 
ATOM   5    C  CB  . SER A 1 12 ? 35.592  2.443   33.393  1.00 82.77  ? 9   SER A CB  1 
ATOM   6    O  OG  . SER A 1 12 ? 36.994  2.604   33.212  1.00 80.21  ? 9   SER A OG  1 
ATOM   7    N  N   . SER A 1 13 ? 32.419  3.957   32.328  1.00 82.38  ? 10  SER A N   1 
ATOM   8    C  CA  . SER A 1 13 ? 30.969  3.656   32.239  1.00 81.69  ? 10  SER A CA  1 
ATOM   9    C  C   . SER A 1 13 ? 30.171  4.501   31.234  1.00 77.43  ? 10  SER A C   1 
ATOM   10   O  O   . SER A 1 13 ? 29.452  3.964   30.377  1.00 75.29  ? 10  SER A O   1 
ATOM   11   C  CB  . SER A 1 13 ? 30.306  3.730   33.621  1.00 85.76  ? 10  SER A CB  1 
ATOM   12   O  OG  . SER A 1 13 ? 30.520  4.985   34.250  1.00 88.55  ? 10  SER A OG  1 
ATOM   13   N  N   . ARG A 1 14 ? 30.264  5.816   31.370  1.00 69.64  ? 11  ARG A N   1 
ATOM   14   C  CA  . ARG A 1 14 ? 29.498  6.713   30.492  1.00 64.18  ? 11  ARG A CA  1 
ATOM   15   C  C   . ARG A 1 14 ? 30.203  6.939   29.165  1.00 54.13  ? 11  ARG A C   1 
ATOM   16   O  O   . ARG A 1 14 ? 31.201  7.643   29.092  1.00 51.69  ? 11  ARG A O   1 
ATOM   17   C  CB  . ARG A 1 14 ? 29.172  8.055   31.144  1.00 70.40  ? 11  ARG A CB  1 
ATOM   18   C  CG  . ARG A 1 14 ? 27.675  8.306   31.283  1.00 78.64  ? 11  ARG A CG  1 
ATOM   19   C  CD  . ARG A 1 14 ? 26.963  7.996   29.973  1.00 89.70  ? 11  ARG A CD  1 
ATOM   20   N  NE  . ARG A 1 14 ? 25.519  8.191   30.003  1.00 97.50  ? 11  ARG A NE  1 
ATOM   21   C  CZ  . ARG A 1 14 ? 24.711  7.883   28.990  1.00 107.39 ? 11  ARG A CZ  1 
ATOM   22   N  NH1 . ARG A 1 14 ? 25.205  7.344   27.868  1.00 105.62 ? 11  ARG A NH1 1 
ATOM   23   N  NH2 . ARG A 1 14 ? 23.400  8.096   29.095  1.00 112.50 ? 11  ARG A NH2 1 
ATOM   24   N  N   . GLN A 1 15 ? 29.651  6.313   28.133  1.00 46.41  ? 12  GLN A N   1 
ATOM   25   C  CA  . GLN A 1 15 ? 30.159  6.395   26.745  1.00 39.64  ? 12  GLN A CA  1 
ATOM   26   C  C   . GLN A 1 15 ? 29.001  6.708   25.770  1.00 37.03  ? 12  GLN A C   1 
ATOM   27   O  O   . GLN A 1 15 ? 28.505  5.840   25.045  1.00 34.13  ? 12  GLN A O   1 
ATOM   28   C  CB  . GLN A 1 15 ? 30.852  5.093   26.355  1.00 37.79  ? 12  GLN A CB  1 
ATOM   29   C  CG  . GLN A 1 15 ? 31.783  4.556   27.419  1.00 37.38  ? 12  GLN A CG  1 
ATOM   30   C  CD  . GLN A 1 15 ? 31.983  3.072   27.287  1.00 37.77  ? 12  GLN A CD  1 
ATOM   31   O  OE1 . GLN A 1 15 ? 32.653  2.608   26.366  1.00 37.79  ? 12  GLN A OE1 1 
ATOM   32   N  NE2 . GLN A 1 15 ? 31.394  2.311   28.205  1.00 40.21  ? 12  GLN A NE2 1 
ATOM   33   N  N   . PRO A 1 16 ? 28.558  7.962   25.759  1.00 33.89  ? 13  PRO A N   1 
ATOM   34   C  CA  . PRO A 1 16 ? 27.405  8.343   24.982  1.00 33.12  ? 13  PRO A CA  1 
ATOM   35   C  C   . PRO A 1 16 ? 27.522  8.122   23.467  1.00 32.07  ? 13  PRO A C   1 
ATOM   36   O  O   . PRO A 1 16 ? 26.574  7.638   22.866  1.00 32.74  ? 13  PRO A O   1 
ATOM   37   C  CB  . PRO A 1 16 ? 27.256  9.837   25.310  1.00 34.55  ? 13  PRO A CB  1 
ATOM   38   C  CG  . PRO A 1 16 ? 28.601  10.283  25.713  1.00 34.43  ? 13  PRO A CG  1 
ATOM   39   C  CD  . PRO A 1 16 ? 29.130  9.110   26.481  1.00 34.80  ? 13  PRO A CD  1 
ATOM   40   N  N   . VAL A 1 17 ? 28.641  8.486   22.849  1.00 30.10  ? 14  VAL A N   1 
ATOM   41   C  CA  . VAL A 1 17 ? 28.802  8.225   21.394  1.00 29.59  ? 14  VAL A CA  1 
ATOM   42   C  C   . VAL A 1 17 ? 28.642  6.735   21.062  1.00 28.51  ? 14  VAL A C   1 
ATOM   43   O  O   . VAL A 1 17 ? 27.855  6.381   20.193  1.00 26.81  ? 14  VAL A O   1 
ATOM   44   C  CB  . VAL A 1 17 ? 30.129  8.741   20.800  1.00 32.45  ? 14  VAL A CB  1 
ATOM   45   C  CG1 . VAL A 1 17 ? 30.189  8.509   19.273  1.00 32.04  ? 14  VAL A CG1 1 
ATOM   46   C  CG2 . VAL A 1 17 ? 30.298  10.214  21.132  1.00 32.49  ? 14  VAL A CG2 1 
ATOM   47   N  N   . TYR A 1 18 ? 29.383  5.878   21.756  1.00 27.53  ? 15  TYR A N   1 
ATOM   48   C  CA  . TYR A 1 18 ? 29.195  4.410   21.654  1.00 27.42  ? 15  TYR A CA  1 
ATOM   49   C  C   . TYR A 1 18 ? 27.717  4.014   21.772  1.00 27.96  ? 15  TYR A C   1 
ATOM   50   O  O   . TYR A 1 18 ? 27.156  3.298   20.923  1.00 26.31  ? 15  TYR A O   1 
ATOM   51   C  CB  . TYR A 1 18 ? 29.996  3.673   22.730  1.00 28.55  ? 15  TYR A CB  1 
ATOM   52   C  CG  . TYR A 1 18 ? 29.978  2.167   22.584  1.00 29.92  ? 15  TYR A CG  1 
ATOM   53   C  CD1 . TYR A 1 18 ? 28.951  1.398   23.134  1.00 32.42  ? 15  TYR A CD1 1 
ATOM   54   C  CD2 . TYR A 1 18 ? 30.996  1.508   21.910  1.00 31.18  ? 15  TYR A CD2 1 
ATOM   55   C  CE1 . TYR A 1 18 ? 28.933  0.014   22.991  1.00 31.47  ? 15  TYR A CE1 1 
ATOM   56   C  CE2 . TYR A 1 18 ? 30.999  0.140   21.767  1.00 31.23  ? 15  TYR A CE2 1 
ATOM   57   C  CZ  . TYR A 1 18 ? 29.966  -0.601  22.297  1.00 32.49  ? 15  TYR A CZ  1 
ATOM   58   O  OH  . TYR A 1 18 ? 30.001  -1.966  22.125  1.00 33.94  ? 15  TYR A OH  1 
ATOM   59   N  N   . HIS A 1 19 ? 27.096  4.515   22.829  1.00 27.41  ? 16  HIS A N   1 
ATOM   60   C  CA  . HIS A 1 19 ? 25.719  4.164   23.169  1.00 28.23  ? 16  HIS A CA  1 
ATOM   61   C  C   . HIS A 1 19 ? 24.804  4.508   21.985  1.00 25.81  ? 16  HIS A C   1 
ATOM   62   O  O   . HIS A 1 19 ? 23.952  3.729   21.577  1.00 22.38  ? 16  HIS A O   1 
ATOM   63   C  CB  . HIS A 1 19 ? 25.320  4.912   24.461  1.00 32.96  ? 16  HIS A CB  1 
ATOM   64   C  CG  . HIS A 1 19 ? 23.847  4.882   24.779  1.00 38.13  ? 16  HIS A CG  1 
ATOM   65   N  ND1 . HIS A 1 19 ? 23.225  3.795   25.359  1.00 40.95  ? 16  HIS A ND1 1 
ATOM   66   C  CD2 . HIS A 1 19 ? 22.879  5.820   24.619  1.00 41.18  ? 16  HIS A CD2 1 
ATOM   67   C  CE1 . HIS A 1 19 ? 21.942  4.057   25.532  1.00 42.06  ? 16  HIS A CE1 1 
ATOM   68   N  NE2 . HIS A 1 19 ? 21.702  5.276   25.082  1.00 42.14  ? 16  HIS A NE2 1 
ATOM   69   N  N   . ASN A 1 20 ? 25.041  5.673   21.413  1.00 25.07  ? 17  ASN A N   1 
ATOM   70   C  CA  . ASN A 1 20 ? 24.239  6.156   20.283  1.00 26.12  ? 17  ASN A CA  1 
ATOM   71   C  C   . ASN A 1 20 ? 24.454  5.430   18.971  1.00 23.48  ? 17  ASN A C   1 
ATOM   72   O  O   . ASN A 1 20 ? 23.548  5.345   18.171  1.00 23.14  ? 17  ASN A O   1 
ATOM   73   C  CB  . ASN A 1 20 ? 24.441  7.651   20.065  1.00 28.42  ? 17  ASN A CB  1 
ATOM   74   C  CG  . ASN A 1 20 ? 23.610  8.475   21.009  1.00 31.29  ? 17  ASN A CG  1 
ATOM   75   O  OD1 . ASN A 1 20 ? 23.234  8.023   22.108  1.00 33.93  ? 17  ASN A OD1 1 
ATOM   76   N  ND2 . ASN A 1 20 ? 23.287  9.681   20.586  1.00 33.94  ? 17  ASN A ND2 1 
ATOM   77   N  N   . LEU A 1 21 ? 25.653  4.927   18.731  1.00 21.56  ? 18  LEU A N   1 
ATOM   78   C  CA  . LEU A 1 21 ? 25.905  4.188   17.466  1.00 20.65  ? 18  LEU A CA  1 
ATOM   79   C  C   . LEU A 1 21 ? 25.184  2.857   17.579  1.00 18.93  ? 18  LEU A C   1 
ATOM   80   O  O   . LEU A 1 21 ? 24.550  2.386   16.659  1.00 18.49  ? 18  LEU A O   1 
ATOM   81   C  CB  . LEU A 1 21 ? 27.402  4.017   17.149  1.00 20.53  ? 18  LEU A CB  1 
ATOM   82   C  CG  . LEU A 1 21 ? 28.199  5.317   17.030  1.00 21.62  ? 18  LEU A CG  1 
ATOM   83   C  CD1 . LEU A 1 21 ? 29.689  5.057   16.798  1.00 22.45  ? 18  LEU A CD1 1 
ATOM   84   C  CD2 . LEU A 1 21 ? 27.640  6.215   15.930  1.00 22.26  ? 18  LEU A CD2 1 
ATOM   85   N  N   . THR A 1 22 ? 25.189  2.314   18.765  1.00 17.71  ? 19  THR A N   1 
ATOM   86   C  CA  . THR A 1 22 ? 24.454  1.091   18.992  1.00 17.65  ? 19  THR A CA  1 
ATOM   87   C  C   . THR A 1 22 ? 22.950  1.301   18.792  1.00 19.14  ? 19  THR A C   1 
ATOM   88   O  O   . THR A 1 22 ? 22.288  0.481   18.161  1.00 18.32  ? 19  THR A O   1 
ATOM   89   C  CB  . THR A 1 22 ? 24.743  0.537   20.371  1.00 17.31  ? 19  THR A CB  1 
ATOM   90   O  OG1 . THR A 1 22 ? 26.050  -0.030  20.343  1.00 16.68  ? 19  THR A OG1 1 
ATOM   91   C  CG2 . THR A 1 22 ? 23.774  -0.548  20.726  1.00 18.79  ? 19  THR A CG2 1 
ATOM   92   N  N   . ILE A 1 23 ? 22.415  2.398   19.320  1.00 21.05  ? 20  ILE A N   1 
ATOM   93   C  CA  . ILE A 1 23 ? 20.956  2.654   19.189  1.00 22.61  ? 20  ILE A CA  1 
ATOM   94   C  C   . ILE A 1 23 ? 20.604  2.931   17.729  1.00 22.79  ? 20  ILE A C   1 
ATOM   95   O  O   . ILE A 1 23 ? 19.690  2.336   17.195  1.00 22.86  ? 20  ILE A O   1 
ATOM   96   C  CB  . ILE A 1 23 ? 20.374  3.800   20.076  1.00 23.46  ? 20  ILE A CB  1 
ATOM   97   C  CG1 . ILE A 1 23 ? 20.601  3.552   21.583  1.00 23.49  ? 20  ILE A CG1 1 
ATOM   98   C  CG2 . ILE A 1 23 ? 18.871  3.936   19.835  1.00 22.89  ? 20  ILE A CG2 1 
ATOM   99   C  CD1 . ILE A 1 23 ? 19.991  2.261   22.099  1.00 23.63  ? 20  ILE A CD1 1 
ATOM   100  N  N   . GLU A 1 24 ? 21.335  3.835   17.103  1.00 23.88  ? 21  GLU A N   1 
ATOM   101  C  CA  . GLU A 1 24 ? 21.113  4.145   15.690  1.00 26.51  ? 21  GLU A CA  1 
ATOM   102  C  C   . GLU A 1 24 ? 21.082  2.915   14.802  1.00 26.62  ? 21  GLU A C   1 
ATOM   103  O  O   . GLU A 1 24 ? 20.268  2.848   13.887  1.00 27.13  ? 21  GLU A O   1 
ATOM   104  C  CB  . GLU A 1 24 ? 22.135  5.131   15.170  1.00 31.02  ? 21  GLU A CB  1 
ATOM   105  C  CG  . GLU A 1 24 ? 21.948  6.500   15.812  1.00 37.04  ? 21  GLU A CG  1 
ATOM   106  C  CD  . GLU A 1 24 ? 22.712  7.604   15.116  1.00 45.14  ? 21  GLU A CD  1 
ATOM   107  O  OE1 . GLU A 1 24 ? 23.917  7.414   14.856  1.00 50.64  ? 21  GLU A OE1 1 
ATOM   108  O  OE2 . GLU A 1 24 ? 22.103  8.672   14.838  1.00 56.28  ? 21  GLU A OE2 1 
ATOM   109  N  N   . GLU A 1 25 ? 21.959  1.949   15.064  1.00 24.71  ? 22  GLU A N   1 
ATOM   110  C  CA  . GLU A 1 25 ? 21.992  0.728   14.264  1.00 23.38  ? 22  GLU A CA  1 
ATOM   111  C  C   . GLU A 1 25 ? 20.702  -0.052  14.480  1.00 21.38  ? 22  GLU A C   1 
ATOM   112  O  O   . GLU A 1 25 ? 20.121  -0.610  13.566  1.00 19.74  ? 22  GLU A O   1 
ATOM   113  C  CB  . GLU A 1 25 ? 23.222  -0.115  14.610  1.00 25.87  ? 22  GLU A CB  1 
ATOM   114  C  CG  . GLU A 1 25 ? 23.309  -1.478  13.915  1.00 29.92  ? 22  GLU A CG  1 
ATOM   115  C  CD  . GLU A 1 25 ? 24.551  -2.291  14.293  1.00 35.14  ? 22  GLU A CD  1 
ATOM   116  O  OE1 . GLU A 1 25 ? 24.981  -2.242  15.481  1.00 38.66  ? 22  GLU A OE1 1 
ATOM   117  O  OE2 . GLU A 1 25 ? 25.111  -2.997  13.401  1.00 41.97  ? 22  GLU A OE2 1 
ATOM   118  N  N   . ASN A 1 26 ? 20.286  -0.116  15.723  1.00 20.73  ? 23  ASN A N   1 
ATOM   119  C  CA  . ASN A 1 26 ? 19.008  -0.752  16.087  1.00 19.81  ? 23  ASN A CA  1 
ATOM   120  C  C   . ASN A 1 26 ? 17.821  -0.102  15.381  1.00 19.35  ? 23  ASN A C   1 
ATOM   121  O  O   . ASN A 1 26 ? 16.870  -0.761  14.955  1.00 17.42  ? 23  ASN A O   1 
ATOM   122  C  CB  . ASN A 1 26 ? 18.808  -0.685  17.581  1.00 20.32  ? 23  ASN A CB  1 
ATOM   123  C  CG  . ASN A 1 26 ? 19.556  -1.781  18.315  1.00 21.25  ? 23  ASN A CG  1 
ATOM   124  O  OD1 . ASN A 1 26 ? 19.542  -2.929  17.892  1.00 22.51  ? 23  ASN A OD1 1 
ATOM   125  N  ND2 . ASN A 1 26 ? 20.142  -1.450  19.455  1.00 21.16  ? 23  ASN A ND2 1 
ATOM   126  N  N   . ILE A 1 27 ? 17.923  1.196   15.216  1.00 19.53  ? 24  ILE A N   1 
ATOM   127  C  CA  . ILE A 1 27 ? 16.853  1.945   14.573  1.00 20.85  ? 24  ILE A CA  1 
ATOM   128  C  C   . ILE A 1 27 ? 16.737  1.708   13.064  1.00 21.80  ? 24  ILE A C   1 
ATOM   129  O  O   . ILE A 1 27 ? 15.653  1.398   12.535  1.00 21.54  ? 24  ILE A O   1 
ATOM   130  C  CB  . ILE A 1 27 ? 16.986  3.443   14.825  1.00 21.82  ? 24  ILE A CB  1 
ATOM   131  C  CG1 . ILE A 1 27 ? 16.655  3.749   16.293  1.00 22.27  ? 24  ILE A CG1 1 
ATOM   132  C  CG2 . ILE A 1 27 ? 16.065  4.183   13.874  1.00 22.52  ? 24  ILE A CG2 1 
ATOM   133  C  CD1 . ILE A 1 27 ? 16.765  5.213   16.620  1.00 22.80  ? 24  ILE A CD1 1 
ATOM   134  N  N   . ILE A 1 28 ? 17.849  1.869   12.363  1.00 21.32  ? 25  ILE A N   1 
ATOM   135  C  CA  . ILE A 1 28 ? 17.886  1.542   10.930  1.00 22.19  ? 25  ILE A CA  1 
ATOM   136  C  C   . ILE A 1 28 ? 17.447  0.121   10.624  1.00 21.35  ? 25  ILE A C   1 
ATOM   137  O  O   . ILE A 1 28 ? 16.761  -0.130  9.637   1.00 20.46  ? 25  ILE A O   1 
ATOM   138  C  CB  . ILE A 1 28 ? 19.270  1.748   10.335  1.00 24.59  ? 25  ILE A CB  1 
ATOM   139  C  CG1 . ILE A 1 28 ? 19.605  3.225   10.467  1.00 28.38  ? 25  ILE A CG1 1 
ATOM   140  C  CG2 . ILE A 1 28 ? 19.277  1.331   8.866   1.00 24.95  ? 25  ILE A CG2 1 
ATOM   141  C  CD1 . ILE A 1 28 ? 21.012  3.577   10.044  1.00 36.58  ? 25  ILE A CD1 1 
ATOM   142  N  N   . ASN A 1 29 ? 17.877  -0.814  11.451  1.00 21.47  ? 26  ASN A N   1 
ATOM   143  C  CA  . ASN A 1 29 ? 17.531  -2.203  11.212  1.00 23.25  ? 26  ASN A CA  1 
ATOM   144  C  C   . ASN A 1 29 ? 16.043  -2.371  11.406  1.00 22.13  ? 26  ASN A C   1 
ATOM   145  O  O   . ASN A 1 29 ? 15.384  -3.060  10.656  1.00 20.34  ? 26  ASN A O   1 
ATOM   146  C  CB  . ASN A 1 29 ? 18.292  -3.161  12.109  1.00 25.60  ? 26  ASN A CB  1 
ATOM   147  C  CG  . ASN A 1 29 ? 19.793  -3.124  11.885  1.00 29.74  ? 26  ASN A CG  1 
ATOM   148  O  OD1 . ASN A 1 29 ? 20.558  -3.486  12.782  1.00 34.37  ? 26  ASN A OD1 1 
ATOM   149  N  ND2 . ASN A 1 29 ? 20.233  -2.724  10.683  1.00 32.59  ? 26  ASN A ND2 1 
ATOM   150  N  N   . LEU A 1 30 ? 15.530  -1.684  12.414  1.00 22.63  ? 27  LEU A N   1 
ATOM   151  C  CA  . LEU A 1 30 ? 14.088  -1.701  12.706  1.00 22.37  ? 27  LEU A CA  1 
ATOM   152  C  C   . LEU A 1 30 ? 13.261  -1.109  11.564  1.00 21.84  ? 27  LEU A C   1 
ATOM   153  O  O   . LEU A 1 30 ? 12.243  -1.653  11.171  1.00 20.64  ? 27  LEU A O   1 
ATOM   154  C  CB  . LEU A 1 30 ? 13.775  -0.947  13.989  1.00 23.24  ? 27  LEU A CB  1 
ATOM   155  C  CG  . LEU A 1 30 ? 12.392  -1.241  14.559  1.00 24.26  ? 27  LEU A CG  1 
ATOM   156  C  CD1 . LEU A 1 30 ? 12.154  -2.738  14.715  1.00 25.14  ? 27  LEU A CD1 1 
ATOM   157  C  CD2 . LEU A 1 30 ? 12.251  -0.553  15.909  1.00 25.29  ? 27  LEU A CD2 1 
ATOM   158  N  N   . LYS A 1 31 ? 13.695  0.031   11.076  1.00 21.09  ? 28  LYS A N   1 
ATOM   159  C  CA  . LYS A 1 31 ? 13.087  0.641   9.900   1.00 22.21  ? 28  LYS A CA  1 
ATOM   160  C  C   . LYS A 1 31 ? 13.135  -0.220  8.635   1.00 22.14  ? 28  LYS A C   1 
ATOM   161  O  O   . LYS A 1 31 ? 12.199  -0.207  7.820   1.00 21.03  ? 28  LYS A O   1 
ATOM   162  C  CB  . LYS A 1 31 ? 13.757  1.958   9.602   1.00 24.67  ? 28  LYS A CB  1 
ATOM   163  C  CG  . LYS A 1 31 ? 13.415  3.057   10.586  1.00 28.31  ? 28  LYS A CG  1 
ATOM   164  C  CD  . LYS A 1 31 ? 13.909  4.367   9.992   1.00 32.24  ? 28  LYS A CD  1 
ATOM   165  C  CE  . LYS A 1 31 ? 14.031  5.485   11.001  1.00 37.54  ? 28  LYS A CE  1 
ATOM   166  N  NZ  . LYS A 1 31 ? 14.858  6.566   10.385  1.00 41.89  ? 28  LYS A NZ  1 
ATOM   167  N  N   . GLN A 1 32 ? 14.228  -0.948  8.437   1.00 22.24  ? 29  GLN A N   1 
ATOM   168  C  CA  . GLN A 1 32 ? 14.291  -1.856  7.282   1.00 21.75  ? 29  GLN A CA  1 
ATOM   169  C  C   . GLN A 1 32 ? 13.300  -2.983  7.435   1.00 20.50  ? 29  GLN A C   1 
ATOM   170  O  O   . GLN A 1 32 ? 12.760  -3.467  6.449   1.00 20.44  ? 29  GLN A O   1 
ATOM   171  C  CB  . GLN A 1 32 ? 15.682  -2.437  7.096   1.00 24.22  ? 29  GLN A CB  1 
ATOM   172  C  CG  . GLN A 1 32 ? 16.716  -1.367  6.789   1.00 27.58  ? 29  GLN A CG  1 
ATOM   173  C  CD  . GLN A 1 32 ? 18.136  -1.887  6.739   1.00 32.05  ? 29  GLN A CD  1 
ATOM   174  O  OE1 . GLN A 1 32 ? 18.545  -2.748  7.531   1.00 41.10  ? 29  GLN A OE1 1 
ATOM   175  N  NE2 . GLN A 1 32 ? 18.914  -1.341  5.822   1.00 34.29  ? 29  GLN A NE2 1 
ATOM   176  N  N   . LYS A 1 33 ? 13.106  -3.444  8.664   1.00 19.09  ? 30  LYS A N   1 
ATOM   177  C  CA  . LYS A 1 33 ? 12.122  -4.495  8.932   1.00 19.27  ? 30  LYS A CA  1 
ATOM   178  C  C   . LYS A 1 33 ? 10.693  -3.992  8.648   1.00 19.31  ? 30  LYS A C   1 
ATOM   179  O  O   . LYS A 1 33 ? 9.857   -4.674  8.069   1.00 19.21  ? 30  LYS A O   1 
ATOM   180  C  CB  . LYS A 1 33 ? 12.246  -5.010  10.367  1.00 20.04  ? 30  LYS A CB  1 
ATOM   181  C  CG  . LYS A 1 33 ? 13.243  -6.149  10.572  1.00 21.57  ? 30  LYS A CG  1 
ATOM   182  C  CD  . LYS A 1 33 ? 13.799  -6.137  11.985  1.00 24.08  ? 30  LYS A CD  1 
ATOM   183  C  CE  . LYS A 1 33 ? 14.105  -7.534  12.522  1.00 27.41  ? 30  LYS A CE  1 
ATOM   184  N  NZ  . LYS A 1 33 ? 15.122  -8.299  11.740  1.00 27.40  ? 30  LYS A NZ  1 
ATOM   185  N  N   . ILE A 1 34 ? 10.421  -2.783  9.065   1.00 19.23  ? 31  ILE A N   1 
ATOM   186  C  CA  . ILE A 1 34 ? 9.109   -2.203  8.853   1.00 19.47  ? 31  ILE A CA  1 
ATOM   187  C  C   . ILE A 1 34 ? 8.863   -2.060  7.356   1.00 18.89  ? 31  ILE A C   1 
ATOM   188  O  O   . ILE A 1 34 ? 7.788   -2.369  6.848   1.00 17.85  ? 31  ILE A O   1 
ATOM   189  C  CB  . ILE A 1 34 ? 8.988   -0.841  9.551   1.00 20.28  ? 31  ILE A CB  1 
ATOM   190  C  CG1 . ILE A 1 34 ? 8.816   -1.058  11.061  1.00 21.06  ? 31  ILE A CG1 1 
ATOM   191  C  CG2 . ILE A 1 34 ? 7.851   -0.031  8.949   1.00 20.83  ? 31  ILE A CG2 1 
ATOM   192  C  CD1 . ILE A 1 34 ? 9.122   0.175   11.853  1.00 20.87  ? 31  ILE A CD1 1 
ATOM   193  N  N   . TYR A 1 35 ? 9.871   -1.557  6.661   1.00 18.65  ? 32  TYR A N   1 
ATOM   194  C  CA  . TYR A 1 35 ? 9.794   -1.443  5.183   1.00 17.86  ? 32  TYR A CA  1 
ATOM   195  C  C   . TYR A 1 35 ? 9.515   -2.782  4.524   1.00 17.34  ? 32  TYR A C   1 
ATOM   196  O  O   . TYR A 1 35 ? 8.696   -2.876  3.644   1.00 17.06  ? 32  TYR A O   1 
ATOM   197  C  CB  . TYR A 1 35 ? 11.063  -0.841  4.592   1.00 18.08  ? 32  TYR A CB  1 
ATOM   198  C  CG  . TYR A 1 35 ? 10.955  -0.611  3.087   1.00 17.54  ? 32  TYR A CG  1 
ATOM   199  C  CD1 . TYR A 1 35 ? 11.207  -1.634  2.191   1.00 17.51  ? 32  TYR A CD1 1 
ATOM   200  C  CD2 . TYR A 1 35 ? 10.607  0.626   2.574   1.00 17.51  ? 32  TYR A CD2 1 
ATOM   201  C  CE1 . TYR A 1 35 ? 11.114  -1.428  0.825   1.00 16.94  ? 32  TYR A CE1 1 
ATOM   202  C  CE2 . TYR A 1 35 ? 10.521  0.840   1.205   1.00 17.32  ? 32  TYR A CE2 1 
ATOM   203  C  CZ  . TYR A 1 35 ? 10.788  -0.182  0.335   1.00 16.93  ? 32  TYR A CZ  1 
ATOM   204  O  OH  . TYR A 1 35 ? 10.665  0.038   -1.031  1.00 16.75  ? 32  TYR A OH  1 
ATOM   205  N  N   . ASP A 1 36 ? 10.164  -3.833  4.989   1.00 18.14  ? 33  ASP A N   1 
ATOM   206  C  CA  . ASP A 1 36 ? 9.996   -5.160  4.365   1.00 19.57  ? 33  ASP A CA  1 
ATOM   207  C  C   . ASP A 1 36 ? 8.683   -5.770  4.727   1.00 19.09  ? 33  ASP A C   1 
ATOM   208  O  O   . ASP A 1 36 ? 8.088   -6.516  3.943   1.00 19.39  ? 33  ASP A O   1 
ATOM   209  C  CB  . ASP A 1 36 ? 11.101  -6.139  4.739   1.00 21.54  ? 33  ASP A CB  1 
ATOM   210  C  CG  . ASP A 1 36 ? 12.462  -5.717  4.192   1.00 26.19  ? 33  ASP A CG  1 
ATOM   211  O  OD1 . ASP A 1 36 ? 12.529  -4.932  3.200   1.00 27.23  ? 33  ASP A OD1 1 
ATOM   212  O  OD2 . ASP A 1 36 ? 13.490  -6.150  4.788   1.00 32.35  ? 33  ASP A OD2 1 
ATOM   213  N  N   . ASN A 1 37 ? 8.245   -5.501  5.946   1.00 18.95  ? 34  ASN A N   1 
ATOM   214  C  CA  . ASN A 1 37 ? 6.926   -6.004  6.372   1.00 18.82  ? 34  ASN A CA  1 
ATOM   215  C  C   . ASN A 1 37 ? 5.813   -5.299  5.572   1.00 18.15  ? 34  ASN A C   1 
ATOM   216  O  O   . ASN A 1 37 ? 4.826   -5.906  5.163   1.00 15.82  ? 34  ASN A O   1 
ATOM   217  C  CB  . ASN A 1 37 ? 6.709   -5.828  7.864   1.00 18.90  ? 34  ASN A CB  1 
ATOM   218  C  CG  . ASN A 1 37 ? 7.428   -6.871  8.683   1.00 18.71  ? 34  ASN A CG  1 
ATOM   219  O  OD1 . ASN A 1 37 ? 7.532   -8.038  8.296   1.00 18.34  ? 34  ASN A OD1 1 
ATOM   220  N  ND2 . ASN A 1 37 ? 7.895   -6.465  9.852   1.00 18.45  ? 34  ASN A ND2 1 
ATOM   221  N  N   . ALA A 1 38 ? 6.054   -4.020  5.306   1.00 18.71  ? 35  ALA A N   1 
ATOM   222  C  CA  . ALA A 1 38 ? 5.141   -3.190  4.514   1.00 19.62  ? 35  ALA A CA  1 
ATOM   223  C  C   . ALA A 1 38 ? 5.075   -3.662  3.080   1.00 21.05  ? 35  ALA A C   1 
ATOM   224  O  O   . ALA A 1 38 ? 4.033   -3.593  2.434   1.00 24.05  ? 35  ALA A O   1 
ATOM   225  C  CB  . ALA A 1 38 ? 5.572   -1.742  4.538   1.00 19.72  ? 35  ALA A CB  1 
ATOM   226  N  N   . THR A 1 39 ? 6.216   -4.091  2.580   1.00 21.80  ? 36  THR A N   1 
ATOM   227  C  CA  . THR A 1 39 ? 6.319   -4.750  1.275   1.00 21.40  ? 36  THR A CA  1 
ATOM   228  C  C   . THR A 1 39 ? 5.534   -6.053  1.283   1.00 21.57  ? 36  THR A C   1 
ATOM   229  O  O   . THR A 1 39 ? 4.804   -6.358  0.359   1.00 22.41  ? 36  THR A O   1 
ATOM   230  C  CB  . THR A 1 39 ? 7.803   -5.033  0.942   1.00 20.98  ? 36  THR A CB  1 
ATOM   231  O  OG1 . THR A 1 39 ? 8.417   -3.793  0.584   1.00 20.11  ? 36  THR A OG1 1 
ATOM   232  C  CG2 . THR A 1 39 ? 7.976   -6.041  -0.186  1.00 20.02  ? 36  THR A CG2 1 
ATOM   233  N  N   . LYS A 1 40 ? 5.711   -6.820  2.333   1.00 23.54  ? 37  LYS A N   1 
ATOM   234  C  CA  . LYS A 1 40 ? 5.031   -8.113  2.470   1.00 27.01  ? 37  LYS A CA  1 
ATOM   235  C  C   . LYS A 1 40 ? 3.521   -7.906  2.336   1.00 27.84  ? 37  LYS A C   1 
ATOM   236  O  O   . LYS A 1 40 ? 2.813   -8.726  1.772   1.00 26.62  ? 37  LYS A O   1 
ATOM   237  C  CB  . LYS A 1 40 ? 5.319   -8.721  3.844   1.00 30.21  ? 37  LYS A CB  1 
ATOM   238  C  CG  . LYS A 1 40 ? 5.860   -10.143 3.835   1.00 34.36  ? 37  LYS A CG  1 
ATOM   239  C  CD  . LYS A 1 40 ? 4.950   -11.080 3.067   1.00 37.72  ? 37  LYS A CD  1 
ATOM   240  C  CE  . LYS A 1 40 ? 5.254   -12.539 3.376   1.00 38.87  ? 37  LYS A CE  1 
ATOM   241  N  NZ  . LYS A 1 40 ? 4.407   -13.441 2.550   1.00 39.68  ? 37  LYS A NZ  1 
ATOM   242  N  N   . ILE A 1 41 ? 3.039   -6.789  2.865   1.00 27.25  ? 38  ILE A N   1 
ATOM   243  C  CA  . ILE A 1 41 ? 1.589   -6.545  2.906   1.00 25.24  ? 38  ILE A CA  1 
ATOM   244  C  C   . ILE A 1 41 ? 1.116   -6.179  1.510   1.00 24.88  ? 38  ILE A C   1 
ATOM   245  O  O   . ILE A 1 41 ? 0.131   -6.712  1.017   1.00 23.55  ? 38  ILE A O   1 
ATOM   246  C  CB  . ILE A 1 41 ? 1.159   -5.485  3.948   1.00 26.05  ? 38  ILE A CB  1 
ATOM   247  C  CG1 . ILE A 1 41 ? 1.165   -6.066  5.372   1.00 26.01  ? 38  ILE A CG1 1 
ATOM   248  C  CG2 . ILE A 1 41 ? -0.256  -5.002  3.675   1.00 26.51  ? 38  ILE A CG2 1 
ATOM   249  C  CD1 . ILE A 1 41 ? 1.102   -4.989  6.442   1.00 26.47  ? 38  ILE A CD1 1 
ATOM   250  N  N   . THR A 1 42 ? 1.818   -5.264  0.865   1.00 25.15  ? 39  THR A N   1 
ATOM   251  C  CA  . THR A 1 42 ? 1.398   -4.864  -0.477  1.00 25.46  ? 39  THR A CA  1 
ATOM   252  C  C   . THR A 1 42 ? 1.371   -6.060  -1.445  1.00 26.46  ? 39  THR A C   1 
ATOM   253  O  O   . THR A 1 42 ? 0.578   -6.094  -2.400  1.00 26.94  ? 39  THR A O   1 
ATOM   254  C  CB  . THR A 1 42 ? 2.268   -3.751  -1.081  1.00 26.41  ? 39  THR A CB  1 
ATOM   255  O  OG1 . THR A 1 42 ? 3.616   -4.222  -1.219  1.00 25.67  ? 39  THR A OG1 1 
ATOM   256  C  CG2 . THR A 1 42 ? 2.200   -2.455  -0.229  1.00 25.42  ? 39  THR A CG2 1 
ATOM   257  N  N   . ASN A 1 43 ? 2.244   -7.037  -1.224  1.00 26.26  ? 40  ASN A N   1 
ATOM   258  C  CA  . ASN A 1 43 ? 2.243   -8.242  -2.113  1.00 25.36  ? 40  ASN A CA  1 
ATOM   259  C  C   . ASN A 1 43 ? 1.100   -9.211  -1.777  1.00 24.49  ? 40  ASN A C   1 
ATOM   260  O  O   . ASN A 1 43 ? 0.552   -9.842  -2.643  1.00 23.87  ? 40  ASN A O   1 
ATOM   261  C  CB  . ASN A 1 43 ? 3.608   -8.958  -2.152  1.00 24.21  ? 40  ASN A CB  1 
ATOM   262  C  CG  . ASN A 1 43 ? 4.687   -8.110  -2.815  1.00 23.28  ? 40  ASN A CG  1 
ATOM   263  O  OD1 . ASN A 1 43 ? 4.463   -7.494  -3.864  1.00 20.81  ? 40  ASN A OD1 1 
ATOM   264  N  ND2 . ASN A 1 43 ? 5.859   -8.056  -2.190  1.00 22.45  ? 40  ASN A ND2 1 
ATOM   265  N  N   . ILE A 1 44 ? 0.791   -9.354  -0.503  1.00 25.73  ? 41  ILE A N   1 
ATOM   266  C  CA  . ILE A 1 44 ? -0.433  -10.076 -0.058  1.00 27.92  ? 41  ILE A CA  1 
ATOM   267  C  C   . ILE A 1 44 ? -1.734  -9.481  -0.657  1.00 30.26  ? 41  ILE A C   1 
ATOM   268  O  O   . ILE A 1 44 ? -2.582  -10.205 -1.157  1.00 30.07  ? 41  ILE A O   1 
ATOM   269  C  CB  . ILE A 1 44 ? -0.558  -10.127 1.482   1.00 28.86  ? 41  ILE A CB  1 
ATOM   270  C  CG1 . ILE A 1 44 ? 0.626   -10.892 2.079   1.00 26.93  ? 41  ILE A CG1 1 
ATOM   271  C  CG2 . ILE A 1 44 ? -1.874  -10.792 1.896   1.00 29.67  ? 41  ILE A CG2 1 
ATOM   272  C  CD1 . ILE A 1 44 ? 0.676   -10.904 3.593   1.00 26.65  ? 41  ILE A CD1 1 
ATOM   273  N  N   . ASP A 1 45 ? -1.857  -8.162  -0.630  1.00 31.01  ? 42  ASP A N   1 
ATOM   274  C  CA  . ASP A 1 45 ? -2.950  -7.488  -1.323  1.00 32.34  ? 42  ASP A CA  1 
ATOM   275  C  C   . ASP A 1 45 ? -3.074  -7.952  -2.771  1.00 36.67  ? 42  ASP A C   1 
ATOM   276  O  O   . ASP A 1 45 ? -4.108  -8.449  -3.190  1.00 38.14  ? 42  ASP A O   1 
ATOM   277  C  CB  . ASP A 1 45 ? -2.794  -5.971  -1.250  1.00 30.83  ? 42  ASP A CB  1 
ATOM   278  C  CG  . ASP A 1 45 ? -3.148  -5.427  0.128   1.00 29.71  ? 42  ASP A CG  1 
ATOM   279  O  OD1 . ASP A 1 45 ? -3.747  -6.187  0.937   1.00 25.35  ? 42  ASP A OD1 1 
ATOM   280  O  OD2 . ASP A 1 45 ? -2.824  -4.253  0.417   1.00 29.82  ? 42  ASP A OD2 1 
ATOM   281  N  N   . LYS A 1 46 ? -2.016  -7.778  -3.541  1.00 43.28  ? 43  LYS A N   1 
ATOM   282  C  CA  . LYS A 1 46 ? -1.962  -8.331  -4.917  1.00 45.00  ? 43  LYS A CA  1 
ATOM   283  C  C   . LYS A 1 46 ? -2.470  -9.780  -4.945  1.00 44.29  ? 43  LYS A C   1 
ATOM   284  O  O   . LYS A 1 46 ? -3.297  -10.168 -5.775  1.00 44.67  ? 43  LYS A O   1 
ATOM   285  C  CB  . LYS A 1 46 ? -0.535  -8.274  -5.480  1.00 46.77  ? 43  LYS A CB  1 
ATOM   286  C  CG  . LYS A 1 46 ? -0.260  -7.039  -6.319  1.00 49.67  ? 43  LYS A CG  1 
ATOM   287  C  CD  . LYS A 1 46 ? 1.212   -6.677  -6.340  1.00 52.20  ? 43  LYS A CD  1 
ATOM   288  C  CE  . LYS A 1 46 ? 2.098   -7.769  -6.912  1.00 52.14  ? 43  LYS A CE  1 
ATOM   289  N  NZ  . LYS A 1 46 ? 3.526   -7.338  -7.000  1.00 53.76  ? 43  LYS A NZ  1 
ATOM   290  N  N   . GLY A 1 47 ? -1.978  -10.559 -4.003  1.00 43.03  ? 44  GLY A N   1 
ATOM   291  C  CA  . GLY A 1 47 ? -2.303  -11.987 -3.929  1.00 47.79  ? 44  GLY A CA  1 
ATOM   292  C  C   . GLY A 1 47 ? -3.781  -12.196 -3.690  1.00 52.31  ? 44  GLY A C   1 
ATOM   293  O  O   . GLY A 1 47 ? -4.349  -13.217 -4.090  1.00 57.64  ? 44  GLY A O   1 
ATOM   294  N  N   . LEU A 1 48 ? -4.395  -11.211 -3.040  1.00 52.69  ? 45  LEU A N   1 
ATOM   295  C  CA  . LEU A 1 48 ? -5.837  -11.237 -2.713  1.00 50.78  ? 45  LEU A CA  1 
ATOM   296  C  C   . LEU A 1 48 ? -6.725  -10.946 -3.926  1.00 53.43  ? 45  LEU A C   1 
ATOM   297  O  O   . LEU A 1 48 ? -7.895  -11.310 -3.952  1.00 54.77  ? 45  LEU A O   1 
ATOM   298  C  CB  . LEU A 1 48 ? -6.176  -10.248 -1.598  1.00 49.09  ? 45  LEU A CB  1 
ATOM   299  C  CG  . LEU A 1 48 ? -5.916  -10.737 -0.171  1.00 49.17  ? 45  LEU A CG  1 
ATOM   300  C  CD1 . LEU A 1 48 ? -5.968  -9.584  0.814   1.00 49.27  ? 45  LEU A CD1 1 
ATOM   301  C  CD2 . LEU A 1 48 ? -6.885  -11.833 0.243   1.00 47.97  ? 45  LEU A CD2 1 
ATOM   302  N  N   . GLN A 1 49 ? -6.143  -10.283 -4.919  1.00 60.76  ? 46  GLN A N   1 
ATOM   303  C  CA  . GLN A 1 49 ? -6.824  -9.948  -6.210  1.00 61.70  ? 46  GLN A CA  1 
ATOM   304  C  C   . GLN A 1 49 ? -6.903  -11.110 -7.192  1.00 64.70  ? 46  GLN A C   1 
ATOM   305  O  O   . GLN A 1 49 ? -7.631  -11.039 -8.172  1.00 65.76  ? 46  GLN A O   1 
ATOM   306  C  CB  . GLN A 1 49 ? -6.113  -8.823  -6.989  1.00 63.35  ? 46  GLN A CB  1 
ATOM   307  C  CG  . GLN A 1 49 ? -5.414  -7.752  -6.175  1.00 64.76  ? 46  GLN A CG  1 
ATOM   308  C  CD  . GLN A 1 49 ? -6.360  -6.992  -5.285  1.00 63.59  ? 46  GLN A CD  1 
ATOM   309  O  OE1 . GLN A 1 49 ? -7.222  -7.584  -4.635  1.00 64.89  ? 46  GLN A OE1 1 
ATOM   310  N  NE2 . GLN A 1 49 ? -6.201  -5.675  -5.238  1.00 62.47  ? 46  GLN A NE2 1 
ATOM   311  N  N   . GLY A 1 50 ? -6.106  -12.142 -6.956  1.00 70.69  ? 47  GLY A N   1 
ATOM   312  C  CA  . GLY A 1 50 ? -5.993  -13.265 -7.902  1.00 74.18  ? 47  GLY A CA  1 
ATOM   313  C  C   . GLY A 1 50 ? -7.064  -14.335 -7.765  1.00 73.34  ? 47  GLY A C   1 
ATOM   314  O  O   . GLY A 1 50 ? -8.024  -14.204 -7.000  1.00 69.48  ? 47  GLY A O   1 
ATOM   315  N  N   . SER A 1 51 ? -6.876  -15.391 -8.545  1.00 75.02  ? 48  SER A N   1 
ATOM   316  C  CA  . SER A 1 51 ? -7.778  -16.554 -8.538  1.00 74.65  ? 48  SER A CA  1 
ATOM   317  C  C   . SER A 1 51 ? -7.424  -17.496 -7.389  1.00 72.99  ? 48  SER A C   1 
ATOM   318  O  O   . SER A 1 51 ? -6.550  -18.366 -7.499  1.00 65.33  ? 48  SER A O   1 
ATOM   319  C  CB  . SER A 1 51 ? -7.724  -17.309 -9.860  1.00 76.40  ? 48  SER A CB  1 
ATOM   320  O  OG  . SER A 1 51 ? -6.462  -17.922 -10.035 1.00 79.34  ? 48  SER A OG  1 
ATOM   321  N  N   . ILE A 1 52 ? -8.123  -17.303 -6.284  1.00 72.39  ? 49  ILE A N   1 
ATOM   322  C  CA  . ILE A 1 52 ? -7.843  -18.059 -5.068  1.00 72.75  ? 49  ILE A CA  1 
ATOM   323  C  C   . ILE A 1 52 ? -9.125  -18.659 -4.528  1.00 70.70  ? 49  ILE A C   1 
ATOM   324  O  O   . ILE A 1 52 ? -10.207 -18.109 -4.697  1.00 64.74  ? 49  ILE A O   1 
ATOM   325  C  CB  . ILE A 1 52 ? -7.182  -17.195 -3.969  1.00 74.53  ? 49  ILE A CB  1 
ATOM   326  C  CG1 . ILE A 1 52 ? -8.120  -16.064 -3.545  1.00 76.41  ? 49  ILE A CG1 1 
ATOM   327  C  CG2 . ILE A 1 52 ? -5.834  -16.658 -4.450  1.00 74.81  ? 49  ILE A CG2 1 
ATOM   328  C  CD1 . ILE A 1 52 ? -7.597  -15.223 -2.403  1.00 76.43  ? 49  ILE A CD1 1 
ATOM   329  N  N   . THR A 1 53 ? -8.972  -19.783 -3.851  1.00 73.34  ? 50  THR A N   1 
ATOM   330  C  CA  . THR A 1 53 ? -10.091 -20.483 -3.204  1.00 76.89  ? 50  THR A CA  1 
ATOM   331  C  C   . THR A 1 53 ? -10.632 -19.653 -2.039  1.00 82.24  ? 50  THR A C   1 
ATOM   332  O  O   . THR A 1 53 ? -10.861 -18.445 -2.155  1.00 86.24  ? 50  THR A O   1 
ATOM   333  C  CB  . THR A 1 53 ? -9.701  -21.896 -2.707  1.00 75.33  ? 50  THR A CB  1 
ATOM   334  O  OG1 . THR A 1 53 ? -8.748  -21.790 -1.645  1.00 70.68  ? 50  THR A OG1 1 
ATOM   335  C  CG2 . THR A 1 53 ? -9.122  -22.719 -3.831  1.00 75.83  ? 50  THR A CG2 1 
ATOM   336  N  N   . ASP A 1 54 ? -10.842 -20.312 -0.916  1.00 85.39  ? 51  ASP A N   1 
ATOM   337  C  CA  . ASP A 1 54 ? -11.359 -19.640 0.271   1.00 89.23  ? 51  ASP A CA  1 
ATOM   338  C  C   . ASP A 1 54 ? -10.475 -19.916 1.455   1.00 86.45  ? 51  ASP A C   1 
ATOM   339  O  O   . ASP A 1 54 ? -10.419 -19.138 2.394   1.00 82.63  ? 51  ASP A O   1 
ATOM   340  C  CB  . ASP A 1 54 ? -12.777 -20.093 0.564   1.00 96.29  ? 51  ASP A CB  1 
ATOM   341  C  CG  . ASP A 1 54 ? -13.732 -19.737 -0.560  1.00 103.51 ? 51  ASP A CG  1 
ATOM   342  O  OD1 . ASP A 1 54 ? -13.714 -18.570 -1.021  1.00 107.59 ? 51  ASP A OD1 1 
ATOM   343  O  OD2 . ASP A 1 54 ? -14.489 -20.633 -0.991  1.00 106.65 ? 51  ASP A OD2 1 
ATOM   344  N  N   . ASP A 1 55 ? -9.812  -21.058 1.409   1.00 87.52  ? 52  ASP A N   1 
ATOM   345  C  CA  . ASP A 1 55 ? -8.780  -21.384 2.391   1.00 89.67  ? 52  ASP A CA  1 
ATOM   346  C  C   . ASP A 1 55 ? -7.624  -20.440 2.150   1.00 85.59  ? 52  ASP A C   1 
ATOM   347  O  O   . ASP A 1 55 ? -6.965  -19.966 3.075   1.00 87.56  ? 52  ASP A O   1 
ATOM   348  C  CB  . ASP A 1 55 ? -8.304  -22.825 2.266   1.00 94.43  ? 52  ASP A CB  1 
ATOM   349  C  CG  . ASP A 1 55 ? -9.319  -23.803 2.789   1.00 102.09 ? 52  ASP A CG  1 
ATOM   350  O  OD1 . ASP A 1 55 ? -10.246 -24.174 2.031   1.00 107.66 ? 52  ASP A OD1 1 
ATOM   351  O  OD2 . ASP A 1 55 ? -9.199  -24.190 3.974   1.00 108.39 ? 52  ASP A OD2 1 
ATOM   352  N  N   . GLN A 1 56 ? -7.405  -20.169 0.873   1.00 77.23  ? 53  GLN A N   1 
ATOM   353  C  CA  . GLN A 1 56 ? -6.322  -19.278 0.443   1.00 74.77  ? 53  GLN A CA  1 
ATOM   354  C  C   . GLN A 1 56 ? -6.601  -17.852 0.883   1.00 68.05  ? 53  GLN A C   1 
ATOM   355  O  O   . GLN A 1 56 ? -5.784  -17.219 1.551   1.00 70.80  ? 53  GLN A O   1 
ATOM   356  C  CB  . GLN A 1 56 ? -6.141  -19.328 -1.077  1.00 79.15  ? 53  GLN A CB  1 
ATOM   357  C  CG  . GLN A 1 56 ? -5.757  -20.696 -1.625  1.00 80.97  ? 53  GLN A CG  1 
ATOM   358  C  CD  . GLN A 1 56 ? -5.848  -20.775 -3.137  1.00 85.77  ? 53  GLN A CD  1 
ATOM   359  O  OE1 . GLN A 1 56 ? -6.917  -20.616 -3.716  1.00 89.92  ? 53  GLN A OE1 1 
ATOM   360  N  NE2 . GLN A 1 56 ? -4.726  -21.035 -3.782  1.00 90.55  ? 53  GLN A NE2 1 
ATOM   361  N  N   . LYS A 1 57 ? -7.771  -17.364 0.511   1.00 62.58  ? 54  LYS A N   1 
ATOM   362  C  CA  . LYS A 1 57 ? -8.210  -16.017 0.908   1.00 61.41  ? 54  LYS A CA  1 
ATOM   363  C  C   . LYS A 1 57 ? -8.193  -15.886 2.423   1.00 59.07  ? 54  LYS A C   1 
ATOM   364  O  O   . LYS A 1 57 ? -7.906  -14.833 2.965   1.00 54.81  ? 54  LYS A O   1 
ATOM   365  C  CB  . LYS A 1 57 ? -9.612  -15.736 0.371   1.00 64.90  ? 54  LYS A CB  1 
ATOM   366  C  CG  . LYS A 1 57 ? -10.083 -14.295 0.466   1.00 70.12  ? 54  LYS A CG  1 
ATOM   367  C  CD  . LYS A 1 57 ? -11.572 -14.191 0.132   1.00 73.92  ? 54  LYS A CD  1 
ATOM   368  C  CE  . LYS A 1 57 ? -12.023 -12.756 -0.091  1.00 75.91  ? 54  LYS A CE  1 
ATOM   369  N  NZ  . LYS A 1 57 ? -11.476 -12.197 -1.358  1.00 77.38  ? 54  LYS A NZ  1 
ATOM   370  N  N   . GLU A 1 58 ? -8.472  -16.991 3.093   1.00 61.32  ? 55  GLU A N   1 
ATOM   371  C  CA  . GLU A 1 58 ? -8.577  -17.012 4.556   1.00 64.20  ? 55  GLU A CA  1 
ATOM   372  C  C   . GLU A 1 58 ? -7.221  -16.759 5.185   1.00 62.09  ? 55  GLU A C   1 
ATOM   373  O  O   . GLU A 1 58 ? -7.102  -15.971 6.124   1.00 57.70  ? 55  GLU A O   1 
ATOM   374  C  CB  . GLU A 1 58 ? -9.163  -18.338 5.066   1.00 71.81  ? 55  GLU A CB  1 
ATOM   375  C  CG  . GLU A 1 58 ? -9.581  -18.327 6.538   1.00 77.39  ? 55  GLU A CG  1 
ATOM   376  C  CD  . GLU A 1 58 ? -9.895  -19.714 7.097   1.00 84.45  ? 55  GLU A CD  1 
ATOM   377  O  OE1 . GLU A 1 58 ? -10.135 -19.821 8.326   1.00 86.88  ? 55  GLU A OE1 1 
ATOM   378  O  OE2 . GLU A 1 58 ? -9.897  -20.703 6.322   1.00 86.18  ? 55  GLU A OE2 1 
ATOM   379  N  N   . ASN A 1 59 ? -6.207  -17.423 4.646   1.00 61.25  ? 56  ASN A N   1 
ATOM   380  C  CA  . ASN A 1 59 ? -4.816  -17.310 5.169   1.00 58.31  ? 56  ASN A CA  1 
ATOM   381  C  C   . ASN A 1 59 ? -4.053  -16.061 4.761   1.00 49.28  ? 56  ASN A C   1 
ATOM   382  O  O   . ASN A 1 59 ? -3.305  -15.494 5.556   1.00 45.69  ? 56  ASN A O   1 
ATOM   383  C  CB  . ASN A 1 59 ? -4.019  -18.547 4.822   1.00 63.20  ? 56  ASN A CB  1 
ATOM   384  C  CG  . ASN A 1 59 ? -4.717  -19.817 5.275   1.00 71.29  ? 56  ASN A CG  1 
ATOM   385  O  OD1 . ASN A 1 59 ? -5.416  -19.833 6.299   1.00 70.23  ? 56  ASN A OD1 1 
ATOM   386  N  ND2 . ASN A 1 59 ? -4.566  -20.878 4.493   1.00 77.42  ? 56  ASN A ND2 1 
ATOM   387  N  N   . LEU A 1 60 ? -4.274  -15.608 3.542   1.00 45.08  ? 57  LEU A N   1 
ATOM   388  C  CA  . LEU A 1 60 ? -3.731  -14.307 3.131   1.00 45.06  ? 57  LEU A CA  1 
ATOM   389  C  C   . LEU A 1 60 ? -4.212  -13.189 4.035   1.00 43.78  ? 57  LEU A C   1 
ATOM   390  O  O   . LEU A 1 60 ? -3.574  -12.156 4.159   1.00 47.82  ? 57  LEU A O   1 
ATOM   391  C  CB  . LEU A 1 60 ? -4.082  -13.965 1.685   1.00 46.04  ? 57  LEU A CB  1 
ATOM   392  C  CG  . LEU A 1 60 ? -3.416  -14.803 0.595   1.00 48.21  ? 57  LEU A CG  1 
ATOM   393  C  CD1 . LEU A 1 60 ? -3.743  -14.164 -0.742  1.00 48.36  ? 57  LEU A CD1 1 
ATOM   394  C  CD2 . LEU A 1 60 ? -1.906  -14.922 0.789   1.00 48.12  ? 57  LEU A CD2 1 
ATOM   395  N  N   . LEU A 1 61 ? -5.337  -13.405 4.686   1.00 43.24  ? 58  LEU A N   1 
ATOM   396  C  CA  . LEU A 1 61 ? -5.923  -12.348 5.518   1.00 41.85  ? 58  LEU A CA  1 
ATOM   397  C  C   . LEU A 1 61 ? -5.381  -12.419 6.929   1.00 39.79  ? 58  LEU A C   1 
ATOM   398  O  O   . LEU A 1 61 ? -5.260  -11.414 7.606   1.00 37.11  ? 58  LEU A O   1 
ATOM   399  C  CB  . LEU A 1 61 ? -7.444  -12.434 5.519   1.00 43.23  ? 58  LEU A CB  1 
ATOM   400  C  CG  . LEU A 1 61 ? -8.076  -11.968 4.192   1.00 44.46  ? 58  LEU A CG  1 
ATOM   401  C  CD1 . LEU A 1 61 ? -9.543  -12.403 4.112   1.00 46.33  ? 58  LEU A CD1 1 
ATOM   402  C  CD2 . LEU A 1 61 ? -7.915  -10.458 3.979   1.00 41.66  ? 58  LEU A CD2 1 
ATOM   403  N  N   . LYS A 1 62 ? -5.074  -13.635 7.353   1.00 41.69  ? 59  LYS A N   1 
ATOM   404  C  CA  . LYS A 1 62 ? -4.427  -13.885 8.655   1.00 46.06  ? 59  LYS A CA  1 
ATOM   405  C  C   . LYS A 1 62 ? -2.987  -13.348 8.666   1.00 43.66  ? 59  LYS A C   1 
ATOM   406  O  O   . LYS A 1 62 ? -2.565  -12.685 9.611   1.00 43.03  ? 59  LYS A O   1 
ATOM   407  C  CB  . LYS A 1 62 ? -4.421  -15.376 9.009   1.00 50.91  ? 59  LYS A CB  1 
ATOM   408  C  CG  . LYS A 1 62 ? -5.740  -16.082 8.723   1.00 62.75  ? 59  LYS A CG  1 
ATOM   409  C  CD  . LYS A 1 62 ? -6.031  -17.264 9.656   1.00 72.22  ? 59  LYS A CD  1 
ATOM   410  C  CE  . LYS A 1 62 ? -7.441  -17.849 9.492   1.00 77.91  ? 59  LYS A CE  1 
ATOM   411  N  NZ  . LYS A 1 62 ? -8.545  -16.845 9.578   1.00 80.10  ? 59  LYS A NZ  1 
ATOM   412  N  N   . LEU A 1 63 ? -2.259  -13.651 7.592   1.00 40.09  ? 60  LEU A N   1 
ATOM   413  C  CA  . LEU A 1 63 ? -0.892  -13.140 7.377   1.00 37.52  ? 60  LEU A CA  1 
ATOM   414  C  C   . LEU A 1 63 ? -0.894  -11.637 7.396   1.00 34.94  ? 60  LEU A C   1 
ATOM   415  O  O   . LEU A 1 63 ? -0.081  -11.000 8.053   1.00 34.78  ? 60  LEU A O   1 
ATOM   416  C  CB  . LEU A 1 63 ? -0.308  -13.589 6.032   1.00 37.56  ? 60  LEU A CB  1 
ATOM   417  C  CG  . LEU A 1 63 ? 0.204   -15.021 5.879   1.00 38.34  ? 60  LEU A CG  1 
ATOM   418  C  CD1 . LEU A 1 63 ? 0.758   -15.219 4.474   1.00 39.03  ? 60  LEU A CD1 1 
ATOM   419  C  CD2 . LEU A 1 63 ? 1.256   -15.340 6.925   1.00 39.17  ? 60  LEU A CD2 1 
ATOM   420  N  N   . LYS A 1 64 ? -1.835  -11.067 6.666   1.00 33.98  ? 61  LYS A N   1 
ATOM   421  C  CA  . LYS A 1 64 ? -1.879  -9.619  6.538   1.00 34.54  ? 61  LYS A CA  1 
ATOM   422  C  C   . LYS A 1 64 ? -2.038  -9.013  7.927   1.00 36.80  ? 61  LYS A C   1 
ATOM   423  O  O   . LYS A 1 64 ? -1.490  -7.952  8.243   1.00 36.06  ? 61  LYS A O   1 
ATOM   424  C  CB  . LYS A 1 64 ? -2.997  -9.170  5.604   1.00 34.71  ? 61  LYS A CB  1 
ATOM   425  C  CG  . LYS A 1 64 ? -3.024  -7.656  5.419   1.00 34.33  ? 61  LYS A CG  1 
ATOM   426  C  CD  . LYS A 1 64 ? -4.030  -7.240  4.380   1.00 33.88  ? 61  LYS A CD  1 
ATOM   427  C  CE  . LYS A 1 64 ? -4.116  -5.731  4.308   1.00 36.72  ? 61  LYS A CE  1 
ATOM   428  N  NZ  . LYS A 1 64 ? -4.741  -5.278  3.034   1.00 38.89  ? 61  LYS A NZ  1 
ATOM   429  N  N   . GLU A 1 65 ? -2.760  -9.738  8.770   1.00 39.50  ? 62  GLU A N   1 
ATOM   430  C  CA  . GLU A 1 65 ? -3.059  -9.257  10.122  1.00 40.99  ? 62  GLU A CA  1 
ATOM   431  C  C   . GLU A 1 65 ? -1.812  -9.343  10.981  1.00 38.67  ? 62  GLU A C   1 
ATOM   432  O  O   . GLU A 1 65 ? -1.460  -8.402  11.692  1.00 37.02  ? 62  GLU A O   1 
ATOM   433  C  CB  . GLU A 1 65 ? -4.238  -10.011 10.754  1.00 43.48  ? 62  GLU A CB  1 
ATOM   434  C  CG  . GLU A 1 65 ? -5.583  -9.637  10.130  1.00 47.36  ? 62  GLU A CG  1 
ATOM   435  C  CD  . GLU A 1 65 ? -5.814  -8.128  10.038  1.00 49.92  ? 62  GLU A CD  1 
ATOM   436  O  OE1 . GLU A 1 65 ? -5.756  -7.450  11.094  1.00 51.88  ? 62  GLU A OE1 1 
ATOM   437  O  OE2 . GLU A 1 65 ? -6.039  -7.616  8.912   1.00 47.22  ? 62  GLU A OE2 1 
ATOM   438  N  N   . ASN A 1 66 ? -1.115  -10.462 10.853  1.00 37.38  ? 63  ASN A N   1 
ATOM   439  C  CA  . ASN A 1 66 ? 0.165   -10.656 11.559  1.00 36.19  ? 63  ASN A CA  1 
ATOM   440  C  C   . ASN A 1 66 ? 1.194   -9.574  11.229  1.00 32.91  ? 63  ASN A C   1 
ATOM   441  O  O   . ASN A 1 66 ? 1.859   -9.034  12.117  1.00 32.23  ? 63  ASN A O   1 
ATOM   442  C  CB  . ASN A 1 66 ? 0.752   -12.009 11.248  1.00 36.94  ? 63  ASN A CB  1 
ATOM   443  C  CG  . ASN A 1 66 ? -0.056  -13.156 11.832  1.00 38.18  ? 63  ASN A CG  1 
ATOM   444  O  OD1 . ASN A 1 66 ? -0.348  -13.199 13.024  1.00 36.72  ? 63  ASN A OD1 1 
ATOM   445  N  ND2 . ASN A 1 66 ? -0.357  -14.129 10.995  1.00 43.61  ? 63  ASN A ND2 1 
ATOM   446  N  N   . TYR A 1 67 ? 1.299   -9.253  9.951   1.00 31.43  ? 64  TYR A N   1 
ATOM   447  C  CA  . TYR A 1 67 ? 2.231   -8.210  9.490   1.00 32.17  ? 64  TYR A CA  1 
ATOM   448  C  C   . TYR A 1 67 ? 1.869   -6.819  9.944   1.00 31.82  ? 64  TYR A C   1 
ATOM   449  O  O   . TYR A 1 67 ? 2.733   -5.998  10.192  1.00 32.15  ? 64  TYR A O   1 
ATOM   450  C  CB  . TYR A 1 67 ? 2.447   -8.260  7.976   1.00 33.18  ? 64  TYR A CB  1 
ATOM   451  C  CG  . TYR A 1 67 ? 3.357   -9.426  7.655   1.00 35.05  ? 64  TYR A CG  1 
ATOM   452  C  CD1 . TYR A 1 67 ? 4.643   -9.496  8.207   1.00 36.68  ? 64  TYR A CD1 1 
ATOM   453  C  CD2 . TYR A 1 67 ? 2.925   -10.484 6.889   1.00 34.87  ? 64  TYR A CD2 1 
ATOM   454  C  CE1 . TYR A 1 67 ? 5.470   -10.575 7.983   1.00 35.73  ? 64  TYR A CE1 1 
ATOM   455  C  CE2 . TYR A 1 67 ? 3.747   -11.567 6.655   1.00 36.68  ? 64  TYR A CE2 1 
ATOM   456  C  CZ  . TYR A 1 67 ? 5.015   -11.612 7.206   1.00 37.67  ? 64  TYR A CZ  1 
ATOM   457  O  OH  . TYR A 1 67 ? 5.840   -12.698 6.962   1.00 38.05  ? 64  TYR A OH  1 
ATOM   458  N  N   . LYS A 1 68 ? 0.591   -6.549  10.074  1.00 34.80  ? 65  LYS A N   1 
ATOM   459  C  CA  . LYS A 1 68 ? 0.168   -5.222  10.550  1.00 37.86  ? 65  LYS A CA  1 
ATOM   460  C  C   . LYS A 1 68 ? 0.489   -5.098  12.034  1.00 35.31  ? 65  LYS A C   1 
ATOM   461  O  O   . LYS A 1 68 ? 0.910   -4.051  12.498  1.00 34.55  ? 65  LYS A O   1 
ATOM   462  C  CB  . LYS A 1 68 ? -1.327  -4.964  10.291  1.00 43.02  ? 65  LYS A CB  1 
ATOM   463  C  CG  . LYS A 1 68 ? -1.686  -4.744  8.819   1.00 46.72  ? 65  LYS A CG  1 
ATOM   464  C  CD  . LYS A 1 68 ? -3.129  -5.166  8.541   1.00 51.45  ? 65  LYS A CD  1 
ATOM   465  C  CE  . LYS A 1 68 ? -4.104  -4.040  8.846   1.00 53.57  ? 65  LYS A CE  1 
ATOM   466  N  NZ  . LYS A 1 68 ? -5.513  -4.504  8.708   1.00 57.12  ? 65  LYS A NZ  1 
ATOM   467  N  N   . GLN A 1 69 ? 0.295   -6.183  12.766  1.00 35.94  ? 66  GLN A N   1 
ATOM   468  C  CA  . GLN A 1 69 ? 0.592   -6.199  14.219  1.00 37.50  ? 66  GLN A CA  1 
ATOM   469  C  C   . GLN A 1 69 ? 2.084   -6.079  14.456  1.00 33.95  ? 66  GLN A C   1 
ATOM   470  O  O   . GLN A 1 69 ? 2.537   -5.387  15.343  1.00 30.44  ? 66  GLN A O   1 
ATOM   471  C  CB  . GLN A 1 69 ? 0.055   -7.453  14.881  1.00 43.30  ? 66  GLN A CB  1 
ATOM   472  C  CG  . GLN A 1 69 ? -1.404  -7.665  14.545  1.00 52.05  ? 66  GLN A CG  1 
ATOM   473  C  CD  . GLN A 1 69 ? -1.950  -9.011  14.973  1.00 60.27  ? 66  GLN A CD  1 
ATOM   474  O  OE1 . GLN A 1 69 ? -1.275  -10.049 14.855  1.00 62.74  ? 66  GLN A OE1 1 
ATOM   475  N  NE2 . GLN A 1 69 ? -3.203  -9.010  15.453  1.00 61.05  ? 66  GLN A NE2 1 
ATOM   476  N  N   . LEU A 1 70 ? 2.825   -6.783  13.619  1.00 32.13  ? 67  LEU A N   1 
ATOM   477  C  CA  . LEU A 1 70 ? 4.291   -6.747  13.609  1.00 28.81  ? 67  LEU A CA  1 
ATOM   478  C  C   . LEU A 1 70 ? 4.741   -5.322  13.365  1.00 26.09  ? 67  LEU A C   1 
ATOM   479  O  O   . LEU A 1 70 ? 5.563   -4.787  14.091  1.00 26.61  ? 67  LEU A O   1 
ATOM   480  C  CB  . LEU A 1 70 ? 4.816   -7.675  12.506  1.00 29.72  ? 67  LEU A CB  1 
ATOM   481  C  CG  . LEU A 1 70 ? 6.113   -8.442  12.655  1.00 29.77  ? 67  LEU A CG  1 
ATOM   482  C  CD1 . LEU A 1 70 ? 6.075   -9.527  13.712  1.00 31.70  ? 67  LEU A CD1 1 
ATOM   483  C  CD2 . LEU A 1 70 ? 6.385   -9.082  11.320  1.00 29.60  ? 67  LEU A CD2 1 
ATOM   484  N  N   . ILE A 1 71 ? 4.170   -4.691  12.355  1.00 24.64  ? 68  ILE A N   1 
ATOM   485  C  CA  . ILE A 1 71 ? 4.575   -3.326  12.009  1.00 25.12  ? 68  ILE A CA  1 
ATOM   486  C  C   . ILE A 1 71 ? 4.237   -2.422  13.182  1.00 27.72  ? 68  ILE A C   1 
ATOM   487  O  O   . ILE A 1 71 ? 4.913   -1.428  13.463  1.00 29.33  ? 68  ILE A O   1 
ATOM   488  C  CB  . ILE A 1 71 ? 3.883   -2.773  10.743  1.00 25.98  ? 68  ILE A CB  1 
ATOM   489  C  CG1 . ILE A 1 71 ? 4.415   -3.470  9.488   1.00 26.21  ? 68  ILE A CG1 1 
ATOM   490  C  CG2 . ILE A 1 71 ? 4.105   -1.257  10.622  1.00 25.10  ? 68  ILE A CG2 1 
ATOM   491  C  CD1 . ILE A 1 71 ? 3.969   -2.836  8.184   1.00 26.00  ? 68  ILE A CD1 1 
ATOM   492  N  N   . ASP A 1 72 ? 3.197   -2.812  13.899  1.00 30.36  ? 69  ASP A N   1 
ATOM   493  C  CA  . ASP A 1 72 ? 2.642   -1.992  14.983  1.00 32.31  ? 69  ASP A CA  1 
ATOM   494  C  C   . ASP A 1 72 ? 3.575   -1.916  16.157  1.00 29.53  ? 69  ASP A C   1 
ATOM   495  O  O   . ASP A 1 72 ? 3.808   -0.842  16.685  1.00 26.49  ? 69  ASP A O   1 
ATOM   496  C  CB  . ASP A 1 72 ? 1.284   -2.523  15.466  1.00 38.60  ? 69  ASP A CB  1 
ATOM   497  C  CG  . ASP A 1 72 ? 0.107   -1.895  14.712  1.00 44.32  ? 69  ASP A CG  1 
ATOM   498  O  OD1 . ASP A 1 72 ? 0.203   -0.693  14.352  1.00 48.26  ? 69  ASP A OD1 1 
ATOM   499  O  OD2 . ASP A 1 72 ? -0.908  -2.595  14.477  1.00 51.18  ? 69  ASP A OD2 1 
ATOM   500  N  N   . ASN A 1 73 ? 4.089   -3.077  16.558  1.00 30.73  ? 70  ASN A N   1 
ATOM   501  C  CA  . ASN A 1 73 ? 5.120   -3.176  17.621  1.00 32.34  ? 70  ASN A CA  1 
ATOM   502  C  C   . ASN A 1 73 ? 6.367   -2.433  17.244  1.00 28.02  ? 70  ASN A C   1 
ATOM   503  O  O   . ASN A 1 73 ? 6.942   -1.722  18.045  1.00 24.49  ? 70  ASN A O   1 
ATOM   504  C  CB  . ASN A 1 73 ? 5.523   -4.613  17.919  1.00 38.23  ? 70  ASN A CB  1 
ATOM   505  C  CG  . ASN A 1 73 ? 4.382   -5.418  18.440  1.00 44.97  ? 70  ASN A CG  1 
ATOM   506  O  OD1 . ASN A 1 73 ? 4.071   -5.363  19.630  1.00 55.68  ? 70  ASN A OD1 1 
ATOM   507  N  ND2 . ASN A 1 73 ? 3.700   -6.126  17.543  1.00 48.79  ? 70  ASN A ND2 1 
ATOM   508  N  N   . GLN A 1 74 ? 6.779   -2.627  15.998  1.00 26.04  ? 71  GLN A N   1 
ATOM   509  C  CA  . GLN A 1 74 ? 8.062   -2.094  15.541  1.00 24.52  ? 71  GLN A CA  1 
ATOM   510  C  C   . GLN A 1 74 ? 8.039   -0.593  15.585  1.00 25.99  ? 71  GLN A C   1 
ATOM   511  O  O   . GLN A 1 74 ? 9.023   0.029   15.959  1.00 26.50  ? 71  GLN A O   1 
ATOM   512  C  CB  . GLN A 1 74 ? 8.415   -2.618  14.160  1.00 22.70  ? 71  GLN A CB  1 
ATOM   513  C  CG  . GLN A 1 74 ? 8.557   -4.121  14.223  1.00 20.61  ? 71  GLN A CG  1 
ATOM   514  C  CD  . GLN A 1 74 ? 8.734   -4.771  12.897  1.00 18.99  ? 71  GLN A CD  1 
ATOM   515  O  OE1 . GLN A 1 74 ? 8.277   -4.275  11.886  1.00 17.00  ? 71  GLN A OE1 1 
ATOM   516  N  NE2 . GLN A 1 74 ? 9.420   -5.921  12.896  1.00 19.86  ? 71  GLN A NE2 1 
ATOM   517  N  N   . LYS A 1 75 ? 6.894   -0.012  15.274  1.00 29.31  ? 72  LYS A N   1 
ATOM   518  C  CA  . LYS A 1 75 ? 6.762   1.451   15.401  1.00 32.64  ? 72  LYS A CA  1 
ATOM   519  C  C   . LYS A 1 75 ? 6.754   1.879   16.868  1.00 32.64  ? 72  LYS A C   1 
ATOM   520  O  O   . LYS A 1 75 ? 7.255   2.932   17.244  1.00 33.18  ? 72  LYS A O   1 
ATOM   521  C  CB  . LYS A 1 75 ? 5.511   1.959   14.710  1.00 37.28  ? 72  LYS A CB  1 
ATOM   522  C  CG  . LYS A 1 75 ? 5.475   1.672   13.221  1.00 40.57  ? 72  LYS A CG  1 
ATOM   523  C  CD  . LYS A 1 75 ? 4.607   2.665   12.491  1.00 46.34  ? 72  LYS A CD  1 
ATOM   524  C  CE  . LYS A 1 75 ? 3.146   2.583   12.917  1.00 52.71  ? 72  LYS A CE  1 
ATOM   525  N  NZ  . LYS A 1 75 ? 2.303   3.581   12.189  1.00 56.78  ? 72  LYS A NZ  1 
ATOM   526  N  N   . GLU A 1 76 ? 6.206   1.025   17.703  1.00 36.30  ? 73  GLU A N   1 
ATOM   527  C  CA  . GLU A 1 76 ? 6.322   1.194   19.171  1.00 40.44  ? 73  GLU A CA  1 
ATOM   528  C  C   . GLU A 1 76 ? 7.797   1.222   19.618  1.00 38.24  ? 73  GLU A C   1 
ATOM   529  O  O   . GLU A 1 76 ? 8.259   2.164   20.281  1.00 39.76  ? 73  GLU A O   1 
ATOM   530  C  CB  . GLU A 1 76 ? 5.617   0.042   19.919  1.00 48.36  ? 73  GLU A CB  1 
ATOM   531  C  CG  . GLU A 1 76 ? 4.217   0.314   20.450  1.00 54.28  ? 73  GLU A CG  1 
ATOM   532  C  CD  . GLU A 1 76 ? 3.786   -0.746  21.471  1.00 63.02  ? 73  GLU A CD  1 
ATOM   533  O  OE1 . GLU A 1 76 ? 3.538   -1.906  21.055  1.00 63.86  ? 73  GLU A OE1 1 
ATOM   534  O  OE2 . GLU A 1 76 ? 3.710   -0.427  22.691  1.00 62.28  ? 73  GLU A OE2 1 
ATOM   535  N  N   . GLN A 1 77 ? 8.522   0.165   19.261  1.00 36.30  ? 74  GLN A N   1 
ATOM   536  C  CA  . GLN A 1 77 ? 9.967   0.025   19.601  1.00 35.82  ? 74  GLN A CA  1 
ATOM   537  C  C   . GLN A 1 77 ? 10.728  1.191   19.099  1.00 31.82  ? 74  GLN A C   1 
ATOM   538  O  O   . GLN A 1 77 ? 11.604  1.709   19.744  1.00 29.37  ? 74  GLN A O   1 
ATOM   539  C  CB  . GLN A 1 77 ? 10.604  -1.174  18.921  1.00 38.20  ? 74  GLN A CB  1 
ATOM   540  C  CG  . GLN A 1 77 ? 10.765  -2.364  19.810  1.00 43.82  ? 74  GLN A CG  1 
ATOM   541  C  CD  . GLN A 1 77 ? 10.729  -3.636  19.022  1.00 46.70  ? 74  GLN A CD  1 
ATOM   542  O  OE1 . GLN A 1 77 ? 11.656  -3.978  18.283  1.00 50.81  ? 74  GLN A OE1 1 
ATOM   543  N  NE2 . GLN A 1 77 ? 9.644   -4.364  19.181  1.00 67.17  ? 74  GLN A NE2 1 
ATOM   544  N  N   . LEU A 1 78 ? 10.380  1.575   17.897  1.00 31.04  ? 75  LEU A N   1 
ATOM   545  C  CA  . LEU A 1 78 ? 11.041  2.675   17.231  1.00 35.17  ? 75  LEU A CA  1 
ATOM   546  C  C   . LEU A 1 78 ? 10.952  3.887   18.141  1.00 38.56  ? 75  LEU A C   1 
ATOM   547  O  O   . LEU A 1 78 ? 11.933  4.607   18.374  1.00 39.09  ? 75  LEU A O   1 
ATOM   548  C  CB  . LEU A 1 78 ? 10.335  2.926   15.899  1.00 35.96  ? 75  LEU A CB  1 
ATOM   549  C  CG  . LEU A 1 78 ? 11.011  3.715   14.799  1.00 36.12  ? 75  LEU A CG  1 
ATOM   550  C  CD1 . LEU A 1 78 ? 12.313  3.036   14.380  1.00 37.17  ? 75  LEU A CD1 1 
ATOM   551  C  CD2 . LEU A 1 78 ? 10.030  3.812   13.635  1.00 34.97  ? 75  LEU A CD2 1 
ATOM   552  N  N   . LYS A 1 79 ? 9.771   4.053   18.722  1.00 42.51  ? 76  LYS A N   1 
ATOM   553  C  CA  . LYS A 1 79 ? 9.509   5.194   19.621  1.00 43.39  ? 76  LYS A CA  1 
ATOM   554  C  C   . LYS A 1 79 ? 10.420  5.122   20.831  1.00 38.47  ? 76  LYS A C   1 
ATOM   555  O  O   . LYS A 1 79 ? 11.087  6.093   21.190  1.00 37.84  ? 76  LYS A O   1 
ATOM   556  C  CB  . LYS A 1 79 ? 8.034   5.269   20.069  1.00 50.24  ? 76  LYS A CB  1 
ATOM   557  C  CG  . LYS A 1 79 ? 7.288   6.468   19.491  1.00 57.41  ? 76  LYS A CG  1 
ATOM   558  C  CD  . LYS A 1 79 ? 5.960   6.723   20.199  1.00 66.50  ? 76  LYS A CD  1 
ATOM   559  C  CE  . LYS A 1 79 ? 5.508   8.185   20.081  1.00 72.07  ? 76  LYS A CE  1 
ATOM   560  N  NZ  . LYS A 1 79 ? 4.400   8.527   21.024  1.00 75.40  ? 76  LYS A NZ  1 
ATOM   561  N  N   . THR A 1 80 ? 10.425  3.958   21.458  1.00 33.77  ? 77  THR A N   1 
ATOM   562  C  CA  . THR A 1 80 ? 11.268  3.725   22.638  1.00 32.50  ? 77  THR A CA  1 
ATOM   563  C  C   . THR A 1 80 ? 12.757  3.952   22.336  1.00 35.14  ? 77  THR A C   1 
ATOM   564  O  O   . THR A 1 80 ? 13.485  4.568   23.127  1.00 35.41  ? 77  THR A O   1 
ATOM   565  C  CB  . THR A 1 80 ? 11.131  2.294   23.163  1.00 30.67  ? 77  THR A CB  1 
ATOM   566  O  OG1 . THR A 1 80 ? 9.756   2.023   23.466  1.00 28.51  ? 77  THR A OG1 1 
ATOM   567  C  CG2 . THR A 1 80 ? 12.002  2.102   24.398  1.00 29.62  ? 77  THR A CG2 1 
ATOM   568  N  N   . TYR A 1 81 ? 13.205  3.439   21.191  1.00 34.31  ? 78  TYR A N   1 
ATOM   569  C  CA  . TYR A 1 81 ? 14.625  3.593   20.791  1.00 34.50  ? 78  TYR A CA  1 
ATOM   570  C  C   . TYR A 1 81 ? 14.982  5.056   20.656  1.00 37.21  ? 78  TYR A C   1 
ATOM   571  O  O   . TYR A 1 81 ? 16.032  5.481   21.095  1.00 35.94  ? 78  TYR A O   1 
ATOM   572  C  CB  . TYR A 1 81 ? 14.990  2.865   19.483  1.00 32.14  ? 78  TYR A CB  1 
ATOM   573  C  CG  . TYR A 1 81 ? 15.300  1.386   19.632  1.00 27.99  ? 78  TYR A CG  1 
ATOM   574  C  CD1 . TYR A 1 81 ? 16.260  0.935   20.525  1.00 27.19  ? 78  TYR A CD1 1 
ATOM   575  C  CD2 . TYR A 1 81 ? 14.667  0.452   18.842  1.00 26.84  ? 78  TYR A CD2 1 
ATOM   576  C  CE1 . TYR A 1 81 ? 16.550  -0.423  20.648  1.00 26.14  ? 78  TYR A CE1 1 
ATOM   577  C  CE2 . TYR A 1 81 ? 14.935  -0.902  18.966  1.00 26.50  ? 78  TYR A CE2 1 
ATOM   578  C  CZ  . TYR A 1 81 ? 15.877  -1.344  19.862  1.00 26.53  ? 78  TYR A CZ  1 
ATOM   579  O  OH  . TYR A 1 81 ? 16.120  -2.711  19.958  1.00 25.70  ? 78  TYR A OH  1 
ATOM   580  N  N   . LYS A 1 82 ? 14.098  5.814   20.024  1.00 44.61  ? 79  LYS A N   1 
ATOM   581  C  CA  . LYS A 1 82 ? 14.320  7.273   19.847  1.00 49.85  ? 79  LYS A CA  1 
ATOM   582  C  C   . LYS A 1 82 ? 14.364  7.990   21.200  1.00 49.16  ? 79  LYS A C   1 
ATOM   583  O  O   . LYS A 1 82 ? 15.109  8.932   21.374  1.00 48.62  ? 79  LYS A O   1 
ATOM   584  C  CB  . LYS A 1 82 ? 13.278  7.905   18.912  1.00 57.70  ? 79  LYS A CB  1 
ATOM   585  C  CG  . LYS A 1 82 ? 13.278  7.316   17.496  1.00 62.79  ? 79  LYS A CG  1 
ATOM   586  C  CD  . LYS A 1 82 ? 12.166  7.829   16.602  1.00 68.50  ? 79  LYS A CD  1 
ATOM   587  C  CE  . LYS A 1 82 ? 12.361  9.292   16.233  1.00 74.03  ? 79  LYS A CE  1 
ATOM   588  N  NZ  . LYS A 1 82 ? 11.351  9.783   15.252  1.00 78.79  ? 79  LYS A NZ  1 
ATOM   589  N  N   . ASN A 1 83 ? 13.584  7.505   22.162  1.00 50.50  ? 80  ASN A N   1 
ATOM   590  C  CA  . ASN A 1 83 ? 13.614  8.046   23.546  1.00 52.15  ? 80  ASN A CA  1 
ATOM   591  C  C   . ASN A 1 83 ? 15.030  7.903   24.099  1.00 51.67  ? 80  ASN A C   1 
ATOM   592  O  O   . ASN A 1 83 ? 15.633  8.849   24.609  1.00 53.59  ? 80  ASN A O   1 
ATOM   593  C  CB  . ASN A 1 83 ? 12.680  7.269   24.488  1.00 56.00  ? 80  ASN A CB  1 
ATOM   594  C  CG  . ASN A 1 83 ? 11.320  7.906   24.650  1.00 57.70  ? 80  ASN A CG  1 
ATOM   595  O  OD1 . ASN A 1 83 ? 11.161  9.117   24.524  1.00 61.96  ? 80  ASN A OD1 1 
ATOM   596  N  ND2 . ASN A 1 83 ? 10.329  7.085   24.982  1.00 61.17  ? 80  ASN A ND2 1 
ATOM   597  N  N   . LEU A 1 84 ? 15.529  6.683   23.978  1.00 47.62  ? 81  LEU A N   1 
ATOM   598  C  CA  . LEU A 1 84 ? 16.851  6.285   24.507  1.00 45.89  ? 81  LEU A CA  1 
ATOM   599  C  C   . LEU A 1 84 ? 18.014  7.149   24.063  1.00 46.51  ? 81  LEU A C   1 
ATOM   600  O  O   . LEU A 1 84 ? 18.885  7.463   24.859  1.00 49.42  ? 81  LEU A O   1 
ATOM   601  C  CB  . LEU A 1 84 ? 17.178  4.840   24.166  1.00 43.73  ? 81  LEU A CB  1 
ATOM   602  C  CG  . LEU A 1 84 ? 16.577  3.784   25.098  1.00 42.37  ? 81  LEU A CG  1 
ATOM   603  C  CD1 . LEU A 1 84 ? 16.577  2.420   24.449  1.00 41.20  ? 81  LEU A CD1 1 
ATOM   604  C  CD2 . LEU A 1 84 ? 17.372  3.719   26.387  1.00 43.69  ? 81  LEU A CD2 1 
ATOM   605  N  N   . LEU A 1 85 ? 18.030  7.509   22.789  1.00 48.01  ? 82  LEU A N   1 
ATOM   606  C  CA  . LEU A 1 85 ? 19.182  8.250   22.204  1.00 48.11  ? 82  LEU A CA  1 
ATOM   607  C  C   . LEU A 1 85 ? 19.763  9.309   23.159  1.00 52.95  ? 82  LEU A C   1 
ATOM   608  O  O   . LEU A 1 85 ? 19.018  10.095  23.754  1.00 49.50  ? 82  LEU A O   1 
ATOM   609  C  CB  . LEU A 1 85 ? 18.845  8.893   20.856  1.00 44.96  ? 82  LEU A CB  1 
ATOM   610  C  CG  . LEU A 1 85 ? 18.852  7.991   19.617  1.00 43.15  ? 82  LEU A CG  1 
ATOM   611  C  CD1 . LEU A 1 85 ? 18.342  8.740   18.400  1.00 42.14  ? 82  LEU A CD1 1 
ATOM   612  C  CD2 . LEU A 1 85 ? 20.243  7.448   19.332  1.00 43.53  ? 82  LEU A CD2 1 
ATOM   613  N  N   . ASN A 1 86 ? 21.098  9.286   23.268  1.00 56.63  ? 83  ASN A N   1 
ATOM   614  C  CA  . ASN A 1 86 ? 21.915  10.183  24.140  1.00 56.68  ? 83  ASN A CA  1 
ATOM   615  C  C   . ASN A 1 86 ? 22.264  9.560   25.490  1.00 57.90  ? 83  ASN A C   1 
ATOM   616  O  O   . ASN A 1 86 ? 23.421  9.239   25.747  1.00 54.66  ? 83  ASN A O   1 
ATOM   617  C  CB  . ASN A 1 86 ? 21.228  11.526  24.364  1.00 60.20  ? 83  ASN A CB  1 
ATOM   618  C  CG  . ASN A 1 86 ? 21.368  12.452  23.171  1.00 63.39  ? 83  ASN A CG  1 
ATOM   619  O  OD1 . ASN A 1 86 ? 21.325  12.017  22.008  1.00 61.56  ? 83  ASN A OD1 1 
ATOM   620  N  ND2 . ASN A 1 86 ? 21.531  13.742  23.450  1.00 64.19  ? 83  ASN A ND2 1 
ATOM   621  N  N   . ASN B 1 20 ? 7.271   -10.673 -6.430  1.00 64.76  ? 17  ASN B N   1 
ATOM   622  C  CA  . ASN B 1 20 ? 7.563   -9.908  -5.185  1.00 61.97  ? 17  ASN B CA  1 
ATOM   623  C  C   . ASN B 1 20 ? 8.287   -8.606  -5.528  1.00 55.20  ? 17  ASN B C   1 
ATOM   624  O  O   . ASN B 1 20 ? 9.491   -8.596  -5.791  1.00 56.00  ? 17  ASN B O   1 
ATOM   625  C  CB  . ASN B 1 20 ? 8.387   -10.756 -4.212  1.00 65.15  ? 17  ASN B CB  1 
ATOM   626  C  CG  . ASN B 1 20 ? 8.781   -10.003 -2.934  1.00 72.45  ? 17  ASN B CG  1 
ATOM   627  O  OD1 . ASN B 1 20 ? 9.311   -8.884  -2.975  1.00 71.53  ? 17  ASN B OD1 1 
ATOM   628  N  ND2 . ASN B 1 20 ? 8.553   -10.638 -1.788  1.00 76.74  ? 17  ASN B ND2 1 
ATOM   629  N  N   . LEU B 1 21 ? 7.507   -7.530  -5.551  1.00 45.07  ? 18  LEU B N   1 
ATOM   630  C  CA  . LEU B 1 21 ? 8.010   -6.158  -5.687  1.00 36.79  ? 18  LEU B CA  1 
ATOM   631  C  C   . LEU B 1 21 ? 7.977   -5.471  -4.323  1.00 32.17  ? 18  LEU B C   1 
ATOM   632  O  O   . LEU B 1 21 ? 7.259   -5.886  -3.430  1.00 29.81  ? 18  LEU B O   1 
ATOM   633  C  CB  . LEU B 1 21 ? 7.152   -5.350  -6.662  1.00 37.20  ? 18  LEU B CB  1 
ATOM   634  C  CG  . LEU B 1 21 ? 6.844   -5.988  -8.025  1.00 39.25  ? 18  LEU B CG  1 
ATOM   635  C  CD1 . LEU B 1 21 ? 5.973   -5.066  -8.876  1.00 38.15  ? 18  LEU B CD1 1 
ATOM   636  C  CD2 . LEU B 1 21 ? 8.137   -6.339  -8.756  1.00 39.58  ? 18  LEU B CD2 1 
ATOM   637  N  N   . THR B 1 22 ? 8.763   -4.414  -4.182  1.00 28.44  ? 19  THR B N   1 
ATOM   638  C  CA  . THR B 1 22 ? 8.820   -3.638  -2.943  1.00 25.00  ? 19  THR B CA  1 
ATOM   639  C  C   . THR B 1 22 ? 7.546   -2.804  -2.863  1.00 24.58  ? 19  THR B C   1 
ATOM   640  O  O   . THR B 1 22 ? 6.878   -2.612  -3.864  1.00 23.28  ? 19  THR B O   1 
ATOM   641  C  CB  . THR B 1 22 ? 10.066  -2.723  -2.854  1.00 23.88  ? 19  THR B CB  1 
ATOM   642  O  OG1 . THR B 1 22 ? 9.937   -1.636  -3.757  1.00 22.31  ? 19  THR B OG1 1 
ATOM   643  C  CG2 . THR B 1 22 ? 11.338  -3.475  -3.171  1.00 23.30  ? 19  THR B CG2 1 
ATOM   644  N  N   . ILE B 1 23 ? 7.209   -2.339  -1.662  1.00 24.54  ? 20  ILE B N   1 
ATOM   645  C  CA  . ILE B 1 23 ? 6.074   -1.437  -1.456  1.00 23.13  ? 20  ILE B CA  1 
ATOM   646  C  C   . ILE B 1 23 ? 6.173   -0.274  -2.424  1.00 23.37  ? 20  ILE B C   1 
ATOM   647  O  O   . ILE B 1 23 ? 5.202   0.114   -3.042  1.00 23.22  ? 20  ILE B O   1 
ATOM   648  C  CB  . ILE B 1 23 ? 6.019   -0.877  -0.019  1.00 23.61  ? 20  ILE B CB  1 
ATOM   649  C  CG1 . ILE B 1 23 ? 4.961   0.259   0.093   1.00 24.43  ? 20  ILE B CG1 1 
ATOM   650  C  CG2 . ILE B 1 23 ? 7.400   -0.416  0.422   1.00 23.11  ? 20  ILE B CG2 1 
ATOM   651  C  CD1 . ILE B 1 23 ? 4.446   0.537   1.499   1.00 24.20  ? 20  ILE B CD1 1 
ATOM   652  N  N   . GLU B 1 24 ? 7.349   0.291   -2.586  1.00 24.30  ? 21  GLU B N   1 
ATOM   653  C  CA  . GLU B 1 24 ? 7.427   1.480   -3.454  1.00 26.06  ? 21  GLU B CA  1 
ATOM   654  C  C   . GLU B 1 24 ? 7.097   1.150   -4.902  1.00 27.47  ? 21  GLU B C   1 
ATOM   655  O  O   . GLU B 1 24 ? 6.487   1.937   -5.606  1.00 28.02  ? 21  GLU B O   1 
ATOM   656  C  CB  . GLU B 1 24 ? 8.763   2.184   -3.346  1.00 26.25  ? 21  GLU B CB  1 
ATOM   657  C  CG  . GLU B 1 24 ? 8.879   2.934   -2.031  1.00 27.53  ? 21  GLU B CG  1 
ATOM   658  C  CD  . GLU B 1 24 ? 10.283  3.404   -1.783  1.00 29.34  ? 21  GLU B CD  1 
ATOM   659  O  OE1 . GLU B 1 24 ? 11.149  2.538   -1.493  1.00 30.44  ? 21  GLU B OE1 1 
ATOM   660  O  OE2 . GLU B 1 24 ? 10.520  4.631   -1.887  1.00 29.69  ? 21  GLU B OE2 1 
ATOM   661  N  N   . GLU B 1 25 ? 7.496   -0.029  -5.334  1.00 29.44  ? 22  GLU B N   1 
ATOM   662  C  CA  . GLU B 1 25 ? 7.169   -0.483  -6.695  1.00 30.46  ? 22  GLU B CA  1 
ATOM   663  C  C   . GLU B 1 25 ? 5.701   -0.765  -6.868  1.00 30.32  ? 22  GLU B C   1 
ATOM   664  O  O   . GLU B 1 25 ? 5.136   -0.429  -7.890  1.00 33.31  ? 22  GLU B O   1 
ATOM   665  C  CB  . GLU B 1 25 ? 7.969   -1.716  -7.073  1.00 32.18  ? 22  GLU B CB  1 
ATOM   666  C  CG  . GLU B 1 25 ? 9.380   -1.310  -7.389  1.00 33.68  ? 22  GLU B CG  1 
ATOM   667  C  CD  . GLU B 1 25 ? 10.292  -2.475  -7.577  1.00 37.58  ? 22  GLU B CD  1 
ATOM   668  O  OE1 . GLU B 1 25 ? 10.170  -3.457  -6.818  1.00 40.28  ? 22  GLU B OE1 1 
ATOM   669  O  OE2 . GLU B 1 25 ? 11.142  -2.402  -8.494  1.00 44.40  ? 22  GLU B OE2 1 
ATOM   670  N  N   . ASN B 1 26 ? 5.101   -1.400  -5.867  1.00 28.84  ? 23  ASN B N   1 
ATOM   671  C  CA  . ASN B 1 26 ? 3.661   -1.591  -5.846  1.00 27.46  ? 23  ASN B CA  1 
ATOM   672  C  C   . ASN B 1 26 ? 2.944   -0.226  -5.867  1.00 27.82  ? 23  ASN B C   1 
ATOM   673  O  O   . ASN B 1 26 ? 1.884   -0.070  -6.457  1.00 31.29  ? 23  ASN B O   1 
ATOM   674  C  CB  . ASN B 1 26 ? 3.252   -2.506  -4.696  1.00 27.01  ? 23  ASN B CB  1 
ATOM   675  C  CG  . ASN B 1 26 ? 3.654   -3.969  -4.950  1.00 26.36  ? 23  ASN B CG  1 
ATOM   676  O  OD1 . ASN B 1 26 ? 3.624   -4.437  -6.078  1.00 25.39  ? 23  ASN B OD1 1 
ATOM   677  N  ND2 . ASN B 1 26 ? 3.992   -4.693  -3.895  1.00 26.15  ? 23  ASN B ND2 1 
ATOM   678  N  N   . ILE B 1 27 ? 3.575   0.788   -5.323  1.00 28.45  ? 24  ILE B N   1 
ATOM   679  C  CA  . ILE B 1 27 ? 2.969   2.138   -5.286  1.00 30.59  ? 24  ILE B CA  1 
ATOM   680  C  C   . ILE B 1 27 ? 2.989   2.752   -6.683  1.00 32.40  ? 24  ILE B C   1 
ATOM   681  O  O   . ILE B 1 27 ? 2.008   3.305   -7.152  1.00 32.53  ? 24  ILE B O   1 
ATOM   682  C  CB  . ILE B 1 27 ? 3.671   3.028   -4.255  1.00 29.74  ? 24  ILE B CB  1 
ATOM   683  C  CG1 . ILE B 1 27 ? 3.178   2.658   -2.855  1.00 29.42  ? 24  ILE B CG1 1 
ATOM   684  C  CG2 . ILE B 1 27 ? 3.498   4.510   -4.551  1.00 30.49  ? 24  ILE B CG2 1 
ATOM   685  C  CD1 . ILE B 1 27 ? 4.003   3.311   -1.788  1.00 29.17  ? 24  ILE B CD1 1 
ATOM   686  N  N   . ILE B 1 28 ? 4.117   2.617   -7.339  1.00 32.61  ? 25  ILE B N   1 
ATOM   687  C  CA  . ILE B 1 28 ? 4.230   3.092   -8.707  1.00 33.65  ? 25  ILE B CA  1 
ATOM   688  C  C   . ILE B 1 28 ? 3.208   2.418   -9.611  1.00 33.14  ? 25  ILE B C   1 
ATOM   689  O  O   . ILE B 1 28 ? 2.497   3.076   -10.344 1.00 29.52  ? 25  ILE B O   1 
ATOM   690  C  CB  . ILE B 1 28 ? 5.628   2.875   -9.254  1.00 35.53  ? 25  ILE B CB  1 
ATOM   691  C  CG1 . ILE B 1 28 ? 6.546   3.980   -8.714  1.00 37.11  ? 25  ILE B CG1 1 
ATOM   692  C  CG2 . ILE B 1 28 ? 5.600   2.860   -10.776 1.00 36.96  ? 25  ILE B CG2 1 
ATOM   693  C  CD1 . ILE B 1 28 ? 7.963   3.506   -8.526  1.00 38.78  ? 25  ILE B CD1 1 
ATOM   694  N  N   . ASN B 1 29 ? 3.137   1.100   -9.540  1.00 33.73  ? 26  ASN B N   1 
ATOM   695  C  CA  . ASN B 1 29 ? 2.097   0.358   -10.293 1.00 35.05  ? 26  ASN B CA  1 
ATOM   696  C  C   . ASN B 1 29 ? 0.680   0.802   -9.945  1.00 34.76  ? 26  ASN B C   1 
ATOM   697  O  O   . ASN B 1 29 ? -0.117  1.079   -10.824 1.00 34.91  ? 26  ASN B O   1 
ATOM   698  C  CB  . ASN B 1 29 ? 2.230   -1.157  -10.146 1.00 35.16  ? 26  ASN B CB  1 
ATOM   699  C  CG  . ASN B 1 29 ? 3.469   -1.699  -10.829 1.00 38.26  ? 26  ASN B CG  1 
ATOM   700  O  OD1 . ASN B 1 29 ? 3.809   -2.877  -10.678 1.00 41.49  ? 26  ASN B OD1 1 
ATOM   701  N  ND2 . ASN B 1 29 ? 4.181   -0.835  -11.560 1.00 39.62  ? 26  ASN B ND2 1 
ATOM   702  N  N   . LEU B 1 30 ? 0.378   0.883   -8.658  1.00 34.25  ? 27  LEU B N   1 
ATOM   703  C  CA  . LEU B 1 30 ? -0.946  1.382   -8.212  1.00 34.25  ? 27  LEU B CA  1 
ATOM   704  C  C   . LEU B 1 30 ? -1.253  2.737   -8.827  1.00 34.35  ? 27  LEU B C   1 
ATOM   705  O  O   . LEU B 1 30 ? -2.390  3.025   -9.197  1.00 32.42  ? 27  LEU B O   1 
ATOM   706  C  CB  . LEU B 1 30 ? -1.059  1.503   -6.685  1.00 33.00  ? 27  LEU B CB  1 
ATOM   707  C  CG  . LEU B 1 30 ? -2.490  1.616   -6.131  1.00 30.92  ? 27  LEU B CG  1 
ATOM   708  C  CD1 . LEU B 1 30 ? -3.448  0.612   -6.762  1.00 30.47  ? 27  LEU B CD1 1 
ATOM   709  C  CD2 . LEU B 1 30 ? -2.449  1.409   -4.627  1.00 31.15  ? 27  LEU B CD2 1 
ATOM   710  N  N   . LYS B 1 31 ? -0.226  3.563   -8.932  1.00 34.58  ? 28  LYS B N   1 
ATOM   711  C  CA  . LYS B 1 31 ? -0.395  4.893   -9.521  1.00 37.86  ? 28  LYS B CA  1 
ATOM   712  C  C   . LYS B 1 31 ? -0.612  4.806   -11.035 1.00 37.57  ? 28  LYS B C   1 
ATOM   713  O  O   . LYS B 1 31 ? -1.343  5.585   -11.623 1.00 34.77  ? 28  LYS B O   1 
ATOM   714  C  CB  . LYS B 1 31 ? 0.796   5.780   -9.189  1.00 40.76  ? 28  LYS B CB  1 
ATOM   715  C  CG  . LYS B 1 31 ? 0.851   6.222   -7.730  1.00 42.43  ? 28  LYS B CG  1 
ATOM   716  C  CD  . LYS B 1 31 ? 2.195   6.892   -7.430  1.00 46.36  ? 28  LYS B CD  1 
ATOM   717  C  CE  . LYS B 1 31 ? 2.223   7.592   -6.071  1.00 47.73  ? 28  LYS B CE  1 
ATOM   718  N  NZ  . LYS B 1 31 ? 3.497   8.321   -5.772  1.00 45.29  ? 28  LYS B NZ  1 
ATOM   719  N  N   . GLN B 1 32 ? 0.028   3.822   -11.641 1.00 38.57  ? 29  GLN B N   1 
ATOM   720  C  CA  . GLN B 1 32 ? -0.122  3.544   -13.081 1.00 40.38  ? 29  GLN B CA  1 
ATOM   721  C  C   . GLN B 1 32 ? -1.550  3.116   -13.420 1.00 40.98  ? 29  GLN B C   1 
ATOM   722  O  O   . GLN B 1 32 ? -2.110  3.504   -14.435 1.00 42.01  ? 29  GLN B O   1 
ATOM   723  C  CB  . GLN B 1 32 ? 0.833   2.425   -13.527 1.00 42.33  ? 29  GLN B CB  1 
ATOM   724  C  CG  . GLN B 1 32 ? 0.971   2.273   -15.030 1.00 44.03  ? 29  GLN B CG  1 
ATOM   725  C  CD  . GLN B 1 32 ? 1.332   3.594   -15.685 1.00 46.02  ? 29  GLN B CD  1 
ATOM   726  O  OE1 . GLN B 1 32 ? 2.279   4.254   -15.266 1.00 45.41  ? 29  GLN B OE1 1 
ATOM   727  N  NE2 . GLN B 1 32 ? 0.548   4.010   -16.682 1.00 49.64  ? 29  GLN B NE2 1 
ATOM   728  N  N   . LYS B 1 33 ? -2.091  2.248   -12.579 1.00 39.57  ? 30  LYS B N   1 
ATOM   729  C  CA  . LYS B 1 33 ? -3.469  1.787   -12.713 1.00 37.49  ? 30  LYS B CA  1 
ATOM   730  C  C   . LYS B 1 33 ? -4.436  2.954   -12.578 1.00 35.49  ? 30  LYS B C   1 
ATOM   731  O  O   . LYS B 1 33 ? -5.409  3.111   -13.320 1.00 34.74  ? 30  LYS B O   1 
ATOM   732  C  CB  . LYS B 1 33 ? -3.781  0.773   -11.635 1.00 38.35  ? 30  LYS B CB  1 
ATOM   733  C  CG  . LYS B 1 33 ? -3.211  -0.592  -11.880 1.00 39.54  ? 30  LYS B CG  1 
ATOM   734  C  CD  . LYS B 1 33 ? -3.400  -1.434  -10.632 1.00 41.30  ? 30  LYS B CD  1 
ATOM   735  C  CE  . LYS B 1 33 ? -3.624  -2.897  -10.958 1.00 44.01  ? 30  LYS B CE  1 
ATOM   736  N  NZ  . LYS B 1 33 ? -2.488  -3.508  -11.711 1.00 48.12  ? 30  LYS B NZ  1 
ATOM   737  N  N   . ILE B 1 34 ? -4.147  3.794   -11.614 1.00 36.46  ? 31  ILE B N   1 
ATOM   738  C  CA  . ILE B 1 34 ? -5.007  4.950   -11.378 1.00 41.37  ? 31  ILE B CA  1 
ATOM   739  C  C   . ILE B 1 34 ? -4.989  5.856   -12.607 1.00 43.71  ? 31  ILE B C   1 
ATOM   740  O  O   . ILE B 1 34 ? -6.016  6.397   -13.024 1.00 43.56  ? 31  ILE B O   1 
ATOM   741  C  CB  . ILE B 1 34 ? -4.607  5.714   -10.104 1.00 40.24  ? 31  ILE B CB  1 
ATOM   742  C  CG1 . ILE B 1 34 ? -5.112  4.934   -8.886  1.00 39.21  ? 31  ILE B CG1 1 
ATOM   743  C  CG2 . ILE B 1 34 ? -5.136  7.145   -10.159 1.00 39.85  ? 31  ILE B CG2 1 
ATOM   744  C  CD1 . ILE B 1 34 ? -4.577  5.444   -7.576  1.00 38.17  ? 31  ILE B CD1 1 
ATOM   745  N  N   . TYR B 1 35 ? -3.809  5.963   -13.200 1.00 47.75  ? 32  TYR B N   1 
ATOM   746  C  CA  . TYR B 1 35 ? -3.608  6.776   -14.406 1.00 50.72  ? 32  TYR B CA  1 
ATOM   747  C  C   . TYR B 1 35 ? -4.347  6.205   -15.603 1.00 46.11  ? 32  TYR B C   1 
ATOM   748  O  O   . TYR B 1 35 ? -5.039  6.934   -16.294 1.00 44.62  ? 32  TYR B O   1 
ATOM   749  C  CB  . TYR B 1 35 ? -2.128  6.939   -14.769 1.00 56.61  ? 32  TYR B CB  1 
ATOM   750  C  CG  . TYR B 1 35 ? -1.933  7.948   -15.892 1.00 63.79  ? 32  TYR B CG  1 
ATOM   751  C  CD1 . TYR B 1 35 ? -2.030  7.567   -17.234 1.00 63.80  ? 32  TYR B CD1 1 
ATOM   752  C  CD2 . TYR B 1 35 ? -1.697  9.294   -15.606 1.00 67.47  ? 32  TYR B CD2 1 
ATOM   753  C  CE1 . TYR B 1 35 ? -1.874  8.494   -18.252 1.00 66.30  ? 32  TYR B CE1 1 
ATOM   754  C  CE2 . TYR B 1 35 ? -1.538  10.225  -16.617 1.00 69.10  ? 32  TYR B CE2 1 
ATOM   755  C  CZ  . TYR B 1 35 ? -1.627  9.823   -17.936 1.00 68.71  ? 32  TYR B CZ  1 
ATOM   756  O  OH  . TYR B 1 35 ? -1.465  10.758  -18.933 1.00 71.27  ? 32  TYR B OH  1 
ATOM   757  N  N   . ASP B 1 36 ? -4.151  4.917   -15.852 1.00 43.27  ? 33  ASP B N   1 
ATOM   758  C  CA  . ASP B 1 36 ? -4.845  4.205   -16.943 1.00 43.18  ? 33  ASP B CA  1 
ATOM   759  C  C   . ASP B 1 36 ? -6.366  4.223   -16.802 1.00 43.24  ? 33  ASP B C   1 
ATOM   760  O  O   . ASP B 1 36 ? -7.079  4.348   -17.788 1.00 42.58  ? 33  ASP B O   1 
ATOM   761  C  CB  . ASP B 1 36 ? -4.364  2.758   -17.076 1.00 43.51  ? 33  ASP B CB  1 
ATOM   762  C  CG  . ASP B 1 36 ? -2.867  2.672   -17.354 1.00 46.29  ? 33  ASP B CG  1 
ATOM   763  O  OD1 . ASP B 1 36 ? -2.301  3.663   -17.886 1.00 44.18  ? 33  ASP B OD1 1 
ATOM   764  O  OD2 . ASP B 1 36 ? -2.259  1.625   -17.037 1.00 43.72  ? 33  ASP B OD2 1 
ATOM   765  N  N   . ASN B 1 37 ? -6.864  4.087   -15.586 1.00 43.21  ? 34  ASN B N   1 
ATOM   766  C  CA  . ASN B 1 37 ? -8.317  4.171   -15.377 1.00 42.35  ? 34  ASN B CA  1 
ATOM   767  C  C   . ASN B 1 37 ? -8.834  5.574   -15.712 1.00 41.18  ? 34  ASN B C   1 
ATOM   768  O  O   . ASN B 1 37 ? -9.897  5.733   -16.308 1.00 40.56  ? 34  ASN B O   1 
ATOM   769  C  CB  . ASN B 1 37 ? -8.709  3.743   -13.964 1.00 39.91  ? 34  ASN B CB  1 
ATOM   770  C  CG  . ASN B 1 37 ? -8.627  2.237   -13.768 1.00 39.04  ? 34  ASN B CG  1 
ATOM   771  O  OD1 . ASN B 1 37 ? -8.869  1.452   -14.687 1.00 34.81  ? 34  ASN B OD1 1 
ATOM   772  N  ND2 . ASN B 1 37 ? -8.285  1.827   -12.553 1.00 38.17  ? 34  ASN B ND2 1 
ATOM   773  N  N   . ALA B 1 38 ? -8.054  6.578   -15.362 1.00 41.49  ? 35  ALA B N   1 
ATOM   774  C  CA  . ALA B 1 38 ? -8.439  7.977   -15.650 1.00 47.81  ? 35  ALA B CA  1 
ATOM   775  C  C   . ALA B 1 38 ? -8.454  8.236   -17.163 1.00 49.55  ? 35  ALA B C   1 
ATOM   776  O  O   . ALA B 1 38 ? -9.192  9.057   -17.664 1.00 47.96  ? 35  ALA B O   1 
ATOM   777  C  CB  . ALA B 1 38 ? -7.511  8.960   -14.951 1.00 48.81  ? 35  ALA B CB  1 
ATOM   778  N  N   . THR B 1 39 ? -7.616  7.497   -17.870 1.00 55.08  ? 36  THR B N   1 
ATOM   779  C  CA  . THR B 1 39 ? -7.589  7.513   -19.343 1.00 56.39  ? 36  THR B CA  1 
ATOM   780  C  C   . THR B 1 39 ? -8.834  6.824   -19.897 1.00 57.35  ? 36  THR B C   1 
ATOM   781  O  O   . THR B 1 39 ? -9.503  7.346   -20.776 1.00 62.00  ? 36  THR B O   1 
ATOM   782  C  CB  . THR B 1 39 ? -6.327  6.819   -19.897 1.00 57.91  ? 36  THR B CB  1 
ATOM   783  O  OG1 . THR B 1 39 ? -5.206  7.708   -19.797 1.00 56.07  ? 36  THR B OG1 1 
ATOM   784  C  CG2 . THR B 1 39 ? -6.524  6.392   -21.364 1.00 58.85  ? 36  THR B CG2 1 
ATOM   785  N  N   . LYS B 1 40 ? -9.145  5.652   -19.364 1.00 55.91  ? 37  LYS B N   1 
ATOM   786  C  CA  . LYS B 1 40 ? -10.363 4.931   -19.770 1.00 55.25  ? 37  LYS B CA  1 
ATOM   787  C  C   . LYS B 1 40 ? -11.576 5.842   -19.622 1.00 53.40  ? 37  LYS B C   1 
ATOM   788  O  O   . LYS B 1 40 ? -12.535 5.742   -20.380 1.00 52.49  ? 37  LYS B O   1 
ATOM   789  C  CB  . LYS B 1 40 ? -10.596 3.653   -18.969 1.00 56.53  ? 37  LYS B CB  1 
ATOM   790  C  CG  . LYS B 1 40 ? -9.428  2.693   -18.953 1.00 60.20  ? 37  LYS B CG  1 
ATOM   791  C  CD  . LYS B 1 40 ? -9.054  2.196   -20.328 1.00 60.87  ? 37  LYS B CD  1 
ATOM   792  C  CE  . LYS B 1 40 ? -9.916  1.008   -20.689 1.00 64.83  ? 37  LYS B CE  1 
ATOM   793  N  NZ  . LYS B 1 40 ? -9.513  0.411   -21.990 1.00 67.67  ? 37  LYS B NZ  1 
ATOM   794  N  N   . ILE B 1 41 ? -11.516 6.740   -18.649 1.00 52.12  ? 38  ILE B N   1 
ATOM   795  C  CA  . ILE B 1 41 ? -12.654 7.621   -18.367 1.00 54.87  ? 38  ILE B CA  1 
ATOM   796  C  C   . ILE B 1 41 ? -12.763 8.790   -19.357 1.00 60.61  ? 38  ILE B C   1 
ATOM   797  O  O   . ILE B 1 41 ? -13.876 9.174   -19.754 1.00 60.29  ? 38  ILE B O   1 
ATOM   798  C  CB  . ILE B 1 41 ? -12.672 8.148   -16.922 1.00 54.11  ? 38  ILE B CB  1 
ATOM   799  C  CG1 . ILE B 1 41 ? -13.230 7.078   -15.983 1.00 53.13  ? 38  ILE B CG1 1 
ATOM   800  C  CG2 . ILE B 1 41 ? -13.576 9.368   -16.838 1.00 55.86  ? 38  ILE B CG2 1 
ATOM   801  C  CD1 . ILE B 1 41 ? -13.102 7.440   -14.516 1.00 51.76  ? 38  ILE B CD1 1 
ATOM   802  N  N   . THR B 1 42 ? -11.624 9.352   -19.751 1.00 62.75  ? 39  THR B N   1 
ATOM   803  C  CA  . THR B 1 42 ? -11.627 10.442  -20.749 1.00 62.43  ? 39  THR B CA  1 
ATOM   804  C  C   . THR B 1 42 ? -11.974 9.886   -22.134 1.00 63.23  ? 39  THR B C   1 
ATOM   805  O  O   . THR B 1 42 ? -12.505 10.591  -22.992 1.00 63.65  ? 39  THR B O   1 
ATOM   806  C  CB  . THR B 1 42 ? -10.298 11.213  -20.822 1.00 60.69  ? 39  THR B CB  1 
ATOM   807  O  OG1 . THR B 1 42 ? -9.245  10.327  -21.242 1.00 58.56  ? 39  THR B OG1 1 
ATOM   808  C  CG2 . THR B 1 42 ? -9.967  11.835  -19.465 1.00 61.59  ? 39  THR B CG2 1 
ATOM   809  N  N   . ASN B 1 43 ? -11.662 8.614   -22.333 1.00 59.24  ? 40  ASN B N   1 
ATOM   810  C  CA  . ASN B 1 43 ? -12.058 7.923   -23.565 1.00 63.48  ? 40  ASN B CA  1 
ATOM   811  C  C   . ASN B 1 43 ? -13.567 7.646   -23.619 1.00 66.95  ? 40  ASN B C   1 
ATOM   812  O  O   . ASN B 1 43 ? -14.195 7.713   -24.679 1.00 65.42  ? 40  ASN B O   1 
ATOM   813  C  CB  . ASN B 1 43 ? -11.293 6.619   -23.743 1.00 66.19  ? 40  ASN B CB  1 
ATOM   814  C  CG  . ASN B 1 43 ? -9.862  6.841   -24.173 1.00 68.87  ? 40  ASN B CG  1 
ATOM   815  O  OD1 . ASN B 1 43 ? -9.228  7.815   -23.771 1.00 71.42  ? 40  ASN B OD1 1 
ATOM   816  N  ND2 . ASN B 1 43 ? -9.345  5.939   -24.998 1.00 70.91  ? 40  ASN B ND2 1 
ATOM   817  N  N   . ILE B 1 44 ? -14.134 7.320   -22.465 1.00 67.12  ? 41  ILE B N   1 
ATOM   818  C  CA  . ILE B 1 44 ? -15.583 7.071   -22.353 1.00 68.45  ? 41  ILE B CA  1 
ATOM   819  C  C   . ILE B 1 44 ? -16.348 8.358   -22.635 1.00 71.81  ? 41  ILE B C   1 
ATOM   820  O  O   . ILE B 1 44 ? -17.358 8.367   -23.339 1.00 71.46  ? 41  ILE B O   1 
ATOM   821  C  CB  . ILE B 1 44 ? -15.982 6.507   -20.967 1.00 65.77  ? 41  ILE B CB  1 
ATOM   822  C  CG1 . ILE B 1 44 ? -15.699 4.996   -20.919 1.00 65.57  ? 41  ILE B CG1 1 
ATOM   823  C  CG2 . ILE B 1 44 ? -17.447 6.796   -20.671 1.00 62.14  ? 41  ILE B CG2 1 
ATOM   824  C  CD1 . ILE B 1 44 ? -15.882 4.348   -19.562 1.00 65.88  ? 41  ILE B CD1 1 
ATOM   825  N  N   . ASP B 1 45 ? -15.866 9.443   -22.059 1.00 77.12  ? 42  ASP B N   1 
ATOM   826  C  CA  . ASP B 1 45 ? -16.493 10.754  -22.286 1.00 81.02  ? 42  ASP B CA  1 
ATOM   827  C  C   . ASP B 1 45 ? -16.567 11.106  -23.772 1.00 79.33  ? 42  ASP B C   1 
ATOM   828  O  O   . ASP B 1 45 ? -17.640 11.416  -24.299 1.00 81.16  ? 42  ASP B O   1 
ATOM   829  C  CB  . ASP B 1 45 ? -15.787 11.834  -21.484 1.00 82.65  ? 42  ASP B CB  1 
ATOM   830  C  CG  . ASP B 1 45 ? -16.207 11.823  -20.029 1.00 86.37  ? 42  ASP B CG  1 
ATOM   831  O  OD1 . ASP B 1 45 ? -17.124 11.039  -19.678 1.00 86.50  ? 42  ASP B OD1 1 
ATOM   832  O  OD2 . ASP B 1 45 ? -15.622 12.601  -19.242 1.00 88.57  ? 42  ASP B OD2 1 
ATOM   833  N  N   . LYS B 1 46 ? -15.430 10.998  -24.442 1.00 77.28  ? 43  LYS B N   1 
ATOM   834  C  CA  . LYS B 1 46 ? -15.371 11.146  -25.909 1.00 77.21  ? 43  LYS B CA  1 
ATOM   835  C  C   . LYS B 1 46 ? -16.446 10.281  -26.568 1.00 72.48  ? 43  LYS B C   1 
ATOM   836  O  O   . LYS B 1 46 ? -17.175 10.727  -27.437 1.00 73.78  ? 43  LYS B O   1 
ATOM   837  C  CB  . LYS B 1 46 ? -13.995 10.772  -26.464 1.00 80.02  ? 43  LYS B CB  1 
ATOM   838  C  CG  . LYS B 1 46 ? -13.698 11.387  -27.825 1.00 84.20  ? 43  LYS B CG  1 
ATOM   839  C  CD  . LYS B 1 46 ? -12.335 10.972  -28.378 1.00 85.88  ? 43  LYS B CD  1 
ATOM   840  C  CE  . LYS B 1 46 ? -12.418 9.747   -29.279 1.00 85.22  ? 43  LYS B CE  1 
ATOM   841  N  NZ  . LYS B 1 46 ? -11.109 9.425   -29.924 1.00 82.35  ? 43  LYS B NZ  1 
ATOM   842  N  N   . GLY B 1 47 ? -16.557 9.052   -26.093 1.00 69.50  ? 44  GLY B N   1 
ATOM   843  C  CA  . GLY B 1 47 ? -17.536 8.077   -26.616 1.00 67.47  ? 44  GLY B CA  1 
ATOM   844  C  C   . GLY B 1 47 ? -18.986 8.483   -26.396 1.00 66.87  ? 44  GLY B C   1 
ATOM   845  O  O   . GLY B 1 47 ? -19.872 8.130   -27.168 1.00 67.62  ? 44  GLY B O   1 
ATOM   846  N  N   . LEU B 1 48 ? -19.203 9.237   -25.331 1.00 68.54  ? 45  LEU B N   1 
ATOM   847  C  CA  . LEU B 1 48 ? -20.536 9.762   -24.977 1.00 70.66  ? 45  LEU B CA  1 
ATOM   848  C  C   . LEU B 1 48 ? -20.956 10.944  -25.863 1.00 76.74  ? 45  LEU B C   1 
ATOM   849  O  O   . LEU B 1 48 ? -22.121 11.336  -25.896 1.00 77.43  ? 45  LEU B O   1 
ATOM   850  C  CB  . LEU B 1 48 ? -20.584 10.155  -23.495 1.00 67.46  ? 45  LEU B CB  1 
ATOM   851  C  CG  . LEU B 1 48 ? -20.794 9.018   -22.492 1.00 65.86  ? 45  LEU B CG  1 
ATOM   852  C  CD1 . LEU B 1 48 ? -20.971 9.609   -21.106 1.00 65.39  ? 45  LEU B CD1 1 
ATOM   853  C  CD2 . LEU B 1 48 ? -21.989 8.160   -22.851 1.00 62.83  ? 45  LEU B CD2 1 
ATOM   854  N  N   . GLN B 1 49 ? -19.983 11.489  -26.582 1.00 82.01  ? 46  GLN B N   1 
ATOM   855  C  CA  . GLN B 1 49 ? -20.190 12.614  -27.517 1.00 86.72  ? 46  GLN B CA  1 
ATOM   856  C  C   . GLN B 1 49 ? -20.572 12.155  -28.926 1.00 91.10  ? 46  GLN B C   1 
ATOM   857  O  O   . GLN B 1 49 ? -21.105 12.921  -29.736 1.00 95.35  ? 46  GLN B O   1 
ATOM   858  C  CB  . GLN B 1 49 ? -18.939 13.487  -27.603 1.00 87.69  ? 46  GLN B CB  1 
ATOM   859  C  CG  . GLN B 1 49 ? -18.516 14.133  -26.300 1.00 90.27  ? 46  GLN B CG  1 
ATOM   860  C  CD  . GLN B 1 49 ? -19.472 15.209  -25.830 1.00 91.50  ? 46  GLN B CD  1 
ATOM   861  O  OE1 . GLN B 1 49 ? -20.648 14.941  -25.583 1.00 93.09  ? 46  GLN B OE1 1 
ATOM   862  N  NE2 . GLN B 1 49 ? -18.968 16.432  -25.683 1.00 88.78  ? 46  GLN B NE2 1 
ATOM   863  N  N   . GLY B 1 50 ? -20.292 10.896  -29.211 1.00 90.63  ? 47  GLY B N   1 
ATOM   864  C  CA  . GLY B 1 50 ? -20.572 10.329  -30.532 1.00 90.92  ? 47  GLY B CA  1 
ATOM   865  C  C   . GLY B 1 50 ? -22.026 9.956   -30.780 1.00 93.65  ? 47  GLY B C   1 
ATOM   866  O  O   . GLY B 1 50 ? -22.930 10.231  -29.975 1.00 85.47  ? 47  GLY B O   1 
ATOM   867  N  N   . SER B 1 51 ? -22.223 9.314   -31.925 1.00 93.89  ? 48  SER B N   1 
ATOM   868  C  CA  . SER B 1 51 ? -23.546 8.832   -32.373 1.00 94.58  ? 48  SER B CA  1 
ATOM   869  C  C   . SER B 1 51 ? -23.862 7.469   -31.759 1.00 88.88  ? 48  SER B C   1 
ATOM   870  O  O   . SER B 1 51 ? -23.490 6.410   -32.288 1.00 78.77  ? 48  SER B O   1 
ATOM   871  C  CB  . SER B 1 51 ? -23.624 8.740   -33.897 1.00 96.27  ? 48  SER B CB  1 
ATOM   872  O  OG  . SER B 1 51 ? -22.698 7.794   -34.397 1.00 93.96  ? 48  SER B OG  1 
ATOM   873  N  N   . ILE B 1 52 ? -24.545 7.516   -30.627 1.00 85.97  ? 49  ILE B N   1 
ATOM   874  C  CA  . ILE B 1 52 ? -24.863 6.302   -29.869 1.00 84.51  ? 49  ILE B CA  1 
ATOM   875  C  C   . ILE B 1 52 ? -26.332 6.252   -29.531 1.00 78.48  ? 49  ILE B C   1 
ATOM   876  O  O   . ILE B 1 52 ? -26.984 7.281   -29.352 1.00 73.72  ? 49  ILE B O   1 
ATOM   877  C  CB  . ILE B 1 52 ? -24.054 6.178   -28.556 1.00 86.70  ? 49  ILE B CB  1 
ATOM   878  C  CG1 . ILE B 1 52 ? -24.356 7.362   -27.637 1.00 87.86  ? 49  ILE B CG1 1 
ATOM   879  C  CG2 . ILE B 1 52 ? -22.557 6.062   -28.846 1.00 87.01  ? 49  ILE B CG2 1 
ATOM   880  C  CD1 . ILE B 1 52 ? -23.778 7.215   -26.254 1.00 90.73  ? 49  ILE B CD1 1 
ATOM   881  N  N   . THR B 1 53 ? -26.823 5.032   -29.416 1.00 75.79  ? 50  THR B N   1 
ATOM   882  C  CA  . THR B 1 53 ? -28.224 4.792   -29.085 1.00 75.10  ? 50  THR B CA  1 
ATOM   883  C  C   . THR B 1 53 ? -28.529 5.246   -27.650 1.00 76.87  ? 50  THR B C   1 
ATOM   884  O  O   . THR B 1 53 ? -28.117 6.317   -27.213 1.00 71.07  ? 50  THR B O   1 
ATOM   885  C  CB  . THR B 1 53 ? -28.604 3.312   -29.274 1.00 70.10  ? 50  THR B CB  1 
ATOM   886  O  OG1 . THR B 1 53 ? -28.010 2.521   -28.244 1.00 66.51  ? 50  THR B OG1 1 
ATOM   887  C  CG2 . THR B 1 53 ? -28.137 2.815   -30.622 1.00 69.26  ? 50  THR B CG2 1 
ATOM   888  N  N   . ASP B 1 54 ? -29.288 4.425   -26.946 1.00 82.70  ? 51  ASP B N   1 
ATOM   889  C  CA  . ASP B 1 54 ? -29.648 4.697   -25.541 1.00 86.66  ? 51  ASP B CA  1 
ATOM   890  C  C   . ASP B 1 54 ? -29.215 3.565   -24.618 1.00 84.65  ? 51  ASP B C   1 
ATOM   891  O  O   . ASP B 1 54 ? -28.920 3.776   -23.449 1.00 82.78  ? 51  ASP B O   1 
ATOM   892  C  CB  . ASP B 1 54 ? -31.153 4.960   -25.385 1.00 90.03  ? 51  ASP B CB  1 
ATOM   893  C  CG  . ASP B 1 54 ? -31.547 6.388   -25.753 1.00 91.01  ? 51  ASP B CG  1 
ATOM   894  O  OD1 . ASP B 1 54 ? -30.787 7.323   -25.415 1.00 85.64  ? 51  ASP B OD1 1 
ATOM   895  O  OD2 . ASP B 1 54 ? -32.628 6.574   -26.367 1.00 94.35  ? 51  ASP B OD2 1 
ATOM   896  N  N   . ASP B 1 55 ? -29.185 2.364   -25.168 1.00 84.82  ? 52  ASP B N   1 
ATOM   897  C  CA  . ASP B 1 55 ? -28.519 1.230   -24.508 1.00 86.78  ? 52  ASP B CA  1 
ATOM   898  C  C   . ASP B 1 55 ? -27.018 1.509   -24.367 1.00 80.81  ? 52  ASP B C   1 
ATOM   899  O  O   . ASP B 1 55 ? -26.404 1.204   -23.343 1.00 83.17  ? 52  ASP B O   1 
ATOM   900  C  CB  . ASP B 1 55 ? -28.753 -0.068  -25.294 1.00 91.36  ? 52  ASP B CB  1 
ATOM   901  C  CG  . ASP B 1 55 ? -30.226 -0.345  -25.533 1.00 96.49  ? 52  ASP B CG  1 
ATOM   902  O  OD1 . ASP B 1 55 ? -31.047 0.072   -24.685 1.00 102.18 ? 52  ASP B OD1 1 
ATOM   903  O  OD2 . ASP B 1 55 ? -30.556 -0.955  -26.575 1.00 93.39  ? 52  ASP B OD2 1 
ATOM   904  N  N   . GLN B 1 56 ? -26.449 2.091   -25.412 1.00 74.62  ? 53  GLN B N   1 
ATOM   905  C  CA  . GLN B 1 56 ? -25.020 2.437   -25.437 1.00 70.87  ? 53  GLN B CA  1 
ATOM   906  C  C   . GLN B 1 56 ? -24.732 3.541   -24.435 1.00 73.08  ? 53  GLN B C   1 
ATOM   907  O  O   . GLN B 1 56 ? -23.915 3.375   -23.543 1.00 74.57  ? 53  GLN B O   1 
ATOM   908  C  CB  . GLN B 1 56 ? -24.553 2.840   -26.832 1.00 68.74  ? 53  GLN B CB  1 
ATOM   909  C  CG  . GLN B 1 56 ? -24.468 1.667   -27.800 1.00 67.80  ? 53  GLN B CG  1 
ATOM   910  C  CD  . GLN B 1 56 ? -23.582 1.948   -29.004 1.00 64.90  ? 53  GLN B CD  1 
ATOM   911  O  OE1 . GLN B 1 56 ? -23.712 2.981   -29.650 1.00 64.19  ? 53  GLN B OE1 1 
ATOM   912  N  NE2 . GLN B 1 56 ? -22.680 1.023   -29.308 1.00 62.21  ? 53  GLN B NE2 1 
ATOM   913  N  N   . LYS B 1 57 ? -25.448 4.647   -24.559 1.00 71.98  ? 54  LYS B N   1 
ATOM   914  C  CA  . LYS B 1 57 ? -25.284 5.758   -23.612 1.00 73.59  ? 54  LYS B CA  1 
ATOM   915  C  C   . LYS B 1 57 ? -25.486 5.305   -22.164 1.00 76.59  ? 54  LYS B C   1 
ATOM   916  O  O   . LYS B 1 57 ? -24.879 5.851   -21.241 1.00 75.64  ? 54  LYS B O   1 
ATOM   917  C  CB  . LYS B 1 57 ? -26.243 6.899   -23.922 1.00 79.84  ? 54  LYS B CB  1 
ATOM   918  C  CG  . LYS B 1 57 ? -25.976 8.146   -23.093 1.00 85.37  ? 54  LYS B CG  1 
ATOM   919  C  CD  . LYS B 1 57 ? -27.146 9.119   -23.140 1.00 89.64  ? 54  LYS B CD  1 
ATOM   920  C  CE  . LYS B 1 57 ? -26.942 10.333  -22.246 1.00 89.36  ? 54  LYS B CE  1 
ATOM   921  N  NZ  . LYS B 1 57 ? -25.791 11.149  -22.715 1.00 92.81  ? 54  LYS B NZ  1 
ATOM   922  N  N   . GLU B 1 58 ? -26.337 4.304   -21.971 1.00 79.07  ? 55  GLU B N   1 
ATOM   923  C  CA  . GLU B 1 58 ? -26.583 3.758   -20.604 1.00 80.88  ? 55  GLU B CA  1 
ATOM   924  C  C   . GLU B 1 58 ? -25.353 3.036   -20.040 1.00 73.74  ? 55  GLU B C   1 
ATOM   925  O  O   . GLU B 1 58 ? -24.921 3.298   -18.922 1.00 71.75  ? 55  GLU B O   1 
ATOM   926  C  CB  . GLU B 1 58 ? -27.819 2.836   -20.523 1.00 87.56  ? 55  GLU B CB  1 
ATOM   927  C  CG  . GLU B 1 58 ? -28.170 2.403   -19.087 1.00 90.33  ? 55  GLU B CG  1 
ATOM   928  C  CD  . GLU B 1 58 ? -29.252 1.332   -18.988 1.00 91.04  ? 55  GLU B CD  1 
ATOM   929  O  OE1 . GLU B 1 58 ? -29.487 0.842   -17.861 1.00 84.82  ? 55  GLU B OE1 1 
ATOM   930  O  OE2 . GLU B 1 58 ? -29.872 0.979   -20.017 1.00 93.18  ? 55  GLU B OE2 1 
ATOM   931  N  N   . ASN B 1 59 ? -24.813 2.118   -20.827 1.00 66.92  ? 56  ASN B N   1 
ATOM   932  C  CA  . ASN B 1 59 ? -23.619 1.342   -20.422 1.00 64.73  ? 56  ASN B CA  1 
ATOM   933  C  C   . ASN B 1 59 ? -22.343 2.184   -20.301 1.00 60.38  ? 56  ASN B C   1 
ATOM   934  O  O   . ASN B 1 59 ? -21.567 1.994   -19.389 1.00 57.13  ? 56  ASN B O   1 
ATOM   935  C  CB  . ASN B 1 59 ? -23.386 0.162   -21.353 1.00 65.26  ? 56  ASN B CB  1 
ATOM   936  C  CG  . ASN B 1 59 ? -24.549 -0.813  -21.350 1.00 66.94  ? 56  ASN B CG  1 
ATOM   937  O  OD1 . ASN B 1 59 ? -25.312 -0.883  -20.387 1.00 65.95  ? 56  ASN B OD1 1 
ATOM   938  N  ND2 . ASN B 1 59 ? -24.696 -1.569  -22.432 1.00 69.43  ? 56  ASN B ND2 1 
ATOM   939  N  N   . LEU B 1 60 ? -22.154 3.125   -21.213 1.00 57.89  ? 57  LEU B N   1 
ATOM   940  C  CA  . LEU B 1 60 ? -20.986 4.020   -21.168 1.00 59.88  ? 57  LEU B CA  1 
ATOM   941  C  C   . LEU B 1 60 ? -20.999 4.795   -19.868 1.00 62.10  ? 57  LEU B C   1 
ATOM   942  O  O   . LEU B 1 60 ? -19.966 5.212   -19.352 1.00 63.32  ? 57  LEU B O   1 
ATOM   943  C  CB  . LEU B 1 60 ? -20.964 5.029   -22.314 1.00 57.87  ? 57  LEU B CB  1 
ATOM   944  C  CG  . LEU B 1 60 ? -20.801 4.488   -23.726 1.00 61.13  ? 57  LEU B CG  1 
ATOM   945  C  CD1 . LEU B 1 60 ? -20.687 5.664   -24.678 1.00 61.63  ? 57  LEU B CD1 1 
ATOM   946  C  CD2 . LEU B 1 60 ? -19.591 3.578   -23.848 1.00 61.91  ? 57  LEU B CD2 1 
ATOM   947  N  N   . LEU B 1 61 ? -22.197 5.005   -19.363 1.00 64.59  ? 58  LEU B N   1 
ATOM   948  C  CA  . LEU B 1 61 ? -22.378 5.740   -18.104 1.00 70.27  ? 58  LEU B CA  1 
ATOM   949  C  C   . LEU B 1 61 ? -22.289 4.840   -16.870 1.00 65.85  ? 58  LEU B C   1 
ATOM   950  O  O   . LEU B 1 61 ? -21.972 5.304   -15.784 1.00 62.82  ? 58  LEU B O   1 
ATOM   951  C  CB  . LEU B 1 61 ? -23.685 6.540   -18.104 1.00 75.26  ? 58  LEU B CB  1 
ATOM   952  C  CG  . LEU B 1 61 ? -23.636 7.807   -18.982 1.00 75.44  ? 58  LEU B CG  1 
ATOM   953  C  CD1 . LEU B 1 61 ? -25.031 8.387   -19.199 1.00 75.95  ? 58  LEU B CD1 1 
ATOM   954  C  CD2 . LEU B 1 61 ? -22.685 8.855   -18.402 1.00 72.97  ? 58  LEU B CD2 1 
ATOM   955  N  N   . LYS B 1 62 ? -22.565 3.561   -17.058 1.00 63.98  ? 59  LYS B N   1 
ATOM   956  C  CA  . LYS B 1 62 ? -22.340 2.565   -16.001 1.00 64.70  ? 59  LYS B CA  1 
ATOM   957  C  C   . LYS B 1 62 ? -20.840 2.300   -15.833 1.00 63.99  ? 59  LYS B C   1 
ATOM   958  O  O   . LYS B 1 62 ? -20.304 2.292   -14.715 1.00 66.31  ? 59  LYS B O   1 
ATOM   959  C  CB  . LYS B 1 62 ? -23.077 1.257   -16.285 1.00 64.74  ? 59  LYS B CB  1 
ATOM   960  C  CG  . LYS B 1 62 ? -24.566 1.307   -16.028 1.00 66.97  ? 59  LYS B CG  1 
ATOM   961  C  CD  . LYS B 1 62 ? -25.206 -0.051  -16.285 1.00 68.35  ? 59  LYS B CD  1 
ATOM   962  C  CE  . LYS B 1 62 ? -26.721 0.010   -16.182 1.00 67.57  ? 59  LYS B CE  1 
ATOM   963  N  NZ  . LYS B 1 62 ? -27.197 0.431   -14.831 1.00 68.82  ? 59  LYS B NZ  1 
ATOM   964  N  N   . LEU B 1 63 ? -20.176 2.087   -16.955 1.00 58.85  ? 60  LEU B N   1 
ATOM   965  C  CA  . LEU B 1 63 ? -18.731 1.861   -16.948 1.00 59.17  ? 60  LEU B CA  1 
ATOM   966  C  C   . LEU B 1 63 ? -18.030 3.047   -16.326 1.00 56.23  ? 60  LEU B C   1 
ATOM   967  O  O   . LEU B 1 63 ? -17.214 2.895   -15.433 1.00 53.63  ? 60  LEU B O   1 
ATOM   968  C  CB  . LEU B 1 63 ? -18.185 1.617   -18.347 1.00 61.48  ? 60  LEU B CB  1 
ATOM   969  C  CG  . LEU B 1 63 ? -18.035 0.132   -18.653 1.00 64.08  ? 60  LEU B CG  1 
ATOM   970  C  CD1 . LEU B 1 63 ? -17.682 -0.014  -20.116 1.00 65.77  ? 60  LEU B CD1 1 
ATOM   971  C  CD2 . LEU B 1 63 ? -16.988 -0.539  -17.768 1.00 63.21  ? 60  LEU B CD2 1 
ATOM   972  N  N   . LYS B 1 64 ? -18.389 4.232   -16.785 1.00 55.54  ? 61  LYS B N   1 
ATOM   973  C  CA  . LYS B 1 64 ? -17.784 5.460   -16.259 1.00 56.88  ? 61  LYS B CA  1 
ATOM   974  C  C   . LYS B 1 64 ? -17.807 5.400   -14.741 1.00 58.80  ? 61  LYS B C   1 
ATOM   975  O  O   . LYS B 1 64 ? -16.862 5.793   -14.070 1.00 63.15  ? 61  LYS B O   1 
ATOM   976  C  CB  . LYS B 1 64 ? -18.514 6.719   -16.739 1.00 55.79  ? 61  LYS B CB  1 
ATOM   977  C  CG  . LYS B 1 64 ? -17.930 8.006   -16.166 1.00 55.89  ? 61  LYS B CG  1 
ATOM   978  C  CD  . LYS B 1 64 ? -18.375 9.256   -16.903 1.00 55.46  ? 61  LYS B CD  1 
ATOM   979  C  CE  . LYS B 1 64 ? -17.544 10.446  -16.446 1.00 55.64  ? 61  LYS B CE  1 
ATOM   980  N  NZ  . LYS B 1 64 ? -17.879 11.733  -17.111 1.00 55.84  ? 61  LYS B NZ  1 
ATOM   981  N  N   . GLU B 1 65 ? -18.910 4.891   -14.210 1.00 63.17  ? 62  GLU B N   1 
ATOM   982  C  CA  . GLU B 1 65 ? -19.121 4.836   -12.747 1.00 62.29  ? 62  GLU B CA  1 
ATOM   983  C  C   . GLU B 1 65 ? -18.189 3.852   -12.074 1.00 56.34  ? 62  GLU B C   1 
ATOM   984  O  O   . GLU B 1 65 ? -17.544 4.168   -11.081 1.00 55.24  ? 62  GLU B O   1 
ATOM   985  C  CB  . GLU B 1 65 ? -20.570 4.501   -12.373 1.00 68.36  ? 62  GLU B CB  1 
ATOM   986  C  CG  . GLU B 1 65 ? -21.359 5.710   -11.846 1.00 76.70  ? 62  GLU B CG  1 
ATOM   987  C  CD  . GLU B 1 65 ? -20.645 6.508   -10.740 1.00 80.50  ? 62  GLU B CD  1 
ATOM   988  O  OE1 . GLU B 1 65 ? -20.745 6.115   -9.549  1.00 84.14  ? 62  GLU B OE1 1 
ATOM   989  O  OE2 . GLU B 1 65 ? -20.010 7.549   -11.059 1.00 74.18  ? 62  GLU B OE2 1 
ATOM   990  N  N   . ASN B 1 66 ? -18.159 2.651   -12.617 1.00 50.15  ? 63  ASN B N   1 
ATOM   991  C  CA  . ASN B 1 66 ? -17.215 1.616   -12.156 1.00 50.81  ? 63  ASN B CA  1 
ATOM   992  C  C   . ASN B 1 66 ? -15.769 2.089   -12.092 1.00 47.08  ? 63  ASN B C   1 
ATOM   993  O  O   . ASN B 1 66 ? -15.077 1.829   -11.118 1.00 42.89  ? 63  ASN B O   1 
ATOM   994  C  CB  . ASN B 1 66 ? -17.332 0.383   -13.024 1.00 51.73  ? 63  ASN B CB  1 
ATOM   995  C  CG  . ASN B 1 66 ? -18.755 -0.107  -13.083 1.00 53.75  ? 63  ASN B CG  1 
ATOM   996  O  OD1 . ASN B 1 66 ? -19.657 0.574   -12.587 1.00 52.57  ? 63  ASN B OD1 1 
ATOM   997  N  ND2 . ASN B 1 66 ? -18.974 -1.258  -13.682 1.00 53.43  ? 63  ASN B ND2 1 
ATOM   998  N  N   . TYR B 1 67 ? -15.356 2.802   -13.136 1.00 44.22  ? 64  TYR B N   1 
ATOM   999  C  CA  . TYR B 1 67 ? -14.012 3.418   -13.203 1.00 45.14  ? 64  TYR B CA  1 
ATOM   1000 C  C   . TYR B 1 67 ? -13.775 4.436   -12.097 1.00 45.31  ? 64  TYR B C   1 
ATOM   1001 O  O   . TYR B 1 67 ? -12.684 4.510   -11.564 1.00 42.99  ? 64  TYR B O   1 
ATOM   1002 C  CB  . TYR B 1 67 ? -13.694 4.040   -14.578 1.00 45.31  ? 64  TYR B CB  1 
ATOM   1003 C  CG  . TYR B 1 67 ? -13.177 3.000   -15.531 1.00 47.88  ? 64  TYR B CG  1 
ATOM   1004 C  CD1 . TYR B 1 67 ? -11.851 2.574   -15.473 1.00 49.11  ? 64  TYR B CD1 1 
ATOM   1005 C  CD2 . TYR B 1 67 ? -14.026 2.369   -16.432 1.00 48.90  ? 64  TYR B CD2 1 
ATOM   1006 C  CE1 . TYR B 1 67 ? -11.382 1.574   -16.303 1.00 49.25  ? 64  TYR B CE1 1 
ATOM   1007 C  CE2 . TYR B 1 67 ? -13.565 1.362   -17.268 1.00 52.37  ? 64  TYR B CE2 1 
ATOM   1008 C  CZ  . TYR B 1 67 ? -12.234 0.970   -17.201 1.00 53.15  ? 64  TYR B CZ  1 
ATOM   1009 O  OH  . TYR B 1 67 ? -11.753 -0.035  -18.015 1.00 56.53  ? 64  TYR B OH  1 
ATOM   1010 N  N   . LYS B 1 68 ? -14.790 5.216   -11.775 1.00 47.18  ? 65  LYS B N   1 
ATOM   1011 C  CA  . LYS B 1 68 ? -14.654 6.233   -10.715 1.00 53.27  ? 65  LYS B CA  1 
ATOM   1012 C  C   . LYS B 1 68 ? -14.641 5.611   -9.320  1.00 52.52  ? 65  LYS B C   1 
ATOM   1013 O  O   . LYS B 1 68 ? -13.980 6.108   -8.410  1.00 51.29  ? 65  LYS B O   1 
ATOM   1014 C  CB  . LYS B 1 68 ? -15.741 7.300   -10.800 1.00 60.20  ? 65  LYS B CB  1 
ATOM   1015 C  CG  . LYS B 1 68 ? -15.395 8.457   -11.719 1.00 65.69  ? 65  LYS B CG  1 
ATOM   1016 C  CD  . LYS B 1 68 ? -16.521 9.477   -11.726 1.00 72.20  ? 65  LYS B CD  1 
ATOM   1017 C  CE  . LYS B 1 68 ? -16.160 10.770  -12.438 1.00 77.63  ? 65  LYS B CE  1 
ATOM   1018 N  NZ  . LYS B 1 68 ? -17.378 11.613  -12.631 1.00 82.54  ? 65  LYS B NZ  1 
ATOM   1019 N  N   . GLN B 1 69 ? -15.383 4.526   -9.169  1.00 53.41  ? 66  GLN B N   1 
ATOM   1020 C  CA  . GLN B 1 69 ? -15.362 3.725   -7.928  1.00 55.62  ? 66  GLN B CA  1 
ATOM   1021 C  C   . GLN B 1 69 ? -14.018 3.025   -7.767  1.00 54.73  ? 66  GLN B C   1 
ATOM   1022 O  O   . GLN B 1 69 ? -13.409 3.036   -6.685  1.00 54.44  ? 66  GLN B O   1 
ATOM   1023 C  CB  . GLN B 1 69 ? -16.477 2.678   -7.925  1.00 60.51  ? 66  GLN B CB  1 
ATOM   1024 C  CG  . GLN B 1 69 ? -17.688 3.093   -7.092  1.00 67.62  ? 66  GLN B CG  1 
ATOM   1025 C  CD  . GLN B 1 69 ? -18.993 3.041   -7.883  1.00 73.91  ? 66  GLN B CD  1 
ATOM   1026 O  OE1 . GLN B 1 69 ? -19.286 2.043   -8.558  1.00 75.11  ? 66  GLN B OE1 1 
ATOM   1027 N  NE2 . GLN B 1 69 ? -19.779 4.126   -7.812  1.00 72.40  ? 66  GLN B NE2 1 
ATOM   1028 N  N   . LEU B 1 70 ? -13.562 2.438   -8.868  1.00 48.58  ? 67  LEU B N   1 
ATOM   1029 C  CA  . LEU B 1 70 ? -12.277 1.734   -8.909  1.00 42.96  ? 67  LEU B CA  1 
ATOM   1030 C  C   . LEU B 1 70 ? -11.143 2.695   -8.580  1.00 41.82  ? 67  LEU B C   1 
ATOM   1031 O  O   . LEU B 1 70 ? -10.272 2.394   -7.778  1.00 41.02  ? 67  LEU B O   1 
ATOM   1032 C  CB  . LEU B 1 70 ? -12.035 1.056   -10.251 1.00 40.55  ? 67  LEU B CB  1 
ATOM   1033 C  CG  . LEU B 1 70 ? -10.801 0.152   -10.320 1.00 38.14  ? 67  LEU B CG  1 
ATOM   1034 C  CD1 . LEU B 1 70 ? -10.649 -0.713  -9.086  1.00 37.61  ? 67  LEU B CD1 1 
ATOM   1035 C  CD2 . LEU B 1 70 ? -10.884 -0.729  -11.542 1.00 36.43  ? 67  LEU B CD2 1 
ATOM   1036 N  N   . ILE B 1 71 ? -11.188 3.879   -9.166  1.00 40.84  ? 68  ILE B N   1 
ATOM   1037 C  CA  . ILE B 1 71 ? -10.161 4.904   -8.871  1.00 42.04  ? 68  ILE B CA  1 
ATOM   1038 C  C   . ILE B 1 71 ? -10.216 5.293   -7.398  1.00 44.19  ? 68  ILE B C   1 
ATOM   1039 O  O   . ILE B 1 71 ? -9.193  5.575   -6.789  1.00 44.46  ? 68  ILE B O   1 
ATOM   1040 C  CB  . ILE B 1 71 ? -10.294 6.173   -9.741  1.00 39.47  ? 68  ILE B CB  1 
ATOM   1041 C  CG1 . ILE B 1 71 ? -9.881  5.872   -11.188 1.00 40.59  ? 68  ILE B CG1 1 
ATOM   1042 C  CG2 . ILE B 1 71 ? -9.431  7.315   -9.210  1.00 40.03  ? 68  ILE B CG2 1 
ATOM   1043 C  CD1 . ILE B 1 71 ? -9.899  7.095   -12.090 1.00 40.57  ? 68  ILE B CD1 1 
ATOM   1044 N  N   . ASP B 1 72 ? -11.420 5.323   -6.847  1.00 46.25  ? 69  ASP B N   1 
ATOM   1045 C  CA  . ASP B 1 72 ? -11.600 5.737   -5.441  1.00 51.45  ? 69  ASP B CA  1 
ATOM   1046 C  C   . ASP B 1 72 ? -10.913 4.779   -4.467  1.00 48.03  ? 69  ASP B C   1 
ATOM   1047 O  O   . ASP B 1 72 ? -10.258 5.204   -3.525  1.00 49.10  ? 69  ASP B O   1 
ATOM   1048 C  CB  . ASP B 1 72 ? -13.086 5.890   -5.067  1.00 56.30  ? 69  ASP B CB  1 
ATOM   1049 C  CG  . ASP B 1 72 ? -13.593 7.320   -5.260  1.00 58.94  ? 69  ASP B CG  1 
ATOM   1050 O  OD1 . ASP B 1 72 ? -12.747 8.253   -5.318  1.00 59.91  ? 69  ASP B OD1 1 
ATOM   1051 O  OD2 . ASP B 1 72 ? -14.829 7.497   -5.374  1.00 55.27  ? 69  ASP B OD2 1 
ATOM   1052 N  N   . ASN B 1 73 ? -11.103 3.493   -4.703  1.00 45.18  ? 70  ASN B N   1 
ATOM   1053 C  CA  . ASN B 1 73 ? -10.461 2.444   -3.893  1.00 46.39  ? 70  ASN B CA  1 
ATOM   1054 C  C   . ASN B 1 73 ? -8.932  2.471   -4.007  1.00 44.42  ? 70  ASN B C   1 
ATOM   1055 O  O   . ASN B 1 73 ? -8.188  2.346   -3.026  1.00 45.16  ? 70  ASN B O   1 
ATOM   1056 C  CB  . ASN B 1 73 ? -10.967 1.074   -4.310  1.00 48.71  ? 70  ASN B CB  1 
ATOM   1057 C  CG  . ASN B 1 73 ? -12.472 1.014   -4.344  1.00 52.70  ? 70  ASN B CG  1 
ATOM   1058 O  OD1 . ASN B 1 73 ? -13.132 1.605   -3.491  1.00 53.24  ? 70  ASN B OD1 1 
ATOM   1059 N  ND2 . ASN B 1 73 ? -13.030 0.337   -5.351  1.00 56.55  ? 70  ASN B ND2 1 
ATOM   1060 N  N   . GLN B 1 74 ? -8.483  2.693   -5.219  1.00 37.01  ? 71  GLN B N   1 
ATOM   1061 C  CA  . GLN B 1 74 ? -7.068  2.721   -5.479  1.00 33.60  ? 71  GLN B CA  1 
ATOM   1062 C  C   . GLN B 1 74 ? -6.392  3.895   -4.808  1.00 34.43  ? 71  GLN B C   1 
ATOM   1063 O  O   . GLN B 1 74 ? -5.301  3.753   -4.283  1.00 34.55  ? 71  GLN B O   1 
ATOM   1064 C  CB  . GLN B 1 74 ? -6.792  2.652   -6.969  1.00 31.48  ? 71  GLN B CB  1 
ATOM   1065 C  CG  . GLN B 1 74 ? -7.347  1.357   -7.535  1.00 29.54  ? 71  GLN B CG  1 
ATOM   1066 C  CD  . GLN B 1 74 ? -7.231  1.267   -9.034  1.00 27.87  ? 71  GLN B CD  1 
ATOM   1067 O  OE1 . GLN B 1 74 ? -7.240  2.289   -9.726  1.00 25.96  ? 71  GLN B OE1 1 
ATOM   1068 N  NE2 . GLN B 1 74 ? -7.134  0.039   -9.543  1.00 27.26  ? 71  GLN B NE2 1 
ATOM   1069 N  N   . LYS B 1 75 ? -7.062  5.036   -4.769  1.00 35.94  ? 72  LYS B N   1 
ATOM   1070 C  CA  . LYS B 1 75 ? -6.485  6.240   -4.122  1.00 36.67  ? 72  LYS B CA  1 
ATOM   1071 C  C   . LYS B 1 75 ? -6.460  5.982   -2.625  1.00 35.14  ? 72  LYS B C   1 
ATOM   1072 O  O   . LYS B 1 75 ? -5.636  6.510   -1.905  1.00 31.88  ? 72  LYS B O   1 
ATOM   1073 C  CB  . LYS B 1 75 ? -7.274  7.535   -4.437  1.00 38.71  ? 72  LYS B CB  1 
ATOM   1074 C  CG  . LYS B 1 75 ? -7.279  7.928   -5.903  1.00 41.50  ? 72  LYS B CG  1 
ATOM   1075 C  CD  . LYS B 1 75 ? -7.474  9.420   -6.161  1.00 44.47  ? 72  LYS B CD  1 
ATOM   1076 C  CE  . LYS B 1 75 ? -8.813  9.942   -5.665  1.00 48.03  ? 72  LYS B CE  1 
ATOM   1077 N  NZ  . LYS B 1 75 ? -8.995  11.403  -5.907  1.00 50.75  ? 72  LYS B NZ  1 
ATOM   1078 N  N   . GLU B 1 76 ? -7.391  5.148   -2.193  1.00 37.80  ? 73  GLU B N   1 
ATOM   1079 C  CA  . GLU B 1 76 ? -7.554  4.789   -0.792  1.00 43.01  ? 73  GLU B CA  1 
ATOM   1080 C  C   . GLU B 1 76 ? -6.394  3.912   -0.389  1.00 42.36  ? 73  GLU B C   1 
ATOM   1081 O  O   . GLU B 1 76 ? -5.778  4.129   0.630   1.00 39.34  ? 73  GLU B O   1 
ATOM   1082 C  CB  . GLU B 1 76 ? -8.839  4.003   -0.593  1.00 49.77  ? 73  GLU B CB  1 
ATOM   1083 C  CG  . GLU B 1 76 ? -9.467  4.103   0.785   1.00 59.32  ? 73  GLU B CG  1 
ATOM   1084 C  CD  . GLU B 1 76 ? -10.943 3.723   0.730   1.00 68.37  ? 73  GLU B CD  1 
ATOM   1085 O  OE1 . GLU B 1 76 ? -11.767 4.553   0.260   1.00 74.85  ? 73  GLU B OE1 1 
ATOM   1086 O  OE2 . GLU B 1 76 ? -11.280 2.579   1.119   1.00 70.60  ? 73  GLU B OE2 1 
ATOM   1087 N  N   . GLN B 1 77 ? -6.137  2.916   -1.228  1.00 41.91  ? 74  GLN B N   1 
ATOM   1088 C  CA  . GLN B 1 77 ? -5.049  1.936   -1.023  1.00 39.42  ? 74  GLN B CA  1 
ATOM   1089 C  C   . GLN B 1 77 ? -3.722  2.635   -1.054  1.00 35.94  ? 74  GLN B C   1 
ATOM   1090 O  O   . GLN B 1 77 ? -2.882  2.459   -0.191  1.00 33.71  ? 74  GLN B O   1 
ATOM   1091 C  CB  . GLN B 1 77 ? -5.063  0.910   -2.136  1.00 41.83  ? 74  GLN B CB  1 
ATOM   1092 C  CG  . GLN B 1 77 ? -4.565  -0.461  -1.777  1.00 43.99  ? 74  GLN B CG  1 
ATOM   1093 C  CD  . GLN B 1 77 ? -4.827  -1.443  -2.914  1.00 47.30  ? 74  GLN B CD  1 
ATOM   1094 O  OE1 . GLN B 1 77 ? -4.686  -1.101  -4.088  1.00 49.04  ? 74  GLN B OE1 1 
ATOM   1095 N  NE2 . GLN B 1 77 ? -5.263  -2.650  -2.570  1.00 48.93  ? 74  GLN B NE2 1 
ATOM   1096 N  N   . LEU B 1 78 ? -3.559  3.462   -2.061  1.00 33.37  ? 75  LEU B N   1 
ATOM   1097 C  CA  . LEU B 1 78 ? -2.386  4.307   -2.158  1.00 34.93  ? 75  LEU B CA  1 
ATOM   1098 C  C   . LEU B 1 78 ? -2.150  5.035   -0.827  1.00 37.93  ? 75  LEU B C   1 
ATOM   1099 O  O   . LEU B 1 78 ? -1.057  5.078   -0.313  1.00 39.45  ? 75  LEU B O   1 
ATOM   1100 C  CB  . LEU B 1 78 ? -2.533  5.297   -3.296  1.00 33.70  ? 75  LEU B CB  1 
ATOM   1101 C  CG  . LEU B 1 78 ? -1.309  6.105   -3.633  1.00 35.36  ? 75  LEU B CG  1 
ATOM   1102 C  CD1 . LEU B 1 78 ? -0.147  5.165   -3.913  1.00 35.96  ? 75  LEU B CD1 1 
ATOM   1103 C  CD2 . LEU B 1 78 ? -1.623  6.964   -4.851  1.00 35.99  ? 75  LEU B CD2 1 
ATOM   1104 N  N   . LYS B 1 79 ? -3.213  5.569   -0.260  1.00 41.60  ? 76  LYS B N   1 
ATOM   1105 C  CA  . LYS B 1 79 ? -3.134  6.334   1.003   1.00 44.30  ? 76  LYS B CA  1 
ATOM   1106 C  C   . LYS B 1 79 ? -2.594  5.440   2.127   1.00 38.12  ? 76  LYS B C   1 
ATOM   1107 O  O   . LYS B 1 79 ? -1.660  5.788   2.831   1.00 34.15  ? 76  LYS B O   1 
ATOM   1108 C  CB  . LYS B 1 79 ? -4.516  6.918   1.359   1.00 51.67  ? 76  LYS B CB  1 
ATOM   1109 C  CG  . LYS B 1 79 ? -4.630  7.698   2.670   1.00 57.02  ? 76  LYS B CG  1 
ATOM   1110 C  CD  . LYS B 1 79 ? -6.080  7.739   3.138   1.00 61.82  ? 76  LYS B CD  1 
ATOM   1111 C  CE  . LYS B 1 79 ? -6.215  8.336   4.526   1.00 65.92  ? 76  LYS B CE  1 
ATOM   1112 N  NZ  . LYS B 1 79 ? -7.641  8.365   4.958   1.00 69.19  ? 76  LYS B NZ  1 
ATOM   1113 N  N   . THR B 1 80 ? -3.216  4.288   2.278   1.00 35.01  ? 77  THR B N   1 
ATOM   1114 C  CA  . THR B 1 80 ? -2.768  3.292   3.244   1.00 35.34  ? 77  THR B CA  1 
ATOM   1115 C  C   . THR B 1 80 ? -1.307  2.898   3.039   1.00 34.71  ? 77  THR B C   1 
ATOM   1116 O  O   . THR B 1 80 ? -0.546  2.796   3.992   1.00 37.10  ? 77  THR B O   1 
ATOM   1117 C  CB  . THR B 1 80 ? -3.597  2.019   3.125   1.00 36.62  ? 77  THR B CB  1 
ATOM   1118 O  OG1 . THR B 1 80 ? -4.966  2.331   3.399   1.00 35.57  ? 77  THR B OG1 1 
ATOM   1119 C  CG2 . THR B 1 80 ? -3.089  0.953   4.091   1.00 39.64  ? 77  THR B CG2 1 
ATOM   1120 N  N   . TYR B 1 81 ? -0.943  2.627   1.798   1.00 32.10  ? 78  TYR B N   1 
ATOM   1121 C  CA  . TYR B 1 81 ? 0.439   2.255   1.476   1.00 29.89  ? 78  TYR B CA  1 
ATOM   1122 C  C   . TYR B 1 81 ? 1.411   3.341   1.866   1.00 32.69  ? 78  TYR B C   1 
ATOM   1123 O  O   . TYR B 1 81 ? 2.445   3.055   2.470   1.00 35.72  ? 78  TYR B O   1 
ATOM   1124 C  CB  . TYR B 1 81 ? 0.616   1.916   0.003   1.00 25.82  ? 78  TYR B CB  1 
ATOM   1125 C  CG  . TYR B 1 81 ? -0.020  0.616   -0.375  1.00 21.54  ? 78  TYR B CG  1 
ATOM   1126 C  CD1 . TYR B 1 81 ? -0.623  -0.192  0.578   1.00 20.51  ? 78  TYR B CD1 1 
ATOM   1127 C  CD2 . TYR B 1 81 ? -0.015  0.187   -1.695  1.00 19.38  ? 78  TYR B CD2 1 
ATOM   1128 C  CE1 . TYR B 1 81 ? -1.210  -1.402  0.214   1.00 19.83  ? 78  TYR B CE1 1 
ATOM   1129 C  CE2 . TYR B 1 81 ? -0.587  -1.003  -2.060  1.00 18.19  ? 78  TYR B CE2 1 
ATOM   1130 C  CZ  . TYR B 1 81 ? -1.185  -1.789  -1.107  1.00 18.95  ? 78  TYR B CZ  1 
ATOM   1131 O  OH  . TYR B 1 81 ? -1.730  -2.990  -1.486  1.00 20.41  ? 78  TYR B OH  1 
ATOM   1132 N  N   . LYS B 1 82 ? 1.077   4.577   1.550   1.00 36.36  ? 79  LYS B N   1 
ATOM   1133 C  CA  . LYS B 1 82 ? 1.932   5.716   1.961   1.00 44.37  ? 79  LYS B CA  1 
ATOM   1134 C  C   . LYS B 1 82 ? 2.019   5.880   3.492   1.00 46.13  ? 79  LYS B C   1 
ATOM   1135 O  O   . LYS B 1 82 ? 3.007   6.398   4.010   1.00 46.81  ? 79  LYS B O   1 
ATOM   1136 C  CB  . LYS B 1 82 ? 1.495   7.015   1.307   1.00 50.38  ? 79  LYS B CB  1 
ATOM   1137 C  CG  . LYS B 1 82 ? 1.554   6.963   -0.221  1.00 56.41  ? 79  LYS B CG  1 
ATOM   1138 C  CD  . LYS B 1 82 ? 1.566   8.358   -0.854  1.00 65.05  ? 79  LYS B CD  1 
ATOM   1139 C  CE  . LYS B 1 82 ? 0.388   9.209   -0.375  1.00 73.31  ? 79  LYS B CE  1 
ATOM   1140 N  NZ  . LYS B 1 82 ? 0.498   10.657  -0.719  1.00 76.90  ? 79  LYS B NZ  1 
ATOM   1141 N  N   . ASN B 1 83 ? 0.999   5.411   4.200   1.00 46.44  ? 80  ASN B N   1 
ATOM   1142 C  CA  . ASN B 1 83 ? 1.052   5.319   5.669   1.00 49.21  ? 80  ASN B CA  1 
ATOM   1143 C  C   . ASN B 1 83 ? 2.124   4.342   6.125   1.00 48.16  ? 80  ASN B C   1 
ATOM   1144 O  O   . ASN B 1 83 ? 3.073   4.715   6.806   1.00 54.05  ? 80  ASN B O   1 
ATOM   1145 C  CB  . ASN B 1 83 ? -0.288  4.898   6.285   1.00 51.18  ? 80  ASN B CB  1 
ATOM   1146 C  CG  . ASN B 1 83 ? -1.311  6.031   6.326   1.00 50.77  ? 80  ASN B CG  1 
ATOM   1147 O  OD1 . ASN B 1 83 ? -0.997  7.213   6.092   1.00 44.32  ? 80  ASN B OD1 1 
ATOM   1148 N  ND2 . ASN B 1 83 ? -2.568  5.655   6.583   1.00 49.76  ? 80  ASN B ND2 1 
ATOM   1149 N  N   . LEU B 1 84 ? 1.956   3.082   5.734   1.00 44.79  ? 81  LEU B N   1 
ATOM   1150 C  CA  . LEU B 1 84 ? 2.934   2.015   6.043   1.00 41.19  ? 81  LEU B CA  1 
ATOM   1151 C  C   . LEU B 1 84 ? 4.345   2.576   5.968   1.00 42.94  ? 81  LEU B C   1 
ATOM   1152 O  O   . LEU B 1 84 ? 5.178   2.302   6.825   1.00 43.84  ? 81  LEU B O   1 
ATOM   1153 C  CB  . LEU B 1 84 ? 2.761   0.836   5.097   1.00 39.91  ? 81  LEU B CB  1 
ATOM   1154 C  CG  . LEU B 1 84 ? 1.381   0.182   5.232   1.00 38.60  ? 81  LEU B CG  1 
ATOM   1155 C  CD1 . LEU B 1 84 ? 1.209   -0.973  4.270   1.00 37.90  ? 81  LEU B CD1 1 
ATOM   1156 C  CD2 . LEU B 1 84 ? 1.150   -0.292  6.648   1.00 39.35  ? 81  LEU B CD2 1 
ATOM   1157 N  N   . LEU B 1 85 ? 4.536   3.463   4.997   1.00 43.52  ? 82  LEU B N   1 
ATOM   1158 C  CA  . LEU B 1 85 ? 5.830   4.093   4.685   1.00 43.24  ? 82  LEU B CA  1 
ATOM   1159 C  C   . LEU B 1 85 ? 6.070   5.324   5.523   1.00 48.36  ? 82  LEU B C   1 
ATOM   1160 O  O   . LEU B 1 85 ? 7.193   5.626   5.919   1.00 47.40  ? 82  LEU B O   1 
ATOM   1161 C  CB  . LEU B 1 85 ? 5.877   4.531   3.212   1.00 41.27  ? 82  LEU B CB  1 
ATOM   1162 C  CG  . LEU B 1 85 ? 6.998   3.992   2.328   1.00 39.07  ? 82  LEU B CG  1 
ATOM   1163 C  CD1 . LEU B 1 85 ? 7.172   2.491   2.474   1.00 39.53  ? 82  LEU B CD1 1 
ATOM   1164 C  CD2 . LEU B 1 85 ? 6.661   4.351   0.900   1.00 38.30  ? 82  LEU B CD2 1 
ATOM   1165 N  N   . ASN B 1 86 ? 4.992   6.067   5.701   1.00 55.94  ? 83  ASN B N   1 
ATOM   1166 C  CA  . ASN B 1 86 ? 4.963   7.335   6.469   1.00 61.51  ? 83  ASN B CA  1 
ATOM   1167 C  C   . ASN B 1 86 ? 5.891   7.322   7.692   1.00 61.33  ? 83  ASN B C   1 
ATOM   1168 O  O   . ASN B 1 86 ? 6.706   8.228   7.918   1.00 58.79  ? 83  ASN B O   1 
ATOM   1169 C  CB  . ASN B 1 86 ? 3.519   7.630   6.918   1.00 65.55  ? 83  ASN B CB  1 
ATOM   1170 C  CG  . ASN B 1 86 ? 3.452   8.484   8.173   1.00 66.24  ? 83  ASN B CG  1 
ATOM   1171 O  OD1 . ASN B 1 86 ? 3.811   9.663   8.151   1.00 65.66  ? 83  ASN B OD1 1 
ATOM   1172 N  ND2 . ASN B 1 86 ? 3.006   7.887   9.278   1.00 65.55  ? 83  ASN B ND2 1 
ATOM   1173 N  N   . ASP B 1 87 ? 5.747   6.247   8.446   1.00 59.67  ? 84  ASP B N   1 
ATOM   1174 C  CA  . ASP B 1 87 ? 6.481   6.001   9.711   1.00 63.22  ? 84  ASP B CA  1 
ATOM   1175 C  C   . ASP B 1 87 ? 8.026   6.153   9.678   1.00 60.01  ? 84  ASP B C   1 
ATOM   1176 O  O   . ASP B 1 87 ? 8.663   6.432   10.694  1.00 59.85  ? 84  ASP B O   1 
ATOM   1177 C  CB  . ASP B 1 87 ? 6.089   4.610   10.213  1.00 67.47  ? 84  ASP B CB  1 
ATOM   1178 C  CG  . ASP B 1 87 ? 4.644   4.242   9.832   1.00 70.35  ? 84  ASP B CG  1 
ATOM   1179 O  OD1 . ASP B 1 87 ? 3.805   5.177   9.744   1.00 69.16  ? 84  ASP B OD1 1 
ATOM   1180 O  OD2 . ASP B 1 87 ? 4.355   3.033   9.609   1.00 69.12  ? 84  ASP B OD2 1 
ATOM   1181 N  N   . LEU B 1 88 ? 8.603   5.988   8.499   1.00 57.50  ? 85  LEU B N   1 
ATOM   1182 C  CA  . LEU B 1 88 ? 10.064  5.899   8.327   1.00 52.99  ? 85  LEU B CA  1 
ATOM   1183 C  C   . LEU B 1 88 ? 10.659  7.261   7.986   1.00 54.39  ? 85  LEU B C   1 
ATOM   1184 O  O   . LEU B 1 88 ? 11.810  7.543   8.318   1.00 60.16  ? 85  LEU B O   1 
ATOM   1185 C  CB  . LEU B 1 88 ? 10.419  4.870   7.245   1.00 49.43  ? 85  LEU B CB  1 
ATOM   1186 C  CG  . LEU B 1 88 ? 9.553   3.604   7.250   1.00 49.31  ? 85  LEU B CG  1 
ATOM   1187 C  CD1 . LEU B 1 88 ? 9.879   2.703   6.071   1.00 51.97  ? 85  LEU B CD1 1 
ATOM   1188 C  CD2 . LEU B 1 88 ? 9.691   2.836   8.557   1.00 48.40  ? 85  LEU B CD2 1 
HETATM 1189 CD CD  . CD  C 2 .  ? -16.901 -18.793 -2.125  1.00 107.97 ? 101 CD  A CD  1 
HETATM 1190 CD CD  . CD  D 2 .  ? 24.304  1.813   26.559  1.00 78.34  ? 102 CD  A CD  1 
HETATM 1191 CD CD  . CD  E 2 .  ? 12.636  -4.641  -7.663  1.00 112.35 ? 501 CD  B CD  1 
HETATM 1192 O  O   . HOH F 3 .  ? 23.903  6.221   27.915  1.00 74.19  ? 201 HOH A O   1 
HETATM 1193 O  O   . HOH F 3 .  ? -11.175 -24.746 4.039   1.00 55.07  ? 202 HOH A O   1 
HETATM 1194 O  O   . HOH F 3 .  ? 3.979   -8.223  17.620  1.00 30.70  ? 203 HOH A O   1 
HETATM 1195 O  O   . HOH F 3 .  ? 1.964   -3.347  21.003  1.00 18.71  ? 204 HOH A O   1 
HETATM 1196 O  O   . HOH F 3 .  ? -0.169  -16.081 9.830   1.00 39.68  ? 205 HOH A O   1 
HETATM 1197 O  O   . HOH F 3 .  ? 26.398  -4.635  14.445  1.00 23.90  ? 206 HOH A O   1 
HETATM 1198 O  O   . HOH F 3 .  ? 23.934  9.405   13.547  1.00 25.96  ? 207 HOH A O   1 
HETATM 1199 O  O   . HOH F 3 .  ? 14.024  -4.335  18.420  1.00 24.75  ? 208 HOH A O   1 
HETATM 1200 O  O   . HOH F 3 .  ? 23.626  15.142  23.522  1.00 48.15  ? 209 HOH A O   1 
HETATM 1201 O  O   . HOH F 3 .  ? -3.147  -10.597 -8.327  1.00 38.60  ? 210 HOH A O   1 
HETATM 1202 O  O   . HOH F 3 .  ? 17.313  -4.276  21.667  1.00 15.99  ? 211 HOH A O   1 
HETATM 1203 O  O   . HOH F 3 .  ? 11.360  -4.842  0.831   1.00 23.40  ? 212 HOH A O   1 
HETATM 1204 O  O   . HOH F 3 .  ? -15.650 -19.074 -2.787  1.00 145.02 ? 213 HOH A O   1 
HETATM 1205 O  O   . HOH F 3 .  ? 20.231  -4.373  15.301  1.00 28.97  ? 214 HOH A O   1 
HETATM 1206 O  O   . HOH F 3 .  ? 6.411   -9.863  -0.216  1.00 32.16  ? 215 HOH A O   1 
HETATM 1207 O  O   . HOH F 3 .  ? -8.455  -7.630  11.598  1.00 42.37  ? 216 HOH A O   1 
HETATM 1208 O  O   . HOH F 3 .  ? 8.606   -12.321 7.310   1.00 44.53  ? 217 HOH A O   1 
HETATM 1209 O  O   . HOH F 3 .  ? 0.002   -11.156 17.127  1.00 44.57  ? 218 HOH A O   1 
HETATM 1210 O  O   . HOH F 3 .  ? 7.977   5.326   15.862  1.00 32.14  ? 219 HOH A O   1 
HETATM 1211 O  O   . HOH F 3 .  ? 9.670   7.418   14.973  1.00 38.66  ? 220 HOH A O   1 
HETATM 1212 O  O   . HOH F 3 .  ? -10.695 -21.440 10.781  1.00 46.40  ? 221 HOH A O   1 
HETATM 1213 O  O   . HOH F 3 .  ? 39.729  1.771   34.210  1.00 47.90  ? 222 HOH A O   1 
HETATM 1214 O  O   . HOH F 3 .  ? -10.110 -12.108 -9.859  1.00 51.88  ? 223 HOH A O   1 
HETATM 1215 O  O   . HOH F 3 .  ? 16.074  -3.590  16.190  1.00 34.32  ? 224 HOH A O   1 
HETATM 1216 O  O   . HOH F 3 .  ? 2.358   2.074   17.111  1.00 38.77  ? 225 HOH A O   1 
HETATM 1217 O  O   . HOH F 3 .  ? 19.500  5.881   12.839  1.00 42.79  ? 226 HOH A O   1 
HETATM 1218 O  O   . HOH F 3 .  ? 23.036  -3.127  18.011  1.00 49.05  ? 227 HOH A O   1 
HETATM 1219 O  O   . HOH F 3 .  ? 14.863  -2.586  3.067   1.00 25.64  ? 228 HOH A O   1 
HETATM 1220 O  O   . HOH F 3 .  ? 10.836  11.114  18.273  1.00 60.50  ? 229 HOH A O   1 
HETATM 1221 O  O   . HOH F 3 .  ? 10.673  -9.102  8.749   1.00 37.14  ? 230 HOH A O   1 
HETATM 1222 O  O   . HOH F 3 .  ? 6.405   -14.044 -0.117  1.00 44.25  ? 231 HOH A O   1 
HETATM 1223 O  O   . HOH F 3 .  ? 6.268   2.970   22.901  1.00 40.91  ? 232 HOH A O   1 
HETATM 1224 O  O   . HOH F 3 .  ? 20.893  12.189  18.602  1.00 56.88  ? 233 HOH A O   1 
HETATM 1225 O  O   . HOH F 3 .  ? -8.366  -12.492 8.668   1.00 41.10  ? 234 HOH A O   1 
HETATM 1226 O  O   . HOH F 3 .  ? 7.751   -13.371 1.667   1.00 17.29  ? 235 HOH A O   1 
HETATM 1227 O  O   . HOH F 3 .  ? -3.714  -13.992 12.704  1.00 55.88  ? 236 HOH A O   1 
HETATM 1228 O  O   . HOH F 3 .  ? 14.617  -7.018  1.277   1.00 57.66  ? 237 HOH A O   1 
HETATM 1229 O  O   . HOH F 3 .  ? 9.041   -9.126  1.743   1.00 45.93  ? 238 HOH A O   1 
HETATM 1230 O  O   . HOH F 3 .  ? -9.943  -9.446  0.316   1.00 52.37  ? 239 HOH A O   1 
HETATM 1231 O  O   . HOH F 3 .  ? 17.155  -5.725  13.183  1.00 51.35  ? 240 HOH A O   1 
HETATM 1232 O  O   . HOH F 3 .  ? 10.572  9.672   20.861  1.00 50.57  ? 241 HOH A O   1 
HETATM 1233 O  O   . HOH F 3 .  ? -3.588  -5.570  13.400  1.00 45.73  ? 242 HOH A O   1 
HETATM 1234 O  O   . HOH F 3 .  ? -2.730  -19.315 0.928   1.00 38.37  ? 243 HOH A O   1 
HETATM 1235 O  O   . HOH F 3 .  ? 16.435  -5.860  7.809   1.00 44.00  ? 244 HOH A O   1 
HETATM 1236 O  O   . HOH F 3 .  ? 3.973   4.535   18.240  1.00 56.28  ? 245 HOH A O   1 
HETATM 1237 O  O   . HOH F 3 .  ? -11.697 -14.605 -4.631  1.00 40.10  ? 246 HOH A O   1 
HETATM 1238 O  O   . HOH F 3 .  ? 26.113  12.161  21.546  1.00 46.84  ? 247 HOH A O   1 
HETATM 1239 O  O   . HOH F 3 .  ? 3.227   5.027   22.369  1.00 50.98  ? 248 HOH A O   1 
HETATM 1240 O  O   . HOH F 3 .  ? 30.041  0.959   34.756  1.00 52.48  ? 249 HOH A O   1 
HETATM 1241 O  O   . HOH F 3 .  ? 31.810  -1.356  25.599  1.00 58.00  ? 250 HOH A O   1 
HETATM 1242 O  O   . HOH F 3 .  ? -10.827 -17.518 12.756  1.00 47.86  ? 251 HOH A O   1 
HETATM 1243 O  O   . HOH F 3 .  ? 12.068  11.510  21.262  1.00 54.65  ? 252 HOH A O   1 
HETATM 1244 O  O   . HOH F 3 .  ? -1.150  -0.348  18.102  1.00 34.76  ? 253 HOH A O   1 
HETATM 1245 O  O   . HOH F 3 .  ? -2.792  -2.560  5.234   1.00 40.09  ? 254 HOH A O   1 
HETATM 1246 O  O   . HOH F 3 .  ? 8.392   -10.635 4.583   1.00 38.29  ? 255 HOH A O   1 
HETATM 1247 O  O   . HOH F 3 .  ? -8.968  -2.630  -5.907  1.00 51.91  ? 256 HOH A O   1 
HETATM 1248 O  O   . HOH F 3 .  ? 0.023   -1.018  9.756   1.00 40.47  ? 257 HOH A O   1 
HETATM 1249 O  O   . HOH F 3 .  ? 12.767  -10.193 5.942   1.00 49.69  ? 258 HOH A O   1 
HETATM 1250 O  O   . HOH F 3 .  ? 9.278   9.563   28.479  1.00 52.81  ? 259 HOH A O   1 
HETATM 1251 O  O   . HOH F 3 .  ? -6.185  -4.516  14.521  1.00 56.89  ? 260 HOH A O   1 
HETATM 1252 O  O   . HOH F 3 .  ? 0.591   -14.413 -2.977  1.00 53.38  ? 261 HOH A O   1 
HETATM 1253 O  O   . HOH F 3 .  ? 12.012  13.649  24.490  1.00 47.48  ? 262 HOH A O   1 
HETATM 1254 O  O   . HOH F 3 .  ? -8.613  -26.408 -2.012  1.00 41.47  ? 263 HOH A O   1 
HETATM 1255 O  O   . HOH F 3 .  ? -9.133  -1.642  8.140   1.00 56.63  ? 264 HOH A O   1 
HETATM 1256 O  O   . HOH F 3 .  ? 1.530   6.232   18.043  1.00 63.09  ? 265 HOH A O   1 
HETATM 1257 O  O   . HOH F 3 .  ? 5.761   9.970   16.646  1.00 45.35  ? 266 HOH A O   1 
HETATM 1258 O  O   . HOH F 3 .  ? 25.891  14.574  21.528  1.00 47.40  ? 267 HOH A O   1 
HETATM 1259 O  O   . HOH F 3 .  ? 28.554  12.081  29.026  1.00 61.60  ? 268 HOH A O   1 
HETATM 1260 O  O   . HOH F 3 .  ? 26.462  13.577  26.486  1.00 36.90  ? 269 HOH A O   1 
HETATM 1261 O  O   . HOH F 3 .  ? -3.290  1.022   10.548  1.00 46.10  ? 270 HOH A O   1 
HETATM 1262 O  O   . HOH F 3 .  ? -11.260 -26.378 -3.595  1.00 53.69  ? 271 HOH A O   1 
HETATM 1263 O  O   . HOH F 3 .  ? 20.401  19.047  21.841  1.00 40.64  ? 272 HOH A O   1 
HETATM 1264 O  O   . HOH F 3 .  ? 20.598  18.358  26.795  1.00 49.42  ? 273 HOH A O   1 
HETATM 1265 O  O   . HOH F 3 .  ? -0.139  3.451   19.931  1.00 50.47  ? 274 HOH A O   1 
HETATM 1266 O  O   . HOH F 3 .  ? 11.090  13.933  10.155  1.00 43.63  ? 275 HOH A O   1 
HETATM 1267 O  O   . HOH F 3 .  ? -8.206  -11.518 19.038  1.00 54.52  ? 276 HOH A O   1 
HETATM 1268 O  O   . HOH F 3 .  ? 15.268  15.899  25.105  1.00 60.86  ? 277 HOH A O   1 
HETATM 1269 O  O   . HOH F 3 .  ? 0.573   7.550   26.987  1.00 57.93  ? 278 HOH A O   1 
HETATM 1270 O  O   . HOH F 3 .  ? 37.429  -2.787  38.168  1.00 42.31  ? 279 HOH A O   1 
HETATM 1271 O  O   . HOH F 3 .  ? -1.303  -16.906 -15.376 1.00 63.43  ? 280 HOH A O   1 
HETATM 1272 O  O   . HOH F 3 .  ? 26.523  16.542  28.728  1.00 50.63  ? 281 HOH A O   1 
HETATM 1273 O  O   . HOH F 3 .  ? 30.237  -8.748  18.225  0.33 49.89  ? 282 HOH A O   1 
HETATM 1274 O  O   . HOH F 3 .  ? 15.185  17.352  20.596  1.00 58.45  ? 283 HOH A O   1 
HETATM 1275 O  O   . HOH F 3 .  ? -11.596 -23.995 -13.902 1.00 47.63  ? 284 HOH A O   1 
HETATM 1276 O  O   . HOH F 3 .  ? 18.077  16.258  11.969  0.50 55.78  ? 285 HOH A O   1 
HETATM 1277 O  O   . HOH G 3 .  ? -27.642 0.490   -29.052 1.00 38.53  ? 601 HOH B O   1 
HETATM 1278 O  O   . HOH G 3 .  ? -9.088  7.910   3.203   1.00 33.22  ? 602 HOH B O   1 
HETATM 1279 O  O   . HOH G 3 .  ? -12.101 3.303   3.267   1.00 40.85  ? 603 HOH B O   1 
HETATM 1280 O  O   . HOH G 3 .  ? 5.348   -9.719  -7.542  1.00 46.74  ? 604 HOH B O   1 
HETATM 1281 O  O   . HOH G 3 .  ? -3.533  -0.199  -15.960 1.00 36.27  ? 605 HOH B O   1 
HETATM 1282 O  O   . HOH G 3 .  ? -6.781  -2.328  -8.573  1.00 48.82  ? 606 HOH B O   1 
HETATM 1283 O  O   . HOH G 3 .  ? -9.809  -1.043  -14.788 1.00 30.28  ? 607 HOH B O   1 
HETATM 1284 O  O   . HOH G 3 .  ? -32.275 2.499   -19.847 1.00 61.55  ? 608 HOH B O   1 
HETATM 1285 O  O   . HOH G 3 .  ? -32.546 -2.807  -25.721 1.00 56.12  ? 609 HOH B O   1 
HETATM 1286 O  O   . HOH G 3 .  ? -33.683 7.891   -28.730 1.00 49.56  ? 610 HOH B O   1 
HETATM 1287 O  O   . HOH G 3 .  ? -6.647  8.831   -24.707 1.00 56.94  ? 611 HOH B O   1 
HETATM 1288 O  O   . HOH G 3 .  ? 0.734   6.157   10.025  1.00 39.43  ? 612 HOH B O   1 
HETATM 1289 O  O   . HOH G 3 .  ? -7.218  -1.007  -12.455 1.00 24.31  ? 613 HOH B O   1 
HETATM 1290 O  O   . HOH G 3 .  ? -7.599  0.381   -17.264 1.00 51.44  ? 614 HOH B O   1 
HETATM 1291 O  O   . HOH G 3 .  ? -6.445  -3.798  0.106   1.00 41.50  ? 615 HOH B O   1 
HETATM 1292 O  O   . HOH G 3 .  ? -16.088 16.018  -26.939 1.00 54.30  ? 616 HOH B O   1 
HETATM 1293 O  O   . HOH G 3 .  ? -5.353  -2.183  -7.054  1.00 35.67  ? 617 HOH B O   1 
HETATM 1294 O  O   . HOH G 3 .  ? -12.717 -0.006  -21.629 1.00 40.07  ? 618 HOH B O   1 
HETATM 1295 O  O   . HOH G 3 .  ? -2.515  9.510   -1.205  1.00 69.88  ? 619 HOH B O   1 
HETATM 1296 O  O   . HOH G 3 .  ? -0.008  9.331   3.807   1.00 54.09  ? 620 HOH B O   1 
HETATM 1297 O  O   . HOH G 3 .  ? 14.245  6.914   6.198   1.00 53.63  ? 621 HOH B O   1 
HETATM 1298 O  O   . HOH G 3 .  ? 0.981   11.337  8.321   1.00 38.46  ? 622 HOH B O   1 
HETATM 1299 O  O   . HOH G 3 .  ? -10.760 2.071   -24.632 1.00 43.37  ? 623 HOH B O   1 
HETATM 1300 O  O   . HOH G 3 .  ? -1.750  1.796   6.983   1.00 43.43  ? 624 HOH B O   1 
HETATM 1301 O  O   . HOH G 3 .  ? -3.516  -0.078  -19.668 1.00 54.49  ? 625 HOH B O   1 
HETATM 1302 O  O   . HOH G 3 .  ? 3.262   5.965   -11.989 1.00 57.60  ? 626 HOH B O   1 
HETATM 1303 O  O   . HOH G 3 .  ? -19.368 13.773  -14.415 1.00 57.18  ? 627 HOH B O   1 
HETATM 1304 O  O   . HOH G 3 .  ? -8.093  7.958   -30.683 1.00 54.88  ? 628 HOH B O   1 
HETATM 1305 O  O   . HOH G 3 .  ? -20.797 16.505  -28.669 1.00 56.13  ? 629 HOH B O   1 
HETATM 1306 O  O   . HOH G 3 .  ? -21.233 11.340  -16.216 1.00 42.98  ? 630 HOH B O   1 
HETATM 1307 O  O   . HOH G 3 .  ? 3.503   -6.263  -11.591 1.00 41.71  ? 631 HOH B O   1 
HETATM 1308 O  O   . HOH G 3 .  ? -6.847  4.559   5.380   1.00 44.96  ? 632 HOH B O   1 
HETATM 1309 O  O   . HOH G 3 .  ? -9.085  4.715   -28.301 1.00 61.00  ? 633 HOH B O   1 
HETATM 1310 O  O   . HOH G 3 .  ? -26.459 5.187   -33.929 1.00 45.80  ? 634 HOH B O   1 
HETATM 1311 O  O   . HOH G 3 .  ? 3.553   12.049  -2.119  1.00 47.68  ? 635 HOH B O   1 
HETATM 1312 O  O   . HOH G 3 .  ? 11.548  10.897  9.762   1.00 43.38  ? 636 HOH B O   1 
HETATM 1313 O  O   . HOH G 3 .  ? -4.940  2.633   7.177   1.00 43.29  ? 637 HOH B O   1 
HETATM 1314 O  O   . HOH G 3 .  ? -22.669 -1.669  -12.042 1.00 46.45  ? 638 HOH B O   1 
HETATM 1315 O  O   . HOH G 3 .  ? -0.557  -2.869  -7.554  1.00 42.27  ? 639 HOH B O   1 
HETATM 1316 O  O   . HOH G 3 .  ? -6.069  12.234  -3.486  1.00 46.76  ? 640 HOH B O   1 
HETATM 1317 O  O   . HOH G 3 .  ? -25.681 13.670  -25.720 1.00 59.87  ? 641 HOH B O   1 
HETATM 1318 O  O   . HOH G 3 .  ? 5.945   5.726   13.509  1.00 47.71  ? 642 HOH B O   1 
HETATM 1319 O  O   . HOH G 3 .  ? -3.526  3.958   -21.692 1.00 42.70  ? 643 HOH B O   1 
HETATM 1320 O  O   . HOH G 3 .  ? -7.490  12.605  -16.868 1.00 50.18  ? 644 HOH B O   1 
HETATM 1321 O  O   . HOH G 3 .  ? -22.594 -0.222  -9.127  1.00 44.20  ? 645 HOH B O   1 
HETATM 1322 O  O   . HOH G 3 .  ? -28.986 4.440   -16.034 0.50 49.25  ? 646 HOH B O   1 
HETATM 1323 O  O   . HOH G 3 .  ? -32.073 6.712   -21.442 1.00 40.88  ? 647 HOH B O   1 
HETATM 1324 O  O   . HOH G 3 .  ? -0.281  0.795   -20.721 1.00 63.68  ? 648 HOH B O   1 
HETATM 1325 O  O   . HOH G 3 .  ? -24.649 8.106   -13.946 1.00 52.20  ? 649 HOH B O   1 
HETATM 1326 O  O   . HOH G 3 .  ? -13.896 16.088  -21.166 1.00 59.31  ? 650 HOH B O   1 
HETATM 1327 O  O   . HOH G 3 .  ? -6.170  6.637   -27.895 1.00 57.55  ? 651 HOH B O   1 
HETATM 1328 O  O   . HOH G 3 .  ? -33.684 2.894   -22.670 1.00 49.79  ? 652 HOH B O   1 
HETATM 1329 O  O   . HOH G 3 .  ? -5.293  4.313   -25.249 1.00 45.05  ? 653 HOH B O   1 
HETATM 1330 O  O   . HOH G 3 .  ? 1.444   8.835   -12.797 1.00 51.29  ? 654 HOH B O   1 
HETATM 1331 O  O   . HOH G 3 .  ? -2.652  14.331  -16.289 1.00 50.15  ? 655 HOH B O   1 
HETATM 1332 O  O   . HOH G 3 .  ? -14.027 8.080   2.176   1.00 49.37  ? 656 HOH B O   1 
HETATM 1333 O  O   . HOH G 3 .  ? 9.552   -10.892 -10.545 1.00 55.81  ? 657 HOH B O   1 
HETATM 1334 O  O   . HOH G 3 .  ? -23.938 17.754  -23.544 1.00 47.25  ? 658 HOH B O   1 
HETATM 1335 O  O   . HOH G 3 .  ? -32.279 0.597   -30.793 1.00 48.94  ? 659 HOH B O   1 
HETATM 1336 O  O   . HOH G 3 .  ? 13.935  -8.947  -7.651  1.00 44.47  ? 660 HOH B O   1 
HETATM 1337 O  O   . HOH G 3 .  ? -34.939 -0.404  -28.554 1.00 38.84  ? 661 HOH B O   1 
HETATM 1338 O  O   . HOH G 3 .  ? 0.311   9.964   -10.298 1.00 51.36  ? 662 HOH B O   1 
HETATM 1339 O  O   . HOH G 3 .  ? 4.939   7.518   -10.368 1.00 52.00  ? 663 HOH B O   1 
HETATM 1340 O  O   . HOH G 3 .  ? -14.322 -2.858  -1.590  1.00 40.07  ? 664 HOH B O   1 
HETATM 1341 O  O   . HOH G 3 .  ? 2.362   9.355   -15.657 1.00 60.50  ? 665 HOH B O   1 
HETATM 1342 O  O   . HOH G 3 .  ? 8.622   9.145   -0.354  1.00 55.50  ? 666 HOH B O   1 
HETATM 1343 O  O   . HOH G 3 .  ? -10.689 10.449  -12.936 1.00 44.28  ? 667 HOH B O   1 
HETATM 1344 O  O   . HOH G 3 .  ? -10.855 -2.522  1.692   1.00 46.40  ? 668 HOH B O   1 
HETATM 1345 O  O   . HOH G 3 .  ? -22.321 13.078  -19.416 1.00 52.11  ? 669 HOH B O   1 
HETATM 1346 O  O   . HOH G 3 .  ? -17.201 4.522   -1.825  1.00 47.89  ? 670 HOH B O   1 
HETATM 1347 O  O   . HOH G 3 .  ? -12.042 13.842  -32.576 1.00 38.45  ? 671 HOH B O   1 
HETATM 1348 O  O   . HOH G 3 .  ? -3.296  10.947  -11.256 1.00 63.68  ? 672 HOH B O   1 
HETATM 1349 O  O   . HOH G 3 .  ? -2.465  9.500   -7.935  1.00 41.54  ? 673 HOH B O   1 
HETATM 1350 O  O   . HOH G 3 .  ? -11.495 -3.640  -1.666  1.00 59.61  ? 674 HOH B O   1 
HETATM 1351 O  O   . HOH G 3 .  ? -28.642 15.790  -24.591 1.00 50.75  ? 675 HOH B O   1 
HETATM 1352 O  O   . HOH G 3 .  ? 1.965   13.869  3.835   1.00 55.52  ? 676 HOH B O   1 
HETATM 1353 O  O   . HOH G 3 .  ? -14.848 1.522   -23.884 0.50 47.56  ? 677 HOH B O   1 
HETATM 1354 O  O   . HOH G 3 .  ? 13.185  13.405  7.965   1.00 48.37  ? 678 HOH B O   1 
HETATM 1355 O  O   . HOH G 3 .  ? 15.181  -10.814 -8.121  0.33 35.75  ? 679 HOH B O   1 
HETATM 1356 O  O   . HOH G 3 .  ? -3.752  17.295  -19.632 1.00 52.29  ? 680 HOH B O   1 
HETATM 1357 O  O   . HOH G 3 .  ? 3.951   16.278  -5.330  1.00 58.51  ? 681 HOH B O   1 
HETATM 1358 O  O   . HOH G 3 .  ? 12.296  -11.210 -13.170 0.33 63.04  ? 682 HOH B O   1 
HETATM 1359 O  O   . HOH G 3 .  ? -5.173  15.205  -12.354 1.00 48.12  ? 683 HOH B O   1 
HETATM 1360 O  O   . HOH G 3 .  ? 1.429   14.188  -26.081 1.00 50.16  ? 684 HOH B O   1 
HETATM 1361 O  O   . HOH G 3 .  ? -2.757  19.478  -16.588 1.00 46.73  ? 685 HOH B O   1 
HETATM 1362 O  O   . HOH G 3 .  ? -39.079 -4.918  -29.625 0.33 63.57  ? 686 HOH B O   1 
# 
